data_2W7V
# 
_entry.id   2W7V 
# 
_audit_conform.dict_name       mmcif_pdbx.dic 
_audit_conform.dict_version    5.397 
_audit_conform.dict_location   http://mmcif.pdb.org/dictionaries/ascii/mmcif_pdbx.dic 
# 
loop_
_database_2.database_id 
_database_2.database_code 
_database_2.pdbx_database_accession 
_database_2.pdbx_DOI 
PDB   2W7V         pdb_00002w7v 10.2210/pdb2w7v/pdb 
PDBE  EBI-31121    ?            ?                   
WWPDB D_1290031121 ?            ?                   
# 
loop_
_pdbx_audit_revision_history.ordinal 
_pdbx_audit_revision_history.data_content_type 
_pdbx_audit_revision_history.major_revision 
_pdbx_audit_revision_history.minor_revision 
_pdbx_audit_revision_history.revision_date 
1 'Structure model' 1 0 2010-03-31 
2 'Structure model' 1 1 2011-07-13 
3 'Structure model' 1 2 2017-06-28 
4 'Structure model' 1 3 2024-10-16 
# 
_pdbx_audit_revision_details.ordinal             1 
_pdbx_audit_revision_details.revision_ordinal    1 
_pdbx_audit_revision_details.data_content_type   'Structure model' 
_pdbx_audit_revision_details.provider            repository 
_pdbx_audit_revision_details.type                'Initial release' 
_pdbx_audit_revision_details.description         ? 
_pdbx_audit_revision_details.details             ? 
# 
loop_
_pdbx_audit_revision_group.ordinal 
_pdbx_audit_revision_group.revision_ordinal 
_pdbx_audit_revision_group.data_content_type 
_pdbx_audit_revision_group.group 
1 2 'Structure model' Advisory                    
2 2 'Structure model' 'Version format compliance' 
3 3 'Structure model' 'Refinement description'    
4 4 'Structure model' 'Data collection'           
5 4 'Structure model' 'Database references'       
6 4 'Structure model' 'Derived calculations'      
7 4 'Structure model' Other                       
8 4 'Structure model' 'Refinement description'    
9 4 'Structure model' 'Structure summary'         
# 
loop_
_pdbx_audit_revision_category.ordinal 
_pdbx_audit_revision_category.revision_ordinal 
_pdbx_audit_revision_category.data_content_type 
_pdbx_audit_revision_category.category 
1  3 'Structure model' software                  
2  4 'Structure model' chem_comp_atom            
3  4 'Structure model' chem_comp_bond            
4  4 'Structure model' database_2                
5  4 'Structure model' pdbx_database_status      
6  4 'Structure model' pdbx_entry_details        
7  4 'Structure model' pdbx_modification_feature 
8  4 'Structure model' struct_conn               
9  4 'Structure model' struct_ncs_dom_lim        
10 4 'Structure model' struct_site               
# 
loop_
_pdbx_audit_revision_item.ordinal 
_pdbx_audit_revision_item.revision_ordinal 
_pdbx_audit_revision_item.data_content_type 
_pdbx_audit_revision_item.item 
1  3 'Structure model' '_software.name'                               
2  4 'Structure model' '_database_2.pdbx_DOI'                         
3  4 'Structure model' '_database_2.pdbx_database_accession'          
4  4 'Structure model' '_pdbx_database_status.status_code_sf'         
5  4 'Structure model' '_pdbx_entry_details.has_protein_modification' 
6  4 'Structure model' '_struct_conn.pdbx_leaving_atom_flag'          
7  4 'Structure model' '_struct_ncs_dom_lim.beg_auth_comp_id'         
8  4 'Structure model' '_struct_ncs_dom_lim.beg_label_asym_id'        
9  4 'Structure model' '_struct_ncs_dom_lim.beg_label_comp_id'        
10 4 'Structure model' '_struct_ncs_dom_lim.beg_label_seq_id'         
11 4 'Structure model' '_struct_ncs_dom_lim.end_auth_comp_id'         
12 4 'Structure model' '_struct_ncs_dom_lim.end_label_asym_id'        
13 4 'Structure model' '_struct_ncs_dom_lim.end_label_comp_id'        
14 4 'Structure model' '_struct_ncs_dom_lim.end_label_seq_id'         
15 4 'Structure model' '_struct_site.pdbx_auth_asym_id'               
16 4 'Structure model' '_struct_site.pdbx_auth_comp_id'               
17 4 'Structure model' '_struct_site.pdbx_auth_seq_id'                
# 
_pdbx_database_status.status_code                     REL 
_pdbx_database_status.entry_id                        2W7V 
_pdbx_database_status.deposit_site                    PDBE 
_pdbx_database_status.process_site                    PDBE 
_pdbx_database_status.SG_entry                        . 
_pdbx_database_status.recvd_initial_deposition_date   2009-01-06 
_pdbx_database_status.pdb_format_compatible           Y 
_pdbx_database_status.status_code_sf                  REL 
_pdbx_database_status.status_code_mr                  ? 
_pdbx_database_status.status_code_cs                  ? 
_pdbx_database_status.methods_development_category    ? 
_pdbx_database_status.status_code_nmr_data            ? 
# 
loop_
_audit_author.name 
_audit_author.pdbx_ordinal 
'Abendroth, J.' 1 
'Kreger, A.C.'  2 
'Abendroth, H.' 3 
'Sandkvist, M.' 4 
'Hol, W.G.J.'   5 
# 
_citation.id                        primary 
_citation.title                     
'The Dimer Formed by the Periplasmic Domain of Epsl from the Type 2 Secretion System of Vibrio Parahaemolyticus.' 
_citation.journal_abbrev            J.Struct.Biol. 
_citation.journal_volume            168 
_citation.page_first                313 
_citation.page_last                 ? 
_citation.year                      2009 
_citation.journal_id_ASTM           JSBIEM 
_citation.country                   US 
_citation.journal_id_ISSN           1047-8477 
_citation.journal_id_CSD            0803 
_citation.book_publisher            ? 
_citation.pdbx_database_id_PubMed   19646531 
_citation.pdbx_database_id_DOI      10.1016/J.JSB.2009.07.022 
# 
loop_
_citation_author.citation_id 
_citation_author.name 
_citation_author.ordinal 
_citation_author.identifier_ORCID 
primary 'Abendroth, J.' 1 ? 
primary 'Kreger, A.C.'  2 ? 
primary 'Hol, W.G.J.'   3 ? 
# 
loop_
_entity.id 
_entity.type 
_entity.src_method 
_entity.pdbx_description 
_entity.formula_weight 
_entity.pdbx_number_of_molecules 
_entity.pdbx_ec 
_entity.pdbx_mutation 
_entity.pdbx_fragment 
_entity.details 
1 polymer     man 'GENERAL SECRETION PATHWAY PROTEIN L' 10911.814 2  ? ? 'PERIPLASMIC DOMAIN, RESIDUES 319-404' ? 
2 non-polymer syn 1,2-ETHANEDIOL                        62.068    2  ? ? ?                                      ? 
3 non-polymer syn 'PHOSPHATE ION'                       94.971    2  ? ? ?                                      ? 
4 water       nat water                                 18.015    50 ? ? ?                                      ? 
# 
_entity_poly.entity_id                      1 
_entity_poly.type                           'polypeptide(L)' 
_entity_poly.nstd_linkage                   no 
_entity_poly.nstd_monomer                   yes 
_entity_poly.pdbx_seq_one_letter_code       
;(MSE)SGGSTDVA(MSE)LSWLAALPATLGQVKDLEITSFKYDGQRGEVRIHARSSDFQPFEQARVKLAEKFNVEQGQLN
RSDNVV(MSE)GSFVLKRQLEHHHHHH
;
_entity_poly.pdbx_seq_one_letter_code_can   
;MSGGSTDVAMLSWLAALPATLGQVKDLEITSFKYDGQRGEVRIHARSSDFQPFEQARVKLAEKFNVEQGQLNRSDNVVMG
SFVLKRQLEHHHHHH
;
_entity_poly.pdbx_strand_id                 A,B 
_entity_poly.pdbx_target_identifier         ? 
# 
loop_
_pdbx_entity_nonpoly.entity_id 
_pdbx_entity_nonpoly.name 
_pdbx_entity_nonpoly.comp_id 
2 1,2-ETHANEDIOL  EDO 
3 'PHOSPHATE ION' PO4 
4 water           HOH 
# 
loop_
_entity_poly_seq.entity_id 
_entity_poly_seq.num 
_entity_poly_seq.mon_id 
_entity_poly_seq.hetero 
1 1  MSE n 
1 2  SER n 
1 3  GLY n 
1 4  GLY n 
1 5  SER n 
1 6  THR n 
1 7  ASP n 
1 8  VAL n 
1 9  ALA n 
1 10 MSE n 
1 11 LEU n 
1 12 SER n 
1 13 TRP n 
1 14 LEU n 
1 15 ALA n 
1 16 ALA n 
1 17 LEU n 
1 18 PRO n 
1 19 ALA n 
1 20 THR n 
1 21 LEU n 
1 22 GLY n 
1 23 GLN n 
1 24 VAL n 
1 25 LYS n 
1 26 ASP n 
1 27 LEU n 
1 28 GLU n 
1 29 ILE n 
1 30 THR n 
1 31 SER n 
1 32 PHE n 
1 33 LYS n 
1 34 TYR n 
1 35 ASP n 
1 36 GLY n 
1 37 GLN n 
1 38 ARG n 
1 39 GLY n 
1 40 GLU n 
1 41 VAL n 
1 42 ARG n 
1 43 ILE n 
1 44 HIS n 
1 45 ALA n 
1 46 ARG n 
1 47 SER n 
1 48 SER n 
1 49 ASP n 
1 50 PHE n 
1 51 GLN n 
1 52 PRO n 
1 53 PHE n 
1 54 GLU n 
1 55 GLN n 
1 56 ALA n 
1 57 ARG n 
1 58 VAL n 
1 59 LYS n 
1 60 LEU n 
1 61 ALA n 
1 62 GLU n 
1 63 LYS n 
1 64 PHE n 
1 65 ASN n 
1 66 VAL n 
1 67 GLU n 
1 68 GLN n 
1 69 GLY n 
1 70 GLN n 
1 71 LEU n 
1 72 ASN n 
1 73 ARG n 
1 74 SER n 
1 75 ASP n 
1 76 ASN n 
1 77 VAL n 
1 78 VAL n 
1 79 MSE n 
1 80 GLY n 
1 81 SER n 
1 82 PHE n 
1 83 VAL n 
1 84 LEU n 
1 85 LYS n 
1 86 ARG n 
1 87 GLN n 
1 88 LEU n 
1 89 GLU n 
1 90 HIS n 
1 91 HIS n 
1 92 HIS n 
1 93 HIS n 
1 94 HIS n 
1 95 HIS n 
# 
_entity_src_gen.entity_id                          1 
_entity_src_gen.pdbx_src_id                        1 
_entity_src_gen.pdbx_alt_source_flag               sample 
_entity_src_gen.pdbx_seq_type                      ? 
_entity_src_gen.pdbx_beg_seq_num                   ? 
_entity_src_gen.pdbx_end_seq_num                   ? 
_entity_src_gen.gene_src_common_name               ? 
_entity_src_gen.gene_src_genus                     ? 
_entity_src_gen.pdbx_gene_src_gene                 ? 
_entity_src_gen.gene_src_species                   ? 
_entity_src_gen.gene_src_strain                    ? 
_entity_src_gen.gene_src_tissue                    ? 
_entity_src_gen.gene_src_tissue_fraction           ? 
_entity_src_gen.gene_src_details                   ? 
_entity_src_gen.pdbx_gene_src_fragment             ? 
_entity_src_gen.pdbx_gene_src_scientific_name      'VIBRIO PARAHAEMOLYTICUS' 
_entity_src_gen.pdbx_gene_src_ncbi_taxonomy_id     670 
_entity_src_gen.pdbx_gene_src_variant              ? 
_entity_src_gen.pdbx_gene_src_cell_line            ? 
_entity_src_gen.pdbx_gene_src_atcc                 ? 
_entity_src_gen.pdbx_gene_src_organ                ? 
_entity_src_gen.pdbx_gene_src_organelle            ? 
_entity_src_gen.pdbx_gene_src_cell                 ? 
_entity_src_gen.pdbx_gene_src_cellular_location    ? 
_entity_src_gen.host_org_common_name               ? 
_entity_src_gen.pdbx_host_org_scientific_name      'ESCHERICHIA COLI' 
_entity_src_gen.pdbx_host_org_ncbi_taxonomy_id     469008 
_entity_src_gen.host_org_genus                     ? 
_entity_src_gen.pdbx_host_org_gene                 ? 
_entity_src_gen.pdbx_host_org_organ                ? 
_entity_src_gen.host_org_species                   ? 
_entity_src_gen.pdbx_host_org_tissue               ? 
_entity_src_gen.pdbx_host_org_tissue_fraction      ? 
_entity_src_gen.pdbx_host_org_strain               'BL21GOLD(DE3)' 
_entity_src_gen.pdbx_host_org_variant              ? 
_entity_src_gen.pdbx_host_org_cell_line            ? 
_entity_src_gen.pdbx_host_org_atcc                 ? 
_entity_src_gen.pdbx_host_org_culture_collection   ? 
_entity_src_gen.pdbx_host_org_cell                 ? 
_entity_src_gen.pdbx_host_org_organelle            ? 
_entity_src_gen.pdbx_host_org_cellular_location    ? 
_entity_src_gen.pdbx_host_org_vector_type          ? 
_entity_src_gen.pdbx_host_org_vector               PET21A 
_entity_src_gen.host_org_details                   ? 
_entity_src_gen.expression_system_id               ? 
_entity_src_gen.plasmid_name                       PJA-080 
_entity_src_gen.plasmid_details                    ? 
_entity_src_gen.pdbx_description                   ? 
# 
loop_
_chem_comp.id 
_chem_comp.type 
_chem_comp.mon_nstd_flag 
_chem_comp.name 
_chem_comp.pdbx_synonyms 
_chem_comp.formula 
_chem_comp.formula_weight 
ALA 'L-peptide linking' y ALANINE          ?                 'C3 H7 N O2'     89.093  
ARG 'L-peptide linking' y ARGININE         ?                 'C6 H15 N4 O2 1' 175.209 
ASN 'L-peptide linking' y ASPARAGINE       ?                 'C4 H8 N2 O3'    132.118 
ASP 'L-peptide linking' y 'ASPARTIC ACID'  ?                 'C4 H7 N O4'     133.103 
EDO non-polymer         . 1,2-ETHANEDIOL   'ETHYLENE GLYCOL' 'C2 H6 O2'       62.068  
GLN 'L-peptide linking' y GLUTAMINE        ?                 'C5 H10 N2 O3'   146.144 
GLU 'L-peptide linking' y 'GLUTAMIC ACID'  ?                 'C5 H9 N O4'     147.129 
GLY 'peptide linking'   y GLYCINE          ?                 'C2 H5 N O2'     75.067  
HIS 'L-peptide linking' y HISTIDINE        ?                 'C6 H10 N3 O2 1' 156.162 
HOH non-polymer         . WATER            ?                 'H2 O'           18.015  
ILE 'L-peptide linking' y ISOLEUCINE       ?                 'C6 H13 N O2'    131.173 
LEU 'L-peptide linking' y LEUCINE          ?                 'C6 H13 N O2'    131.173 
LYS 'L-peptide linking' y LYSINE           ?                 'C6 H15 N2 O2 1' 147.195 
MSE 'L-peptide linking' n SELENOMETHIONINE ?                 'C5 H11 N O2 Se' 196.106 
PHE 'L-peptide linking' y PHENYLALANINE    ?                 'C9 H11 N O2'    165.189 
PO4 non-polymer         . 'PHOSPHATE ION'  ?                 'O4 P -3'        94.971  
PRO 'L-peptide linking' y PROLINE          ?                 'C5 H9 N O2'     115.130 
SER 'L-peptide linking' y SERINE           ?                 'C3 H7 N O3'     105.093 
THR 'L-peptide linking' y THREONINE        ?                 'C4 H9 N O3'     119.119 
TRP 'L-peptide linking' y TRYPTOPHAN       ?                 'C11 H12 N2 O2'  204.225 
TYR 'L-peptide linking' y TYROSINE         ?                 'C9 H11 N O3'    181.189 
VAL 'L-peptide linking' y VALINE           ?                 'C5 H11 N O2'    117.146 
# 
loop_
_pdbx_poly_seq_scheme.asym_id 
_pdbx_poly_seq_scheme.entity_id 
_pdbx_poly_seq_scheme.seq_id 
_pdbx_poly_seq_scheme.mon_id 
_pdbx_poly_seq_scheme.ndb_seq_num 
_pdbx_poly_seq_scheme.pdb_seq_num 
_pdbx_poly_seq_scheme.auth_seq_num 
_pdbx_poly_seq_scheme.pdb_mon_id 
_pdbx_poly_seq_scheme.auth_mon_id 
_pdbx_poly_seq_scheme.pdb_strand_id 
_pdbx_poly_seq_scheme.pdb_ins_code 
_pdbx_poly_seq_scheme.hetero 
A 1 1  MSE 1  318 ?   ?   ?   A . n 
A 1 2  SER 2  319 ?   ?   ?   A . n 
A 1 3  GLY 3  320 ?   ?   ?   A . n 
A 1 4  GLY 4  321 ?   ?   ?   A . n 
A 1 5  SER 5  322 322 SER SER A . n 
A 1 6  THR 6  323 323 THR THR A . n 
A 1 7  ASP 7  324 324 ASP ASP A . n 
A 1 8  VAL 8  325 325 VAL VAL A . n 
A 1 9  ALA 9  326 326 ALA ALA A . n 
A 1 10 MSE 10 327 327 MSE MSE A . n 
A 1 11 LEU 11 328 328 LEU LEU A . n 
A 1 12 SER 12 329 329 SER SER A . n 
A 1 13 TRP 13 330 330 TRP TRP A . n 
A 1 14 LEU 14 331 331 LEU LEU A . n 
A 1 15 ALA 15 332 332 ALA ALA A . n 
A 1 16 ALA 16 333 333 ALA ALA A . n 
A 1 17 LEU 17 334 334 LEU LEU A . n 
A 1 18 PRO 18 335 335 PRO PRO A . n 
A 1 19 ALA 19 336 336 ALA ALA A . n 
A 1 20 THR 20 337 337 THR THR A . n 
A 1 21 LEU 21 338 338 LEU LEU A . n 
A 1 22 GLY 22 339 339 GLY GLY A . n 
A 1 23 GLN 23 340 340 GLN GLN A . n 
A 1 24 VAL 24 341 341 VAL VAL A . n 
A 1 25 LYS 25 342 342 LYS LYS A . n 
A 1 26 ASP 26 343 343 ASP ASP A . n 
A 1 27 LEU 27 344 344 LEU LEU A . n 
A 1 28 GLU 28 345 345 GLU GLU A . n 
A 1 29 ILE 29 346 346 ILE ILE A . n 
A 1 30 THR 30 347 347 THR THR A . n 
A 1 31 SER 31 348 348 SER SER A . n 
A 1 32 PHE 32 349 349 PHE PHE A . n 
A 1 33 LYS 33 350 350 LYS LYS A . n 
A 1 34 TYR 34 351 351 TYR TYR A . n 
A 1 35 ASP 35 352 352 ASP ASP A . n 
A 1 36 GLY 36 353 353 GLY GLY A . n 
A 1 37 GLN 37 354 354 GLN GLN A . n 
A 1 38 ARG 38 355 355 ARG ARG A . n 
A 1 39 GLY 39 356 356 GLY GLY A . n 
A 1 40 GLU 40 357 357 GLU GLU A . n 
A 1 41 VAL 41 358 358 VAL VAL A . n 
A 1 42 ARG 42 359 359 ARG ARG A . n 
A 1 43 ILE 43 360 360 ILE ILE A . n 
A 1 44 HIS 44 361 361 HIS HIS A . n 
A 1 45 ALA 45 362 362 ALA ALA A . n 
A 1 46 ARG 46 363 363 ARG ARG A . n 
A 1 47 SER 47 364 364 SER SER A . n 
A 1 48 SER 48 365 365 SER SER A . n 
A 1 49 ASP 49 366 366 ASP ASP A . n 
A 1 50 PHE 50 367 367 PHE PHE A . n 
A 1 51 GLN 51 368 368 GLN GLN A . n 
A 1 52 PRO 52 369 369 PRO PRO A . n 
A 1 53 PHE 53 370 370 PHE PHE A . n 
A 1 54 GLU 54 371 371 GLU GLU A . n 
A 1 55 GLN 55 372 372 GLN GLN A . n 
A 1 56 ALA 56 373 373 ALA ALA A . n 
A 1 57 ARG 57 374 374 ARG ARG A . n 
A 1 58 VAL 58 375 375 VAL VAL A . n 
A 1 59 LYS 59 376 376 LYS LYS A . n 
A 1 60 LEU 60 377 377 LEU LEU A . n 
A 1 61 ALA 61 378 378 ALA ALA A . n 
A 1 62 GLU 62 379 379 GLU GLU A . n 
A 1 63 LYS 63 380 380 LYS LYS A . n 
A 1 64 PHE 64 381 381 PHE PHE A . n 
A 1 65 ASN 65 382 382 ASN ASN A . n 
A 1 66 VAL 66 383 383 VAL VAL A . n 
A 1 67 GLU 67 384 384 GLU GLU A . n 
A 1 68 GLN 68 385 385 GLN GLN A . n 
A 1 69 GLY 69 386 386 GLY GLY A . n 
A 1 70 GLN 70 387 387 GLN GLN A . n 
A 1 71 LEU 71 388 388 LEU LEU A . n 
A 1 72 ASN 72 389 389 ASN ASN A . n 
A 1 73 ARG 73 390 390 ARG ARG A . n 
A 1 74 SER 74 391 391 SER SER A . n 
A 1 75 ASP 75 392 ?   ?   ?   A . n 
A 1 76 ASN 76 393 393 ASN ASN A . n 
A 1 77 VAL 77 394 394 VAL VAL A . n 
A 1 78 VAL 78 395 395 VAL VAL A . n 
A 1 79 MSE 79 396 396 MSE MSE A . n 
A 1 80 GLY 80 397 397 GLY GLY A . n 
A 1 81 SER 81 398 398 SER SER A . n 
A 1 82 PHE 82 399 399 PHE PHE A . n 
A 1 83 VAL 83 400 400 VAL VAL A . n 
A 1 84 LEU 84 401 401 LEU LEU A . n 
A 1 85 LYS 85 402 402 LYS LYS A . n 
A 1 86 ARG 86 403 403 ARG ARG A . n 
A 1 87 GLN 87 404 404 GLN GLN A . n 
A 1 88 LEU 88 405 ?   ?   ?   A . n 
A 1 89 GLU 89 406 ?   ?   ?   A . n 
A 1 90 HIS 90 407 ?   ?   ?   A . n 
A 1 91 HIS 91 408 ?   ?   ?   A . n 
A 1 92 HIS 92 409 ?   ?   ?   A . n 
A 1 93 HIS 93 410 ?   ?   ?   A . n 
A 1 94 HIS 94 411 ?   ?   ?   A . n 
A 1 95 HIS 95 412 ?   ?   ?   A . n 
B 1 1  MSE 1  318 ?   ?   ?   B . n 
B 1 2  SER 2  319 ?   ?   ?   B . n 
B 1 3  GLY 3  320 ?   ?   ?   B . n 
B 1 4  GLY 4  321 ?   ?   ?   B . n 
B 1 5  SER 5  322 322 SER SER B . n 
B 1 6  THR 6  323 323 THR THR B . n 
B 1 7  ASP 7  324 324 ASP ASP B . n 
B 1 8  VAL 8  325 325 VAL VAL B . n 
B 1 9  ALA 9  326 326 ALA ALA B . n 
B 1 10 MSE 10 327 327 MSE MSE B . n 
B 1 11 LEU 11 328 328 LEU LEU B . n 
B 1 12 SER 12 329 329 SER SER B . n 
B 1 13 TRP 13 330 330 TRP TRP B . n 
B 1 14 LEU 14 331 331 LEU LEU B . n 
B 1 15 ALA 15 332 332 ALA ALA B . n 
B 1 16 ALA 16 333 333 ALA ALA B . n 
B 1 17 LEU 17 334 334 LEU LEU B . n 
B 1 18 PRO 18 335 335 PRO PRO B . n 
B 1 19 ALA 19 336 336 ALA ALA B . n 
B 1 20 THR 20 337 337 THR THR B . n 
B 1 21 LEU 21 338 338 LEU LEU B . n 
B 1 22 GLY 22 339 339 GLY GLY B . n 
B 1 23 GLN 23 340 340 GLN GLN B . n 
B 1 24 VAL 24 341 341 VAL VAL B . n 
B 1 25 LYS 25 342 342 LYS LYS B . n 
B 1 26 ASP 26 343 343 ASP ASP B . n 
B 1 27 LEU 27 344 344 LEU LEU B . n 
B 1 28 GLU 28 345 345 GLU GLU B . n 
B 1 29 ILE 29 346 346 ILE ILE B . n 
B 1 30 THR 30 347 347 THR THR B . n 
B 1 31 SER 31 348 348 SER SER B . n 
B 1 32 PHE 32 349 349 PHE PHE B . n 
B 1 33 LYS 33 350 350 LYS LYS B . n 
B 1 34 TYR 34 351 351 TYR TYR B . n 
B 1 35 ASP 35 352 352 ASP ASP B . n 
B 1 36 GLY 36 353 353 GLY GLY B . n 
B 1 37 GLN 37 354 354 GLN GLN B . n 
B 1 38 ARG 38 355 355 ARG ARG B . n 
B 1 39 GLY 39 356 356 GLY GLY B . n 
B 1 40 GLU 40 357 357 GLU GLU B . n 
B 1 41 VAL 41 358 358 VAL VAL B . n 
B 1 42 ARG 42 359 359 ARG ARG B . n 
B 1 43 ILE 43 360 360 ILE ILE B . n 
B 1 44 HIS 44 361 361 HIS HIS B . n 
B 1 45 ALA 45 362 362 ALA ALA B . n 
B 1 46 ARG 46 363 363 ARG ARG B . n 
B 1 47 SER 47 364 364 SER SER B . n 
B 1 48 SER 48 365 365 SER SER B . n 
B 1 49 ASP 49 366 366 ASP ASP B . n 
B 1 50 PHE 50 367 367 PHE PHE B . n 
B 1 51 GLN 51 368 368 GLN GLN B . n 
B 1 52 PRO 52 369 369 PRO PRO B . n 
B 1 53 PHE 53 370 370 PHE PHE B . n 
B 1 54 GLU 54 371 371 GLU GLU B . n 
B 1 55 GLN 55 372 372 GLN GLN B . n 
B 1 56 ALA 56 373 373 ALA ALA B . n 
B 1 57 ARG 57 374 374 ARG ARG B . n 
B 1 58 VAL 58 375 375 VAL VAL B . n 
B 1 59 LYS 59 376 376 LYS LYS B . n 
B 1 60 LEU 60 377 377 LEU LEU B . n 
B 1 61 ALA 61 378 378 ALA ALA B . n 
B 1 62 GLU 62 379 379 GLU GLU B . n 
B 1 63 LYS 63 380 380 LYS LYS B . n 
B 1 64 PHE 64 381 381 PHE PHE B . n 
B 1 65 ASN 65 382 382 ASN ASN B . n 
B 1 66 VAL 66 383 383 VAL VAL B . n 
B 1 67 GLU 67 384 384 GLU GLU B . n 
B 1 68 GLN 68 385 385 GLN GLN B . n 
B 1 69 GLY 69 386 386 GLY GLY B . n 
B 1 70 GLN 70 387 387 GLN GLN B . n 
B 1 71 LEU 71 388 388 LEU LEU B . n 
B 1 72 ASN 72 389 389 ASN ASN B . n 
B 1 73 ARG 73 390 390 ARG ARG B . n 
B 1 74 SER 74 391 391 SER SER B . n 
B 1 75 ASP 75 392 ?   ?   ?   B . n 
B 1 76 ASN 76 393 393 ASN ASN B . n 
B 1 77 VAL 77 394 394 VAL VAL B . n 
B 1 78 VAL 78 395 395 VAL VAL B . n 
B 1 79 MSE 79 396 396 MSE MSE B . n 
B 1 80 GLY 80 397 397 GLY GLY B . n 
B 1 81 SER 81 398 398 SER SER B . n 
B 1 82 PHE 82 399 399 PHE PHE B . n 
B 1 83 VAL 83 400 400 VAL VAL B . n 
B 1 84 LEU 84 401 401 LEU LEU B . n 
B 1 85 LYS 85 402 402 LYS LYS B . n 
B 1 86 ARG 86 403 403 ARG ARG B . n 
B 1 87 GLN 87 404 404 GLN GLN B . n 
B 1 88 LEU 88 405 ?   ?   ?   B . n 
B 1 89 GLU 89 406 ?   ?   ?   B . n 
B 1 90 HIS 90 407 ?   ?   ?   B . n 
B 1 91 HIS 91 408 ?   ?   ?   B . n 
B 1 92 HIS 92 409 ?   ?   ?   B . n 
B 1 93 HIS 93 410 ?   ?   ?   B . n 
B 1 94 HIS 94 411 ?   ?   ?   B . n 
B 1 95 HIS 95 412 ?   ?   ?   B . n 
# 
loop_
_pdbx_nonpoly_scheme.asym_id 
_pdbx_nonpoly_scheme.entity_id 
_pdbx_nonpoly_scheme.mon_id 
_pdbx_nonpoly_scheme.ndb_seq_num 
_pdbx_nonpoly_scheme.pdb_seq_num 
_pdbx_nonpoly_scheme.auth_seq_num 
_pdbx_nonpoly_scheme.pdb_mon_id 
_pdbx_nonpoly_scheme.auth_mon_id 
_pdbx_nonpoly_scheme.pdb_strand_id 
_pdbx_nonpoly_scheme.pdb_ins_code 
C 2 EDO 1  1405 1405 EDO EDO A . 
D 3 PO4 1  1406 1406 PO4 PO4 A . 
E 2 EDO 1  1405 1405 EDO EDO B . 
F 3 PO4 1  1406 1406 PO4 PO4 B . 
G 4 HOH 1  2001 2001 HOH HOH A . 
G 4 HOH 2  2002 2002 HOH HOH A . 
G 4 HOH 3  2003 2003 HOH HOH A . 
G 4 HOH 4  2004 2004 HOH HOH A . 
G 4 HOH 5  2005 2005 HOH HOH A . 
G 4 HOH 6  2006 2006 HOH HOH A . 
G 4 HOH 7  2007 2007 HOH HOH A . 
G 4 HOH 8  2008 2008 HOH HOH A . 
G 4 HOH 9  2009 2009 HOH HOH A . 
G 4 HOH 10 2010 2010 HOH HOH A . 
G 4 HOH 11 2011 2011 HOH HOH A . 
G 4 HOH 12 2012 2012 HOH HOH A . 
G 4 HOH 13 2013 2013 HOH HOH A . 
G 4 HOH 14 2014 2014 HOH HOH A . 
G 4 HOH 15 2015 2015 HOH HOH A . 
G 4 HOH 16 2016 2016 HOH HOH A . 
G 4 HOH 17 2017 2017 HOH HOH A . 
G 4 HOH 18 2018 2018 HOH HOH A . 
G 4 HOH 19 2019 2019 HOH HOH A . 
G 4 HOH 20 2020 2020 HOH HOH A . 
G 4 HOH 21 2021 2021 HOH HOH A . 
G 4 HOH 22 2022 2022 HOH HOH A . 
G 4 HOH 23 2023 2023 HOH HOH A . 
G 4 HOH 24 2024 2024 HOH HOH A . 
G 4 HOH 25 2025 2025 HOH HOH A . 
H 4 HOH 1  2001 2001 HOH HOH B . 
H 4 HOH 2  2002 2002 HOH HOH B . 
H 4 HOH 3  2003 2003 HOH HOH B . 
H 4 HOH 4  2004 2004 HOH HOH B . 
H 4 HOH 5  2005 2005 HOH HOH B . 
H 4 HOH 6  2006 2006 HOH HOH B . 
H 4 HOH 7  2007 2007 HOH HOH B . 
H 4 HOH 8  2008 2008 HOH HOH B . 
H 4 HOH 9  2009 2009 HOH HOH B . 
H 4 HOH 10 2010 2010 HOH HOH B . 
H 4 HOH 11 2011 2011 HOH HOH B . 
H 4 HOH 12 2012 2012 HOH HOH B . 
H 4 HOH 13 2013 2013 HOH HOH B . 
H 4 HOH 14 2014 2014 HOH HOH B . 
H 4 HOH 15 2015 2015 HOH HOH B . 
H 4 HOH 16 2016 2016 HOH HOH B . 
H 4 HOH 17 2017 2017 HOH HOH B . 
H 4 HOH 18 2018 2018 HOH HOH B . 
H 4 HOH 19 2019 2019 HOH HOH B . 
H 4 HOH 20 2020 2020 HOH HOH B . 
H 4 HOH 21 2021 2021 HOH HOH B . 
H 4 HOH 22 2022 2022 HOH HOH B . 
H 4 HOH 23 2023 2023 HOH HOH B . 
H 4 HOH 24 2024 2024 HOH HOH B . 
H 4 HOH 25 2025 2025 HOH HOH B . 
# 
loop_
_software.name 
_software.classification 
_software.version 
_software.citation_id 
_software.pdbx_ordinal 
REFMAC    refinement       5.2.0019 ? 1 
HKL-2000  'data reduction' .        ? 2 
SCALEPACK 'data scaling'   .        ? 3 
SHARP     phasing          .        ? 4 
DM        phasing          .        ? 5 
ARP/wARP  phasing          .        ? 6 
# 
_cell.entry_id           2W7V 
_cell.length_a           87.712 
_cell.length_b           87.712 
_cell.length_c           45.589 
_cell.angle_alpha        90.00 
_cell.angle_beta         90.00 
_cell.angle_gamma        120.00 
_cell.Z_PDB              12 
_cell.pdbx_unique_axis   ? 
# 
_symmetry.entry_id                         2W7V 
_symmetry.space_group_name_H-M             'P 62' 
_symmetry.pdbx_full_space_group_name_H-M   ? 
_symmetry.cell_setting                     ? 
_symmetry.Int_Tables_number                171 
# 
_exptl.entry_id          2W7V 
_exptl.method            'X-RAY DIFFRACTION' 
_exptl.crystals_number   1 
# 
_exptl_crystal.id                    1 
_exptl_crystal.density_meas          ? 
_exptl_crystal.density_Matthews      2.57 
_exptl_crystal.density_percent_sol   51.80 
_exptl_crystal.description           NONE 
# 
_exptl_crystal_grow.crystal_id      1 
_exptl_crystal_grow.method          ? 
_exptl_crystal_grow.temp            ? 
_exptl_crystal_grow.temp_details    ? 
_exptl_crystal_grow.pH              ? 
_exptl_crystal_grow.pdbx_pH_range   ? 
_exptl_crystal_grow.pdbx_details    '1.2-1.4M NA/K PHOSPHATE' 
# 
_diffrn.id                     1 
_diffrn.ambient_temp           100 
_diffrn.ambient_temp_details   ? 
_diffrn.crystal_id             1 
# 
_diffrn_detector.diffrn_id              1 
_diffrn_detector.detector               CCD 
_diffrn_detector.type                   'ADSC CCD' 
_diffrn_detector.pdbx_collection_date   2006-07-14 
_diffrn_detector.details                ? 
# 
_diffrn_radiation.diffrn_id                        1 
_diffrn_radiation.wavelength_id                    1 
_diffrn_radiation.pdbx_monochromatic_or_laue_m_l   M 
_diffrn_radiation.monochromator                    ? 
_diffrn_radiation.pdbx_diffrn_protocol             'SINGLE WAVELENGTH' 
_diffrn_radiation.pdbx_scattering_type             x-ray 
# 
_diffrn_radiation_wavelength.id           1 
_diffrn_radiation_wavelength.wavelength   0.97924 
_diffrn_radiation_wavelength.wt           1.0 
# 
_diffrn_source.diffrn_id                   1 
_diffrn_source.source                      SYNCHROTRON 
_diffrn_source.type                        'SSRL BEAMLINE BL9-2' 
_diffrn_source.pdbx_synchrotron_site       SSRL 
_diffrn_source.pdbx_synchrotron_beamline   BL9-2 
_diffrn_source.pdbx_wavelength             0.97924 
_diffrn_source.pdbx_wavelength_list        ? 
# 
_reflns.pdbx_diffrn_id               1 
_reflns.pdbx_ordinal                 1 
_reflns.entry_id                     2W7V 
_reflns.observed_criterion_sigma_I   0.0 
_reflns.observed_criterion_sigma_F   ? 
_reflns.d_resolution_low             50.00 
_reflns.d_resolution_high            2.30 
_reflns.number_obs                   9031 
_reflns.number_all                   ? 
_reflns.percent_possible_obs         100.0 
_reflns.pdbx_Rmerge_I_obs            0.08 
_reflns.pdbx_Rsym_value              ? 
_reflns.pdbx_netI_over_sigmaI        18.10 
_reflns.B_iso_Wilson_estimate        ? 
_reflns.pdbx_redundancy              11.3 
# 
_reflns_shell.pdbx_diffrn_id         1 
_reflns_shell.pdbx_ordinal           1 
_reflns_shell.d_res_high             2.30 
_reflns_shell.d_res_low              2.35 
_reflns_shell.percent_possible_all   100.0 
_reflns_shell.Rmerge_I_obs           0.65 
_reflns_shell.pdbx_Rsym_value        ? 
_reflns_shell.meanI_over_sigI_obs    5.00 
_reflns_shell.pdbx_redundancy        11.3 
# 
_refine.pdbx_refine_id                           'X-RAY DIFFRACTION' 
_refine.entry_id                                 2W7V 
_refine.pdbx_diffrn_id                           1 
_refine.pdbx_TLS_residual_ADP_flag               'LIKELY RESIDUAL' 
_refine.ls_number_reflns_obs                     8585 
_refine.ls_number_reflns_all                     ? 
_refine.pdbx_ls_sigma_I                          ? 
_refine.pdbx_ls_sigma_F                          ? 
_refine.pdbx_data_cutoff_high_absF               ? 
_refine.pdbx_data_cutoff_low_absF                ? 
_refine.pdbx_data_cutoff_high_rms_absF           ? 
_refine.ls_d_res_low                             39.10 
_refine.ls_d_res_high                            2.30 
_refine.ls_percent_reflns_obs                    100.0 
_refine.ls_R_factor_obs                          0.216 
_refine.ls_R_factor_all                          ? 
_refine.ls_R_factor_R_work                       0.214 
_refine.ls_R_factor_R_free                       0.256 
_refine.ls_R_factor_R_free_error                 ? 
_refine.ls_R_factor_R_free_error_details         ? 
_refine.ls_percent_reflns_R_free                 4.700 
_refine.ls_number_reflns_R_free                  426 
_refine.ls_number_parameters                     ? 
_refine.ls_number_restraints                     ? 
_refine.occupancy_min                            ? 
_refine.occupancy_max                            ? 
_refine.correlation_coeff_Fo_to_Fc               0.941 
_refine.correlation_coeff_Fo_to_Fc_free          0.921 
_refine.B_iso_mean                               12.59 
_refine.aniso_B[1][1]                            -1.12000 
_refine.aniso_B[2][2]                            -1.12000 
_refine.aniso_B[3][3]                            1.69000 
_refine.aniso_B[1][2]                            -0.56000 
_refine.aniso_B[1][3]                            0.00000 
_refine.aniso_B[2][3]                            0.00000 
_refine.solvent_model_details                    MASK 
_refine.solvent_model_param_ksol                 ? 
_refine.solvent_model_param_bsol                 ? 
_refine.pdbx_solvent_vdw_probe_radii             1.40 
_refine.pdbx_solvent_ion_probe_radii             0.80 
_refine.pdbx_solvent_shrinkage_radii             0.80 
_refine.pdbx_ls_cross_valid_method               THROUGHOUT 
_refine.details                                  'HYDROGENS HAVE BEEN ADDED IN THE RIDING POSITIONS.' 
_refine.pdbx_starting_model                      NONE 
_refine.pdbx_method_to_determine_struct          SAD 
_refine.pdbx_isotropic_thermal_model             ? 
_refine.pdbx_stereochemistry_target_values       'MAXIMUM LIKELIHOOD' 
_refine.pdbx_stereochem_target_val_spec_case     ? 
_refine.pdbx_R_Free_selection_details            RANDOM 
_refine.pdbx_overall_ESU_R                       0.345 
_refine.pdbx_overall_ESU_R_Free                  0.242 
_refine.overall_SU_ML                            0.203 
_refine.pdbx_overall_phase_error                 ? 
_refine.overall_SU_B                             16.714 
_refine.overall_SU_R_Cruickshank_DPI             ? 
_refine.pdbx_overall_SU_R_free_Cruickshank_DPI   ? 
_refine.pdbx_overall_SU_R_Blow_DPI               ? 
_refine.pdbx_overall_SU_R_free_Blow_DPI          ? 
# 
_refine_hist.pdbx_refine_id                   'X-RAY DIFFRACTION' 
_refine_hist.cycle_id                         LAST 
_refine_hist.pdbx_number_atoms_protein        1300 
_refine_hist.pdbx_number_atoms_nucleic_acid   0 
_refine_hist.pdbx_number_atoms_ligand         18 
_refine_hist.number_atoms_solvent             50 
_refine_hist.number_atoms_total               1368 
_refine_hist.d_res_high                       2.30 
_refine_hist.d_res_low                        39.10 
# 
loop_
_refine_ls_restr.type 
_refine_ls_restr.dev_ideal 
_refine_ls_restr.dev_ideal_target 
_refine_ls_restr.weight 
_refine_ls_restr.number 
_refine_ls_restr.pdbx_refine_id 
_refine_ls_restr.pdbx_restraint_function 
r_bond_refined_d             0.017  0.022  ? 1378 'X-RAY DIFFRACTION' ? 
r_bond_other_d               0.001  0.020  ? 976  'X-RAY DIFFRACTION' ? 
r_angle_refined_deg          1.615  1.946  ? 1854 'X-RAY DIFFRACTION' ? 
r_angle_other_deg            0.931  3.000  ? 2354 'X-RAY DIFFRACTION' ? 
r_dihedral_angle_1_deg       7.509  5.000  ? 168  'X-RAY DIFFRACTION' ? 
r_dihedral_angle_2_deg       35.493 23.429 ? 70   'X-RAY DIFFRACTION' ? 
r_dihedral_angle_3_deg       15.546 15.000 ? 250  'X-RAY DIFFRACTION' ? 
r_dihedral_angle_4_deg       23.540 15.000 ? 14   'X-RAY DIFFRACTION' ? 
r_chiral_restr               0.095  0.200  ? 200  'X-RAY DIFFRACTION' ? 
r_gen_planes_refined         0.006  0.020  ? 1512 'X-RAY DIFFRACTION' ? 
r_gen_planes_other           0.002  0.020  ? 298  'X-RAY DIFFRACTION' ? 
r_nbd_refined                0.220  0.200  ? 262  'X-RAY DIFFRACTION' ? 
r_nbd_other                  0.206  0.200  ? 971  'X-RAY DIFFRACTION' ? 
r_nbtor_refined              0.181  0.200  ? 633  'X-RAY DIFFRACTION' ? 
r_nbtor_other                0.089  0.200  ? 810  'X-RAY DIFFRACTION' ? 
r_xyhbond_nbd_refined        0.192  0.200  ? 60   'X-RAY DIFFRACTION' ? 
r_xyhbond_nbd_other          ?      ?      ? ?    'X-RAY DIFFRACTION' ? 
r_metal_ion_refined          ?      ?      ? ?    'X-RAY DIFFRACTION' ? 
r_metal_ion_other            ?      ?      ? ?    'X-RAY DIFFRACTION' ? 
r_symmetry_vdw_refined       0.253  0.200  ? 26   'X-RAY DIFFRACTION' ? 
r_symmetry_vdw_other         0.191  0.200  ? 49   'X-RAY DIFFRACTION' ? 
r_symmetry_hbond_refined     0.283  0.200  ? 11   'X-RAY DIFFRACTION' ? 
r_symmetry_hbond_other       ?      ?      ? ?    'X-RAY DIFFRACTION' ? 
r_symmetry_metal_ion_refined ?      ?      ? ?    'X-RAY DIFFRACTION' ? 
r_symmetry_metal_ion_other   ?      ?      ? ?    'X-RAY DIFFRACTION' ? 
r_mcbond_it                  0.863  1.500  ? 1002 'X-RAY DIFFRACTION' ? 
r_mcbond_other               ?      ?      ? ?    'X-RAY DIFFRACTION' ? 
r_mcangle_it                 1.111  2.000  ? 1318 'X-RAY DIFFRACTION' ? 
r_mcangle_other              ?      ?      ? ?    'X-RAY DIFFRACTION' ? 
r_scbond_it                  1.997  3.000  ? 624  'X-RAY DIFFRACTION' ? 
r_scbond_other               ?      ?      ? ?    'X-RAY DIFFRACTION' ? 
r_scangle_it                 2.892  4.500  ? 532  'X-RAY DIFFRACTION' ? 
r_scangle_other              ?      ?      ? ?    'X-RAY DIFFRACTION' ? 
r_long_range_B_refined       ?      ?      ? ?    'X-RAY DIFFRACTION' ? 
r_long_range_B_other         ?      ?      ? ?    'X-RAY DIFFRACTION' ? 
r_rigid_bond_restr           ?      ?      ? ?    'X-RAY DIFFRACTION' ? 
r_sphericity_free            ?      ?      ? ?    'X-RAY DIFFRACTION' ? 
r_sphericity_bonded          ?      ?      ? ?    'X-RAY DIFFRACTION' ? 
# 
loop_
_refine_ls_restr_ncs.dom_id 
_refine_ls_restr_ncs.pdbx_auth_asym_id 
_refine_ls_restr_ncs.pdbx_number 
_refine_ls_restr_ncs.rms_dev_position 
_refine_ls_restr_ncs.weight_position 
_refine_ls_restr_ncs.pdbx_type 
_refine_ls_restr_ncs.pdbx_ens_id 
_refine_ls_restr_ncs.pdbx_ordinal 
_refine_ls_restr_ncs.pdbx_refine_id 
_refine_ls_restr_ncs.ncs_model_details 
_refine_ls_restr_ncs.rms_dev_B_iso 
_refine_ls_restr_ncs.weight_B_iso 
_refine_ls_restr_ncs.pdbx_asym_id 
_refine_ls_restr_ncs.pdbx_rms 
_refine_ls_restr_ncs.pdbx_weight 
1 A 1152 0.02 0.05 'tight positional' 1 1 'X-RAY DIFFRACTION' ? ? ? ? ? ? 
2 B 1152 0.02 0.05 'tight positional' 1 2 'X-RAY DIFFRACTION' ? ? ? ? ? ? 
1 A 1152 0.07 0.50 'tight thermal'    1 3 'X-RAY DIFFRACTION' ? ? ? ? ? ? 
2 B 1152 0.07 0.50 'tight thermal'    1 4 'X-RAY DIFFRACTION' ? ? ? ? ? ? 
# 
_refine_ls_shell.pdbx_refine_id                   'X-RAY DIFFRACTION' 
_refine_ls_shell.pdbx_total_number_of_bins_used   20 
_refine_ls_shell.d_res_high                       2.30 
_refine_ls_shell.d_res_low                        2.36 
_refine_ls_shell.number_reflns_R_work             637 
_refine_ls_shell.R_factor_R_work                  0.2460 
_refine_ls_shell.percent_reflns_obs               ? 
_refine_ls_shell.R_factor_R_free                  ? 
_refine_ls_shell.R_factor_R_free_error            ? 
_refine_ls_shell.percent_reflns_R_free            ? 
_refine_ls_shell.number_reflns_R_free             0 
_refine_ls_shell.number_reflns_all                ? 
_refine_ls_shell.R_factor_all                     ? 
# 
_struct_ncs_oper.id             1 
_struct_ncs_oper.code           given 
_struct_ncs_oper.details        ? 
_struct_ncs_oper.matrix[1][1]   -0.15629517 
_struct_ncs_oper.matrix[1][2]   -0.84869169 
_struct_ncs_oper.matrix[1][3]   -0.50529190 
_struct_ncs_oper.matrix[2][1]   -0.84839579 
_struct_ncs_oper.matrix[2][2]   -0.14660601 
_struct_ncs_oper.matrix[2][3]   0.50870018 
_struct_ncs_oper.matrix[3][1]   -0.50578733 
_struct_ncs_oper.matrix[3][2]   0.50820719 
_struct_ncs_oper.matrix[3][3]   -0.69709882 
_struct_ncs_oper.vector[1]      0.00464 
_struct_ncs_oper.vector[2]      0.00109 
_struct_ncs_oper.vector[3]      0.00160 
# 
loop_
_struct_ncs_dom.id 
_struct_ncs_dom.details 
_struct_ncs_dom.pdbx_ens_id 
1 A 1 
2 B 1 
# 
loop_
_struct_ncs_dom_lim.pdbx_ens_id 
_struct_ncs_dom_lim.dom_id 
_struct_ncs_dom_lim.pdbx_component_id 
_struct_ncs_dom_lim.beg_label_asym_id 
_struct_ncs_dom_lim.beg_label_comp_id 
_struct_ncs_dom_lim.beg_label_seq_id 
_struct_ncs_dom_lim.beg_label_alt_id 
_struct_ncs_dom_lim.end_label_asym_id 
_struct_ncs_dom_lim.end_label_comp_id 
_struct_ncs_dom_lim.end_label_seq_id 
_struct_ncs_dom_lim.end_label_alt_id 
_struct_ncs_dom_lim.beg_auth_asym_id 
_struct_ncs_dom_lim.beg_auth_comp_id 
_struct_ncs_dom_lim.beg_auth_seq_id 
_struct_ncs_dom_lim.end_auth_asym_id 
_struct_ncs_dom_lim.end_auth_comp_id 
_struct_ncs_dom_lim.end_auth_seq_id 
_struct_ncs_dom_lim.pdbx_refine_code 
_struct_ncs_dom_lim.selection_details 
1 1 1 A SER 5 . A GLN 87 . A SER 322 A GLN 404 1 ? 
1 2 1 B SER 5 . B GLN 87 . B SER 322 B GLN 404 1 ? 
# 
_struct_ncs_ens.id        1 
_struct_ncs_ens.details   ? 
# 
_struct.entry_id                  2W7V 
_struct.title                     'periplasmic domain of EpsL from Vibrio parahaemolyticus' 
_struct.pdbx_model_details        ? 
_struct.pdbx_CASP_flag            ? 
_struct.pdbx_model_type_details   ? 
# 
_struct_keywords.entry_id        2W7V 
_struct_keywords.pdbx_keywords   'TRANSPORT PROTEIN' 
_struct_keywords.text            'TRANSPORT, TYPE II SECRETION, TRANSPORT PROTEIN' 
# 
loop_
_struct_asym.id 
_struct_asym.pdbx_blank_PDB_chainid_flag 
_struct_asym.pdbx_modified 
_struct_asym.entity_id 
_struct_asym.details 
A N N 1 ? 
B N N 1 ? 
C N N 2 ? 
D N N 3 ? 
E N N 2 ? 
F N N 3 ? 
G N N 4 ? 
H N N 4 ? 
# 
loop_
_struct_ref.id 
_struct_ref.db_name 
_struct_ref.db_code 
_struct_ref.entity_id 
_struct_ref.pdbx_seq_one_letter_code 
_struct_ref.pdbx_align_begin 
_struct_ref.pdbx_db_accession 
_struct_ref.pdbx_db_isoform 
1 PDB 2W7V         1 ? ? 2W7V   ? 
2 UNP Q87TC9_VIBPA 1 ? ? Q87TC9 ? 
# 
loop_
_struct_ref_seq.align_id 
_struct_ref_seq.ref_id 
_struct_ref_seq.pdbx_PDB_id_code 
_struct_ref_seq.pdbx_strand_id 
_struct_ref_seq.seq_align_beg 
_struct_ref_seq.pdbx_seq_align_beg_ins_code 
_struct_ref_seq.seq_align_end 
_struct_ref_seq.pdbx_seq_align_end_ins_code 
_struct_ref_seq.pdbx_db_accession 
_struct_ref_seq.db_align_beg 
_struct_ref_seq.pdbx_db_align_beg_ins_code 
_struct_ref_seq.db_align_end 
_struct_ref_seq.pdbx_db_align_end_ins_code 
_struct_ref_seq.pdbx_auth_seq_align_beg 
_struct_ref_seq.pdbx_auth_seq_align_end 
1 1 2W7V A 1  ? 1  ? 2W7V   318 ? 318 ? 318 318 
2 2 2W7V A 2  ? 87 ? Q87TC9 319 ? 404 ? 319 404 
3 1 2W7V A 88 ? 95 ? 2W7V   405 ? 412 ? 405 412 
4 1 2W7V B 1  ? 1  ? 2W7V   318 ? 318 ? 318 318 
5 2 2W7V B 2  ? 87 ? Q87TC9 319 ? 404 ? 319 404 
6 1 2W7V B 88 ? 95 ? 2W7V   405 ? 412 ? 405 412 
# 
loop_
_pdbx_struct_assembly.id 
_pdbx_struct_assembly.details 
_pdbx_struct_assembly.method_details 
_pdbx_struct_assembly.oligomeric_details 
_pdbx_struct_assembly.oligomeric_count 
1 author_and_software_defined_assembly PISA dimeric 2 
2 author_and_software_defined_assembly PISA dimeric 2 
# 
loop_
_pdbx_struct_assembly_prop.biol_id 
_pdbx_struct_assembly_prop.type 
_pdbx_struct_assembly_prop.value 
_pdbx_struct_assembly_prop.details 
1 'ABSA (A^2)' 2560  ? 
1 MORE         -27.9 ? 
1 'SSA (A^2)'  9180  ? 
2 'ABSA (A^2)' 1870  ? 
2 MORE         -4.9  ? 
2 'SSA (A^2)'  9100  ? 
# 
loop_
_pdbx_struct_assembly_gen.assembly_id 
_pdbx_struct_assembly_gen.oper_expression 
_pdbx_struct_assembly_gen.asym_id_list 
1 1,2 A,C,D,G 
2 1,3 B,E,F,H 
# 
loop_
_pdbx_struct_oper_list.id 
_pdbx_struct_oper_list.type 
_pdbx_struct_oper_list.name 
_pdbx_struct_oper_list.symmetry_operation 
_pdbx_struct_oper_list.matrix[1][1] 
_pdbx_struct_oper_list.matrix[1][2] 
_pdbx_struct_oper_list.matrix[1][3] 
_pdbx_struct_oper_list.vector[1] 
_pdbx_struct_oper_list.matrix[2][1] 
_pdbx_struct_oper_list.matrix[2][2] 
_pdbx_struct_oper_list.matrix[2][3] 
_pdbx_struct_oper_list.vector[2] 
_pdbx_struct_oper_list.matrix[3][1] 
_pdbx_struct_oper_list.matrix[3][2] 
_pdbx_struct_oper_list.matrix[3][3] 
_pdbx_struct_oper_list.vector[3] 
1 'identity operation'         1_555 x,y,z       1.0000000000 0.0000000000 0.0000000000 0.0000000000  0.0000000000 1.0000000000  0.0000000000 0.0000000000   0.0000000000 0.0000000000 1.0000000000  0.0000000000   
2 'crystal symmetry operation' 4_665 -x+1,-y+1,z 0.1096019983 0.6604783245 0.7428026554 9.8300627297  0.6604783245 -0.6068575780 0.4421450701 23.7878316748  0.7428026554 0.4421450701 -0.5027444203 -35.8356344866 
3 'crystal symmetry operation' 4_655 -x+1,-y,z   0.1096019983 0.6604783245 0.7428026554 -3.6016524668 0.6604783245 -0.6068575780 0.4421450701 -30.0467451348 0.7428026554 0.4421450701 -0.5027444203 32.0968489849 
# 
_struct_biol.id   1 
# 
loop_
_struct_conf.conf_type_id 
_struct_conf.id 
_struct_conf.pdbx_PDB_helix_id 
_struct_conf.beg_label_comp_id 
_struct_conf.beg_label_asym_id 
_struct_conf.beg_label_seq_id 
_struct_conf.pdbx_beg_PDB_ins_code 
_struct_conf.end_label_comp_id 
_struct_conf.end_label_asym_id 
_struct_conf.end_label_seq_id 
_struct_conf.pdbx_end_PDB_ins_code 
_struct_conf.beg_auth_comp_id 
_struct_conf.beg_auth_asym_id 
_struct_conf.beg_auth_seq_id 
_struct_conf.end_auth_comp_id 
_struct_conf.end_auth_asym_id 
_struct_conf.end_auth_seq_id 
_struct_conf.pdbx_PDB_helix_class 
_struct_conf.details 
_struct_conf.pdbx_PDB_helix_length 
HELX_P HELX_P1 1 ASP A 7  ? LEU A 14 ? ASP A 324 LEU A 331 1 ? 8  
HELX_P HELX_P2 2 ALA A 16 ? GLN A 23 ? ALA A 333 GLN A 340 1 ? 8  
HELX_P HELX_P3 3 PHE A 50 ? GLU A 62 ? PHE A 367 GLU A 379 1 ? 13 
HELX_P HELX_P4 4 ASP B 7  ? LEU B 14 ? ASP B 324 LEU B 331 1 ? 8  
HELX_P HELX_P5 5 ALA B 16 ? GLN B 23 ? ALA B 333 GLN B 340 1 ? 8  
HELX_P HELX_P6 6 PHE B 50 ? GLU B 62 ? PHE B 367 GLU B 379 1 ? 13 
# 
_struct_conf_type.id          HELX_P 
_struct_conf_type.criteria    ? 
_struct_conf_type.reference   ? 
# 
loop_
_struct_conn.id 
_struct_conn.conn_type_id 
_struct_conn.pdbx_leaving_atom_flag 
_struct_conn.pdbx_PDB_id 
_struct_conn.ptnr1_label_asym_id 
_struct_conn.ptnr1_label_comp_id 
_struct_conn.ptnr1_label_seq_id 
_struct_conn.ptnr1_label_atom_id 
_struct_conn.pdbx_ptnr1_label_alt_id 
_struct_conn.pdbx_ptnr1_PDB_ins_code 
_struct_conn.pdbx_ptnr1_standard_comp_id 
_struct_conn.ptnr1_symmetry 
_struct_conn.ptnr2_label_asym_id 
_struct_conn.ptnr2_label_comp_id 
_struct_conn.ptnr2_label_seq_id 
_struct_conn.ptnr2_label_atom_id 
_struct_conn.pdbx_ptnr2_label_alt_id 
_struct_conn.pdbx_ptnr2_PDB_ins_code 
_struct_conn.ptnr1_auth_asym_id 
_struct_conn.ptnr1_auth_comp_id 
_struct_conn.ptnr1_auth_seq_id 
_struct_conn.ptnr2_auth_asym_id 
_struct_conn.ptnr2_auth_comp_id 
_struct_conn.ptnr2_auth_seq_id 
_struct_conn.ptnr2_symmetry 
_struct_conn.pdbx_ptnr3_label_atom_id 
_struct_conn.pdbx_ptnr3_label_seq_id 
_struct_conn.pdbx_ptnr3_label_comp_id 
_struct_conn.pdbx_ptnr3_label_asym_id 
_struct_conn.pdbx_ptnr3_label_alt_id 
_struct_conn.pdbx_ptnr3_PDB_ins_code 
_struct_conn.details 
_struct_conn.pdbx_dist_value 
_struct_conn.pdbx_value_order 
_struct_conn.pdbx_role 
covale1 covale both ? A ALA 9  C ? ? ? 1_555 A MSE 10 N ? ? A ALA 326 A MSE 327 1_555 ? ? ? ? ? ? ? 1.316 ? ? 
covale2 covale both ? A MSE 10 C ? ? ? 1_555 A LEU 11 N ? ? A MSE 327 A LEU 328 1_555 ? ? ? ? ? ? ? 1.321 ? ? 
covale3 covale both ? A VAL 78 C ? ? ? 1_555 A MSE 79 N ? ? A VAL 395 A MSE 396 1_555 ? ? ? ? ? ? ? 1.326 ? ? 
covale4 covale both ? A MSE 79 C ? ? ? 1_555 A GLY 80 N ? ? A MSE 396 A GLY 397 1_555 ? ? ? ? ? ? ? 1.327 ? ? 
covale5 covale both ? B ALA 9  C ? ? ? 1_555 B MSE 10 N ? ? B ALA 326 B MSE 327 1_555 ? ? ? ? ? ? ? 1.320 ? ? 
covale6 covale both ? B MSE 10 C ? ? ? 1_555 B LEU 11 N ? ? B MSE 327 B LEU 328 1_555 ? ? ? ? ? ? ? 1.321 ? ? 
covale7 covale both ? B VAL 78 C ? ? ? 1_555 B MSE 79 N ? ? B VAL 395 B MSE 396 1_555 ? ? ? ? ? ? ? 1.327 ? ? 
covale8 covale both ? B MSE 79 C ? ? ? 1_555 B GLY 80 N ? ? B MSE 396 B GLY 397 1_555 ? ? ? ? ? ? ? 1.325 ? ? 
# 
_struct_conn_type.id          covale 
_struct_conn_type.criteria    ? 
_struct_conn_type.reference   ? 
# 
loop_
_pdbx_modification_feature.ordinal 
_pdbx_modification_feature.label_comp_id 
_pdbx_modification_feature.label_asym_id 
_pdbx_modification_feature.label_seq_id 
_pdbx_modification_feature.label_alt_id 
_pdbx_modification_feature.modified_residue_label_comp_id 
_pdbx_modification_feature.modified_residue_label_asym_id 
_pdbx_modification_feature.modified_residue_label_seq_id 
_pdbx_modification_feature.modified_residue_label_alt_id 
_pdbx_modification_feature.auth_comp_id 
_pdbx_modification_feature.auth_asym_id 
_pdbx_modification_feature.auth_seq_id 
_pdbx_modification_feature.PDB_ins_code 
_pdbx_modification_feature.symmetry 
_pdbx_modification_feature.modified_residue_auth_comp_id 
_pdbx_modification_feature.modified_residue_auth_asym_id 
_pdbx_modification_feature.modified_residue_auth_seq_id 
_pdbx_modification_feature.modified_residue_PDB_ins_code 
_pdbx_modification_feature.modified_residue_symmetry 
_pdbx_modification_feature.comp_id_linking_atom 
_pdbx_modification_feature.modified_residue_id_linking_atom 
_pdbx_modification_feature.modified_residue_id 
_pdbx_modification_feature.ref_pcm_id 
_pdbx_modification_feature.ref_comp_id 
_pdbx_modification_feature.type 
_pdbx_modification_feature.category 
1 MSE A 10 ? . . . . MSE A 327 ? 1_555 . . . . . . . MET 1 MSE Selenomethionine 'Named protein modification' 
2 MSE A 79 ? . . . . MSE A 396 ? 1_555 . . . . . . . MET 1 MSE Selenomethionine 'Named protein modification' 
3 MSE B 10 ? . . . . MSE B 327 ? 1_555 . . . . . . . MET 1 MSE Selenomethionine 'Named protein modification' 
4 MSE B 79 ? . . . . MSE B 396 ? 1_555 . . . . . . . MET 1 MSE Selenomethionine 'Named protein modification' 
# 
loop_
_struct_sheet.id 
_struct_sheet.type 
_struct_sheet.number_strands 
_struct_sheet.details 
AA ? 4 ? 
AB ? 4 ? 
AC ? 2 ? 
BA ? 4 ? 
BB ? 4 ? 
BC ? 2 ? 
# 
loop_
_struct_sheet_order.sheet_id 
_struct_sheet_order.range_id_1 
_struct_sheet_order.range_id_2 
_struct_sheet_order.offset 
_struct_sheet_order.sense 
AA 1 2 ? anti-parallel 
AA 2 3 ? anti-parallel 
AA 3 4 ? parallel      
AB 1 2 ? anti-parallel 
AB 2 3 ? anti-parallel 
AB 3 4 ? anti-parallel 
AC 1 2 ? parallel      
BA 1 2 ? anti-parallel 
BA 2 3 ? anti-parallel 
BA 3 4 ? parallel      
BB 1 2 ? anti-parallel 
BB 2 3 ? anti-parallel 
BB 3 4 ? anti-parallel 
BC 1 2 ? parallel      
# 
loop_
_struct_sheet_range.sheet_id 
_struct_sheet_range.id 
_struct_sheet_range.beg_label_comp_id 
_struct_sheet_range.beg_label_asym_id 
_struct_sheet_range.beg_label_seq_id 
_struct_sheet_range.pdbx_beg_PDB_ins_code 
_struct_sheet_range.end_label_comp_id 
_struct_sheet_range.end_label_asym_id 
_struct_sheet_range.end_label_seq_id 
_struct_sheet_range.pdbx_end_PDB_ins_code 
_struct_sheet_range.beg_auth_comp_id 
_struct_sheet_range.beg_auth_asym_id 
_struct_sheet_range.beg_auth_seq_id 
_struct_sheet_range.end_auth_comp_id 
_struct_sheet_range.end_auth_asym_id 
_struct_sheet_range.end_auth_seq_id 
AA 1 GLU A 28 ? ASP A 35 ? GLU A 345 ASP A 352 
AA 2 GLU A 40 ? SER A 47 ? GLU A 357 SER A 364 
AA 3 VAL A 78 ? ARG A 86 ? VAL A 395 ARG A 403 
AA 4 ASN A 72 ? ARG A 73 ? ASN A 389 ARG A 390 
AB 1 GLU A 28 ? ASP A 35 ? GLU A 345 ASP A 352 
AB 2 GLU A 40 ? SER A 47 ? GLU A 357 SER A 364 
AB 3 VAL A 78 ? ARG A 86 ? VAL A 395 ARG A 403 
AB 4 PHE A 64 ? GLN A 68 ? PHE A 381 GLN A 385 
AC 1 ASN A 72 ? ARG A 73 ? ASN A 389 ARG A 390 
AC 2 VAL A 78 ? ARG A 86 ? VAL A 395 ARG A 403 
BA 1 GLU B 28 ? ASP B 35 ? GLU B 345 ASP B 352 
BA 2 GLU B 40 ? SER B 47 ? GLU B 357 SER B 364 
BA 3 VAL B 78 ? ARG B 86 ? VAL B 395 ARG B 403 
BA 4 ASN B 72 ? ARG B 73 ? ASN B 389 ARG B 390 
BB 1 GLU B 28 ? ASP B 35 ? GLU B 345 ASP B 352 
BB 2 GLU B 40 ? SER B 47 ? GLU B 357 SER B 364 
BB 3 VAL B 78 ? ARG B 86 ? VAL B 395 ARG B 403 
BB 4 PHE B 64 ? GLN B 68 ? PHE B 381 GLN B 385 
BC 1 ASN B 72 ? ARG B 73 ? ASN B 389 ARG B 390 
BC 2 VAL B 78 ? ARG B 86 ? VAL B 395 ARG B 403 
# 
loop_
_pdbx_struct_sheet_hbond.sheet_id 
_pdbx_struct_sheet_hbond.range_id_1 
_pdbx_struct_sheet_hbond.range_id_2 
_pdbx_struct_sheet_hbond.range_1_label_atom_id 
_pdbx_struct_sheet_hbond.range_1_label_comp_id 
_pdbx_struct_sheet_hbond.range_1_label_asym_id 
_pdbx_struct_sheet_hbond.range_1_label_seq_id 
_pdbx_struct_sheet_hbond.range_1_PDB_ins_code 
_pdbx_struct_sheet_hbond.range_1_auth_atom_id 
_pdbx_struct_sheet_hbond.range_1_auth_comp_id 
_pdbx_struct_sheet_hbond.range_1_auth_asym_id 
_pdbx_struct_sheet_hbond.range_1_auth_seq_id 
_pdbx_struct_sheet_hbond.range_2_label_atom_id 
_pdbx_struct_sheet_hbond.range_2_label_comp_id 
_pdbx_struct_sheet_hbond.range_2_label_asym_id 
_pdbx_struct_sheet_hbond.range_2_label_seq_id 
_pdbx_struct_sheet_hbond.range_2_PDB_ins_code 
_pdbx_struct_sheet_hbond.range_2_auth_atom_id 
_pdbx_struct_sheet_hbond.range_2_auth_comp_id 
_pdbx_struct_sheet_hbond.range_2_auth_asym_id 
_pdbx_struct_sheet_hbond.range_2_auth_seq_id 
AA 1 2 N ASP A 35 ? N ASP A 352 O GLU A 40 ? O GLU A 357 
AA 2 3 N SER A 47 ? N SER A 364 O VAL A 78 ? O VAL A 395 
AA 3 4 N MSE A 79 ? N MSE A 396 O ASN A 72 ? O ASN A 389 
AB 1 2 N ASP A 35 ? N ASP A 352 O GLU A 40 ? O GLU A 357 
AB 2 3 N SER A 47 ? N SER A 364 O VAL A 78 ? O VAL A 395 
AB 3 4 N LYS A 85 ? N LYS A 402 O ASN A 65 ? O ASN A 382 
AC 1 2 N ASN A 72 ? N ASN A 389 O MSE A 79 ? O MSE A 396 
BA 1 2 N ASP B 35 ? N ASP B 352 O GLU B 40 ? O GLU B 357 
BA 2 3 N SER B 47 ? N SER B 364 O VAL B 78 ? O VAL B 395 
BA 3 4 N MSE B 79 ? N MSE B 396 O ASN B 72 ? O ASN B 389 
BB 1 2 N ASP B 35 ? N ASP B 352 O GLU B 40 ? O GLU B 357 
BB 2 3 N SER B 47 ? N SER B 364 O VAL B 78 ? O VAL B 395 
BB 3 4 N LYS B 85 ? N LYS B 402 O ASN B 65 ? O ASN B 382 
BC 1 2 N ASN B 72 ? N ASN B 389 O MSE B 79 ? O MSE B 396 
# 
loop_
_struct_site.id 
_struct_site.pdbx_evidence_code 
_struct_site.pdbx_auth_asym_id 
_struct_site.pdbx_auth_comp_id 
_struct_site.pdbx_auth_seq_id 
_struct_site.pdbx_auth_ins_code 
_struct_site.pdbx_num_residues 
_struct_site.details 
AC1 Software A EDO 1405 ? 6 'BINDING SITE FOR RESIDUE EDO A 1405' 
AC2 Software B EDO 1405 ? 6 'BINDING SITE FOR RESIDUE EDO B 1405' 
AC3 Software A PO4 1406 ? 8 'BINDING SITE FOR RESIDUE PO4 A 1406' 
AC4 Software B PO4 1406 ? 6 'BINDING SITE FOR RESIDUE PO4 B 1406' 
# 
loop_
_struct_site_gen.id 
_struct_site_gen.site_id 
_struct_site_gen.pdbx_num_res 
_struct_site_gen.label_comp_id 
_struct_site_gen.label_asym_id 
_struct_site_gen.label_seq_id 
_struct_site_gen.pdbx_auth_ins_code 
_struct_site_gen.auth_comp_id 
_struct_site_gen.auth_asym_id 
_struct_site_gen.auth_seq_id 
_struct_site_gen.label_atom_id 
_struct_site_gen.label_alt_id 
_struct_site_gen.symmetry 
_struct_site_gen.details 
1  AC1 6 LEU A 21 ? LEU A 338  . ? 1_555 ? 
2  AC1 6 GLY A 22 ? GLY A 339  . ? 1_555 ? 
3  AC1 6 VAL A 24 ? VAL A 341  . ? 1_555 ? 
4  AC1 6 LEU A 27 ? LEU A 344  . ? 1_555 ? 
5  AC1 6 HOH G .  ? HOH A 2005 . ? 1_555 ? 
6  AC1 6 HOH G .  ? HOH A 2024 . ? 1_555 ? 
7  AC2 6 LEU B 21 ? LEU B 338  . ? 1_555 ? 
8  AC2 6 GLY B 22 ? GLY B 339  . ? 1_555 ? 
9  AC2 6 VAL B 24 ? VAL B 341  . ? 1_555 ? 
10 AC2 6 LEU B 27 ? LEU B 344  . ? 1_555 ? 
11 AC2 6 HOH H .  ? HOH B 2005 . ? 1_555 ? 
12 AC2 6 HOH H .  ? HOH B 2025 . ? 1_555 ? 
13 AC3 8 LYS A 33 ? LYS A 350  . ? 1_555 ? 
14 AC3 8 ARG A 42 ? ARG A 359  . ? 1_555 ? 
15 AC3 8 HOH G .  ? HOH A 2025 . ? 1_555 ? 
16 AC3 8 LYS B 33 ? LYS B 350  . ? 6_555 ? 
17 AC3 8 LYS B 33 ? LYS B 350  . ? 3_665 ? 
18 AC3 8 ARG B 42 ? ARG B 359  . ? 3_665 ? 
19 AC3 8 PO4 F .  ? PO4 B 1406 . ? 6_555 ? 
20 AC3 8 PO4 F .  ? PO4 B 1406 . ? 3_665 ? 
21 AC4 6 LYS A 33 ? LYS A 350  . ? 2_654 ? 
22 AC4 6 LYS A 33 ? LYS A 350  . ? 5_554 ? 
23 AC4 6 PO4 D .  ? PO4 A 1406 . ? 2_654 ? 
24 AC4 6 PO4 D .  ? PO4 A 1406 . ? 5_554 ? 
25 AC4 6 LYS B 33 ? LYS B 350  . ? 1_555 ? 
26 AC4 6 LYS B 33 ? LYS B 350  . ? 4_655 ? 
# 
_pdbx_entry_details.entry_id                   2W7V 
_pdbx_entry_details.compound_details           ? 
_pdbx_entry_details.source_details             ? 
_pdbx_entry_details.nonpolymer_details         ? 
_pdbx_entry_details.sequence_details           
;PERIPLASMIC DOMAIN SER319-GLN404, M318 IS A CLONING
ARTEFACT, THE C-TERMINAL HIS6-TAG SEQUENCE LEHHHHHH
ORIGINATES FROM THE VECTOR
;
_pdbx_entry_details.has_ligand_of_interest     ? 
_pdbx_entry_details.has_protein_modification   Y 
# 
loop_
_pdbx_validate_rmsd_angle.id 
_pdbx_validate_rmsd_angle.PDB_model_num 
_pdbx_validate_rmsd_angle.auth_atom_id_1 
_pdbx_validate_rmsd_angle.auth_asym_id_1 
_pdbx_validate_rmsd_angle.auth_comp_id_1 
_pdbx_validate_rmsd_angle.auth_seq_id_1 
_pdbx_validate_rmsd_angle.PDB_ins_code_1 
_pdbx_validate_rmsd_angle.label_alt_id_1 
_pdbx_validate_rmsd_angle.auth_atom_id_2 
_pdbx_validate_rmsd_angle.auth_asym_id_2 
_pdbx_validate_rmsd_angle.auth_comp_id_2 
_pdbx_validate_rmsd_angle.auth_seq_id_2 
_pdbx_validate_rmsd_angle.PDB_ins_code_2 
_pdbx_validate_rmsd_angle.label_alt_id_2 
_pdbx_validate_rmsd_angle.auth_atom_id_3 
_pdbx_validate_rmsd_angle.auth_asym_id_3 
_pdbx_validate_rmsd_angle.auth_comp_id_3 
_pdbx_validate_rmsd_angle.auth_seq_id_3 
_pdbx_validate_rmsd_angle.PDB_ins_code_3 
_pdbx_validate_rmsd_angle.label_alt_id_3 
_pdbx_validate_rmsd_angle.angle_value 
_pdbx_validate_rmsd_angle.angle_target_value 
_pdbx_validate_rmsd_angle.angle_deviation 
_pdbx_validate_rmsd_angle.angle_standard_deviation 
_pdbx_validate_rmsd_angle.linker_flag 
1 1 NE A ARG 374 ? ? CZ A ARG 374 ? ? NH1 A ARG 374 ? ? 124.03 120.30 3.73  0.50 N 
2 1 NE A ARG 374 ? ? CZ A ARG 374 ? ? NH2 A ARG 374 ? ? 115.77 120.30 -4.53 0.50 N 
3 1 NE B ARG 374 ? ? CZ B ARG 374 ? ? NH1 B ARG 374 ? ? 123.77 120.30 3.47  0.50 N 
4 1 NE B ARG 374 ? ? CZ B ARG 374 ? ? NH2 B ARG 374 ? ? 116.20 120.30 -4.10 0.50 N 
# 
loop_
_pdbx_struct_mod_residue.id 
_pdbx_struct_mod_residue.label_asym_id 
_pdbx_struct_mod_residue.label_comp_id 
_pdbx_struct_mod_residue.label_seq_id 
_pdbx_struct_mod_residue.auth_asym_id 
_pdbx_struct_mod_residue.auth_comp_id 
_pdbx_struct_mod_residue.auth_seq_id 
_pdbx_struct_mod_residue.PDB_ins_code 
_pdbx_struct_mod_residue.parent_comp_id 
_pdbx_struct_mod_residue.details 
1 A MSE 10 A MSE 327 ? MET SELENOMETHIONINE 
2 A MSE 79 A MSE 396 ? MET SELENOMETHIONINE 
3 B MSE 10 B MSE 327 ? MET SELENOMETHIONINE 
4 B MSE 79 B MSE 396 ? MET SELENOMETHIONINE 
# 
loop_
_pdbx_refine_tls.pdbx_refine_id 
_pdbx_refine_tls.id 
_pdbx_refine_tls.details 
_pdbx_refine_tls.method 
_pdbx_refine_tls.origin_x 
_pdbx_refine_tls.origin_y 
_pdbx_refine_tls.origin_z 
_pdbx_refine_tls.T[1][1] 
_pdbx_refine_tls.T[2][2] 
_pdbx_refine_tls.T[3][3] 
_pdbx_refine_tls.T[1][2] 
_pdbx_refine_tls.T[1][3] 
_pdbx_refine_tls.T[2][3] 
_pdbx_refine_tls.L[1][1] 
_pdbx_refine_tls.L[2][2] 
_pdbx_refine_tls.L[3][3] 
_pdbx_refine_tls.L[1][2] 
_pdbx_refine_tls.L[1][3] 
_pdbx_refine_tls.L[2][3] 
_pdbx_refine_tls.S[1][1] 
_pdbx_refine_tls.S[1][2] 
_pdbx_refine_tls.S[1][3] 
_pdbx_refine_tls.S[2][1] 
_pdbx_refine_tls.S[2][2] 
_pdbx_refine_tls.S[2][3] 
_pdbx_refine_tls.S[3][1] 
_pdbx_refine_tls.S[3][2] 
_pdbx_refine_tls.S[3][3] 
'X-RAY DIFFRACTION' 1  ? refined 8.1905   -0.1417  -24.2072 0.3026 0.1981 0.3088 -0.0304 0.0550  -0.1141 64.8179 60.9758 34.0441 22.0433  -12.0287 -14.8842 0.5946  -0.3161 -3.5295 -3.3071 -0.0140 -3.2608 -0.5179 2.5880  -0.5806 
'X-RAY DIFFRACTION' 2  ? refined -3.4224  2.4630   -20.4339 0.2264 0.5740 0.1839 -0.0747 -0.1436 0.1659  13.7387 7.0214  5.3654  -4.5606  -8.3230  1.4284   -0.9837 -1.6880 -0.1543 -0.0279 0.6434  0.0883  -0.4050 1.9005  0.3403  
'X-RAY DIFFRACTION' 3  ? refined -7.8339  10.7125  -11.0578 0.3638 0.2522 0.2762 0.1006  -0.0873 0.0729  16.8650 8.3640  18.1826 6.7159   -9.0868  -4.5260  0.2915  0.6081  0.5236  0.0830  0.0042  1.0402  -0.7153 -0.8266 -0.2956 
'X-RAY DIFFRACTION' 4  ? refined 9.9996   4.8860   -18.1711 0.1255 0.3041 0.3184 0.0050  -0.0514 0.1583  23.5295 32.0719 37.4529 -10.8918 -19.4364 -9.4427  -0.8960 -1.8396 -0.4267 0.2590  -0.1958 -1.9951 0.5964  2.5597  1.0918  
'X-RAY DIFFRACTION' 5  ? refined -4.9246  6.6636   -5.7361  0.2296 0.2793 0.2029 0.0160  -0.0506 0.1168  5.3157  6.3495  10.4605 -1.5729  -3.8290  1.4967   0.2755  -0.4664 0.1190  0.0222  -0.0492 0.1894  -0.1864 -0.3075 -0.2263 
'X-RAY DIFFRACTION' 6  ? refined -1.3477  -2.9425  -11.8846 0.2718 0.1875 0.2680 0.0246  -0.0216 0.0656  1.9768  10.3491 28.4671 0.4293   -6.7057  6.2021   -0.1149 1.2302  -0.5092 -0.0561 -0.4560 0.1241  0.8824  -0.2571 0.5709  
'X-RAY DIFFRACTION' 7  ? refined -2.2046  11.9544  1.4973   0.4671 0.2474 0.1675 -0.0193 0.0077  0.0798  13.6500 51.5485 11.9770 -16.0479 -5.5213  17.3140  0.0053  -0.7599 0.7811  0.9594  0.2718  -0.2300 -0.8578 -0.0272 -0.2771 
'X-RAY DIFFRACTION' 8  ? refined 2.6759   1.9403   -10.8366 0.4428 0.3076 0.3275 -0.0176 -0.0346 0.2203  14.6253 22.2633 26.5913 -7.3882  -6.7144  15.3210  0.3903  -0.0800 -0.4490 -0.4647 -0.3162 -0.7076 0.5272  0.4705  -0.0742 
'X-RAY DIFFRACTION' 9  ? refined 11.0805  -19.2334 12.6586  0.1841 0.2232 0.3481 -0.0198 0.0353  -0.0286 56.3318 64.3885 33.9033 9.8339   -2.6844  0.3044   -0.9066 0.2533  -4.4618 -2.9347 1.4866  -0.6121 1.1273  1.7711  -0.5800 
'X-RAY DIFFRACTION' 10 ? refined 9.3890   -8.4660  17.2934  0.6470 0.2379 0.0799 -0.0944 -0.1143 0.0258  8.0170  15.4133 1.2481  -6.0690  -2.5360  -0.2765  1.1821  -0.2690 -0.6499 -2.9829 -0.7082 0.2607  -0.0449 -0.6663 -0.4739 
'X-RAY DIFFRACTION' 11 ? refined -1.8755  -0.6143  17.0732  0.2965 0.4153 0.1125 -0.0002 0.0605  0.0076  9.8454  25.8319 11.0225 4.1963   2.5351   -7.1945  0.0779  -0.7340 0.5473  0.2509  -0.0852 0.3758  -0.5386 0.1599  0.0074  
'X-RAY DIFFRACTION' 12 ? refined 3.4768   -18.4381 10.0849  0.4122 0.2008 0.1615 -0.0779 0.0430  -0.0423 16.4597 40.6828 26.9439 -13.1838 -9.7884  -10.3310 0.1366  1.1144  -1.3063 -2.7940 -0.4898 0.2740  1.1088  -0.6426 0.3532  
'X-RAY DIFFRACTION' 13 ? refined -1.9808  0.2877   9.8753   0.3283 0.2631 0.0921 -0.0539 -0.0088 0.0039  8.2077  9.1156  5.4832  -4.9962  0.3023   -1.3743  -0.3071 -0.0530 0.1601  0.1851  0.1567  0.4065  -0.5726 0.0226  0.1504  
'X-RAY DIFFRACTION' 14 ? refined 8.7191   -4.4737  7.4729   0.2336 0.2786 0.1704 0.0146  0.0697  0.0115  17.6719 15.6796 15.8855 -9.9673  5.2376   -14.1567 -0.2625 0.2295  0.4681  0.2972  0.0163  -1.3557 0.6494  1.0876  0.2463  
'X-RAY DIFFRACTION' 15 ? refined -10.5463 0.8919   6.1524   0.3070 0.3591 0.2704 0.0104  0.0288  0.1813  43.3542 13.3545 14.2189 -15.9127 -16.2859 9.4334   -0.1511 0.0223  -0.5119 -0.1264 0.0131  1.4298  -0.7086 -0.9462 0.1380  
'X-RAY DIFFRACTION' 16 ? refined 3.4235   -8.0524  7.1913   0.4726 0.4197 0.1974 -0.0849 0.0527  0.1512  32.1022 18.4757 11.1085 -14.1545 0.0705   1.9552   -0.2754 0.7847  -0.3677 -0.5033 -0.0084 -0.1795 0.4505  0.6569  0.2838  
# 
loop_
_pdbx_refine_tls_group.pdbx_refine_id 
_pdbx_refine_tls_group.id 
_pdbx_refine_tls_group.refine_tls_id 
_pdbx_refine_tls_group.beg_auth_asym_id 
_pdbx_refine_tls_group.beg_auth_seq_id 
_pdbx_refine_tls_group.beg_label_asym_id 
_pdbx_refine_tls_group.beg_label_seq_id 
_pdbx_refine_tls_group.end_auth_asym_id 
_pdbx_refine_tls_group.end_auth_seq_id 
_pdbx_refine_tls_group.end_label_asym_id 
_pdbx_refine_tls_group.end_label_seq_id 
_pdbx_refine_tls_group.selection 
_pdbx_refine_tls_group.selection_details 
'X-RAY DIFFRACTION' 1  1  A 322 ? ? A 327 ? ? ? ? 
'X-RAY DIFFRACTION' 2  2  A 328 ? ? A 338 ? ? ? ? 
'X-RAY DIFFRACTION' 3  3  A 339 ? ? A 349 ? ? ? ? 
'X-RAY DIFFRACTION' 4  4  A 350 ? ? A 357 ? ? ? ? 
'X-RAY DIFFRACTION' 5  5  A 358 ? ? A 376 ? ? ? ? 
'X-RAY DIFFRACTION' 6  6  A 377 ? ? A 384 ? ? ? ? 
'X-RAY DIFFRACTION' 7  7  A 385 ? ? A 395 ? ? ? ? 
'X-RAY DIFFRACTION' 8  8  A 396 ? ? A 404 ? ? ? ? 
'X-RAY DIFFRACTION' 9  9  B 322 ? ? B 327 ? ? ? ? 
'X-RAY DIFFRACTION' 10 10 B 328 ? ? B 337 ? ? ? ? 
'X-RAY DIFFRACTION' 11 11 B 338 ? ? B 349 ? ? ? ? 
'X-RAY DIFFRACTION' 12 12 B 350 ? ? B 357 ? ? ? ? 
'X-RAY DIFFRACTION' 13 13 B 358 ? ? B 376 ? ? ? ? 
'X-RAY DIFFRACTION' 14 14 B 377 ? ? B 384 ? ? ? ? 
'X-RAY DIFFRACTION' 15 15 B 385 ? ? B 395 ? ? ? ? 
'X-RAY DIFFRACTION' 16 16 B 396 ? ? B 404 ? ? ? ? 
# 
loop_
_pdbx_unobs_or_zero_occ_residues.id 
_pdbx_unobs_or_zero_occ_residues.PDB_model_num 
_pdbx_unobs_or_zero_occ_residues.polymer_flag 
_pdbx_unobs_or_zero_occ_residues.occupancy_flag 
_pdbx_unobs_or_zero_occ_residues.auth_asym_id 
_pdbx_unobs_or_zero_occ_residues.auth_comp_id 
_pdbx_unobs_or_zero_occ_residues.auth_seq_id 
_pdbx_unobs_or_zero_occ_residues.PDB_ins_code 
_pdbx_unobs_or_zero_occ_residues.label_asym_id 
_pdbx_unobs_or_zero_occ_residues.label_comp_id 
_pdbx_unobs_or_zero_occ_residues.label_seq_id 
1  1 Y 1 A MSE 318 ? A MSE 1  
2  1 Y 1 A SER 319 ? A SER 2  
3  1 Y 1 A GLY 320 ? A GLY 3  
4  1 Y 1 A GLY 321 ? A GLY 4  
5  1 Y 1 A ASP 392 ? A ASP 75 
6  1 Y 1 A LEU 405 ? A LEU 88 
7  1 Y 1 A GLU 406 ? A GLU 89 
8  1 Y 1 A HIS 407 ? A HIS 90 
9  1 Y 1 A HIS 408 ? A HIS 91 
10 1 Y 1 A HIS 409 ? A HIS 92 
11 1 Y 1 A HIS 410 ? A HIS 93 
12 1 Y 1 A HIS 411 ? A HIS 94 
13 1 Y 1 A HIS 412 ? A HIS 95 
14 1 Y 1 B MSE 318 ? B MSE 1  
15 1 Y 1 B SER 319 ? B SER 2  
16 1 Y 1 B GLY 320 ? B GLY 3  
17 1 Y 1 B GLY 321 ? B GLY 4  
18 1 Y 1 B ASP 392 ? B ASP 75 
19 1 Y 1 B LEU 405 ? B LEU 88 
20 1 Y 1 B GLU 406 ? B GLU 89 
21 1 Y 1 B HIS 407 ? B HIS 90 
22 1 Y 1 B HIS 408 ? B HIS 91 
23 1 Y 1 B HIS 409 ? B HIS 92 
24 1 Y 1 B HIS 410 ? B HIS 93 
25 1 Y 1 B HIS 411 ? B HIS 94 
26 1 Y 1 B HIS 412 ? B HIS 95 
# 
loop_
_chem_comp_atom.comp_id 
_chem_comp_atom.atom_id 
_chem_comp_atom.type_symbol 
_chem_comp_atom.pdbx_aromatic_flag 
_chem_comp_atom.pdbx_stereo_config 
_chem_comp_atom.pdbx_ordinal 
ALA N    N  N N 1   
ALA CA   C  N S 2   
ALA C    C  N N 3   
ALA O    O  N N 4   
ALA CB   C  N N 5   
ALA OXT  O  N N 6   
ALA H    H  N N 7   
ALA H2   H  N N 8   
ALA HA   H  N N 9   
ALA HB1  H  N N 10  
ALA HB2  H  N N 11  
ALA HB3  H  N N 12  
ALA HXT  H  N N 13  
ARG N    N  N N 14  
ARG CA   C  N S 15  
ARG C    C  N N 16  
ARG O    O  N N 17  
ARG CB   C  N N 18  
ARG CG   C  N N 19  
ARG CD   C  N N 20  
ARG NE   N  N N 21  
ARG CZ   C  N N 22  
ARG NH1  N  N N 23  
ARG NH2  N  N N 24  
ARG OXT  O  N N 25  
ARG H    H  N N 26  
ARG H2   H  N N 27  
ARG HA   H  N N 28  
ARG HB2  H  N N 29  
ARG HB3  H  N N 30  
ARG HG2  H  N N 31  
ARG HG3  H  N N 32  
ARG HD2  H  N N 33  
ARG HD3  H  N N 34  
ARG HE   H  N N 35  
ARG HH11 H  N N 36  
ARG HH12 H  N N 37  
ARG HH21 H  N N 38  
ARG HH22 H  N N 39  
ARG HXT  H  N N 40  
ASN N    N  N N 41  
ASN CA   C  N S 42  
ASN C    C  N N 43  
ASN O    O  N N 44  
ASN CB   C  N N 45  
ASN CG   C  N N 46  
ASN OD1  O  N N 47  
ASN ND2  N  N N 48  
ASN OXT  O  N N 49  
ASN H    H  N N 50  
ASN H2   H  N N 51  
ASN HA   H  N N 52  
ASN HB2  H  N N 53  
ASN HB3  H  N N 54  
ASN HD21 H  N N 55  
ASN HD22 H  N N 56  
ASN HXT  H  N N 57  
ASP N    N  N N 58  
ASP CA   C  N S 59  
ASP C    C  N N 60  
ASP O    O  N N 61  
ASP CB   C  N N 62  
ASP CG   C  N N 63  
ASP OD1  O  N N 64  
ASP OD2  O  N N 65  
ASP OXT  O  N N 66  
ASP H    H  N N 67  
ASP H2   H  N N 68  
ASP HA   H  N N 69  
ASP HB2  H  N N 70  
ASP HB3  H  N N 71  
ASP HD2  H  N N 72  
ASP HXT  H  N N 73  
EDO C1   C  N N 74  
EDO O1   O  N N 75  
EDO C2   C  N N 76  
EDO O2   O  N N 77  
EDO H11  H  N N 78  
EDO H12  H  N N 79  
EDO HO1  H  N N 80  
EDO H21  H  N N 81  
EDO H22  H  N N 82  
EDO HO2  H  N N 83  
GLN N    N  N N 84  
GLN CA   C  N S 85  
GLN C    C  N N 86  
GLN O    O  N N 87  
GLN CB   C  N N 88  
GLN CG   C  N N 89  
GLN CD   C  N N 90  
GLN OE1  O  N N 91  
GLN NE2  N  N N 92  
GLN OXT  O  N N 93  
GLN H    H  N N 94  
GLN H2   H  N N 95  
GLN HA   H  N N 96  
GLN HB2  H  N N 97  
GLN HB3  H  N N 98  
GLN HG2  H  N N 99  
GLN HG3  H  N N 100 
GLN HE21 H  N N 101 
GLN HE22 H  N N 102 
GLN HXT  H  N N 103 
GLU N    N  N N 104 
GLU CA   C  N S 105 
GLU C    C  N N 106 
GLU O    O  N N 107 
GLU CB   C  N N 108 
GLU CG   C  N N 109 
GLU CD   C  N N 110 
GLU OE1  O  N N 111 
GLU OE2  O  N N 112 
GLU OXT  O  N N 113 
GLU H    H  N N 114 
GLU H2   H  N N 115 
GLU HA   H  N N 116 
GLU HB2  H  N N 117 
GLU HB3  H  N N 118 
GLU HG2  H  N N 119 
GLU HG3  H  N N 120 
GLU HE2  H  N N 121 
GLU HXT  H  N N 122 
GLY N    N  N N 123 
GLY CA   C  N N 124 
GLY C    C  N N 125 
GLY O    O  N N 126 
GLY OXT  O  N N 127 
GLY H    H  N N 128 
GLY H2   H  N N 129 
GLY HA2  H  N N 130 
GLY HA3  H  N N 131 
GLY HXT  H  N N 132 
HIS N    N  N N 133 
HIS CA   C  N S 134 
HIS C    C  N N 135 
HIS O    O  N N 136 
HIS CB   C  N N 137 
HIS CG   C  Y N 138 
HIS ND1  N  Y N 139 
HIS CD2  C  Y N 140 
HIS CE1  C  Y N 141 
HIS NE2  N  Y N 142 
HIS OXT  O  N N 143 
HIS H    H  N N 144 
HIS H2   H  N N 145 
HIS HA   H  N N 146 
HIS HB2  H  N N 147 
HIS HB3  H  N N 148 
HIS HD1  H  N N 149 
HIS HD2  H  N N 150 
HIS HE1  H  N N 151 
HIS HE2  H  N N 152 
HIS HXT  H  N N 153 
HOH O    O  N N 154 
HOH H1   H  N N 155 
HOH H2   H  N N 156 
ILE N    N  N N 157 
ILE CA   C  N S 158 
ILE C    C  N N 159 
ILE O    O  N N 160 
ILE CB   C  N S 161 
ILE CG1  C  N N 162 
ILE CG2  C  N N 163 
ILE CD1  C  N N 164 
ILE OXT  O  N N 165 
ILE H    H  N N 166 
ILE H2   H  N N 167 
ILE HA   H  N N 168 
ILE HB   H  N N 169 
ILE HG12 H  N N 170 
ILE HG13 H  N N 171 
ILE HG21 H  N N 172 
ILE HG22 H  N N 173 
ILE HG23 H  N N 174 
ILE HD11 H  N N 175 
ILE HD12 H  N N 176 
ILE HD13 H  N N 177 
ILE HXT  H  N N 178 
LEU N    N  N N 179 
LEU CA   C  N S 180 
LEU C    C  N N 181 
LEU O    O  N N 182 
LEU CB   C  N N 183 
LEU CG   C  N N 184 
LEU CD1  C  N N 185 
LEU CD2  C  N N 186 
LEU OXT  O  N N 187 
LEU H    H  N N 188 
LEU H2   H  N N 189 
LEU HA   H  N N 190 
LEU HB2  H  N N 191 
LEU HB3  H  N N 192 
LEU HG   H  N N 193 
LEU HD11 H  N N 194 
LEU HD12 H  N N 195 
LEU HD13 H  N N 196 
LEU HD21 H  N N 197 
LEU HD22 H  N N 198 
LEU HD23 H  N N 199 
LEU HXT  H  N N 200 
LYS N    N  N N 201 
LYS CA   C  N S 202 
LYS C    C  N N 203 
LYS O    O  N N 204 
LYS CB   C  N N 205 
LYS CG   C  N N 206 
LYS CD   C  N N 207 
LYS CE   C  N N 208 
LYS NZ   N  N N 209 
LYS OXT  O  N N 210 
LYS H    H  N N 211 
LYS H2   H  N N 212 
LYS HA   H  N N 213 
LYS HB2  H  N N 214 
LYS HB3  H  N N 215 
LYS HG2  H  N N 216 
LYS HG3  H  N N 217 
LYS HD2  H  N N 218 
LYS HD3  H  N N 219 
LYS HE2  H  N N 220 
LYS HE3  H  N N 221 
LYS HZ1  H  N N 222 
LYS HZ2  H  N N 223 
LYS HZ3  H  N N 224 
LYS HXT  H  N N 225 
MSE N    N  N N 226 
MSE CA   C  N S 227 
MSE C    C  N N 228 
MSE O    O  N N 229 
MSE OXT  O  N N 230 
MSE CB   C  N N 231 
MSE CG   C  N N 232 
MSE SE   SE N N 233 
MSE CE   C  N N 234 
MSE H    H  N N 235 
MSE H2   H  N N 236 
MSE HA   H  N N 237 
MSE HXT  H  N N 238 
MSE HB2  H  N N 239 
MSE HB3  H  N N 240 
MSE HG2  H  N N 241 
MSE HG3  H  N N 242 
MSE HE1  H  N N 243 
MSE HE2  H  N N 244 
MSE HE3  H  N N 245 
PHE N    N  N N 246 
PHE CA   C  N S 247 
PHE C    C  N N 248 
PHE O    O  N N 249 
PHE CB   C  N N 250 
PHE CG   C  Y N 251 
PHE CD1  C  Y N 252 
PHE CD2  C  Y N 253 
PHE CE1  C  Y N 254 
PHE CE2  C  Y N 255 
PHE CZ   C  Y N 256 
PHE OXT  O  N N 257 
PHE H    H  N N 258 
PHE H2   H  N N 259 
PHE HA   H  N N 260 
PHE HB2  H  N N 261 
PHE HB3  H  N N 262 
PHE HD1  H  N N 263 
PHE HD2  H  N N 264 
PHE HE1  H  N N 265 
PHE HE2  H  N N 266 
PHE HZ   H  N N 267 
PHE HXT  H  N N 268 
PO4 P    P  N N 269 
PO4 O1   O  N N 270 
PO4 O2   O  N N 271 
PO4 O3   O  N N 272 
PO4 O4   O  N N 273 
PRO N    N  N N 274 
PRO CA   C  N S 275 
PRO C    C  N N 276 
PRO O    O  N N 277 
PRO CB   C  N N 278 
PRO CG   C  N N 279 
PRO CD   C  N N 280 
PRO OXT  O  N N 281 
PRO H    H  N N 282 
PRO HA   H  N N 283 
PRO HB2  H  N N 284 
PRO HB3  H  N N 285 
PRO HG2  H  N N 286 
PRO HG3  H  N N 287 
PRO HD2  H  N N 288 
PRO HD3  H  N N 289 
PRO HXT  H  N N 290 
SER N    N  N N 291 
SER CA   C  N S 292 
SER C    C  N N 293 
SER O    O  N N 294 
SER CB   C  N N 295 
SER OG   O  N N 296 
SER OXT  O  N N 297 
SER H    H  N N 298 
SER H2   H  N N 299 
SER HA   H  N N 300 
SER HB2  H  N N 301 
SER HB3  H  N N 302 
SER HG   H  N N 303 
SER HXT  H  N N 304 
THR N    N  N N 305 
THR CA   C  N S 306 
THR C    C  N N 307 
THR O    O  N N 308 
THR CB   C  N R 309 
THR OG1  O  N N 310 
THR CG2  C  N N 311 
THR OXT  O  N N 312 
THR H    H  N N 313 
THR H2   H  N N 314 
THR HA   H  N N 315 
THR HB   H  N N 316 
THR HG1  H  N N 317 
THR HG21 H  N N 318 
THR HG22 H  N N 319 
THR HG23 H  N N 320 
THR HXT  H  N N 321 
TRP N    N  N N 322 
TRP CA   C  N S 323 
TRP C    C  N N 324 
TRP O    O  N N 325 
TRP CB   C  N N 326 
TRP CG   C  Y N 327 
TRP CD1  C  Y N 328 
TRP CD2  C  Y N 329 
TRP NE1  N  Y N 330 
TRP CE2  C  Y N 331 
TRP CE3  C  Y N 332 
TRP CZ2  C  Y N 333 
TRP CZ3  C  Y N 334 
TRP CH2  C  Y N 335 
TRP OXT  O  N N 336 
TRP H    H  N N 337 
TRP H2   H  N N 338 
TRP HA   H  N N 339 
TRP HB2  H  N N 340 
TRP HB3  H  N N 341 
TRP HD1  H  N N 342 
TRP HE1  H  N N 343 
TRP HE3  H  N N 344 
TRP HZ2  H  N N 345 
TRP HZ3  H  N N 346 
TRP HH2  H  N N 347 
TRP HXT  H  N N 348 
TYR N    N  N N 349 
TYR CA   C  N S 350 
TYR C    C  N N 351 
TYR O    O  N N 352 
TYR CB   C  N N 353 
TYR CG   C  Y N 354 
TYR CD1  C  Y N 355 
TYR CD2  C  Y N 356 
TYR CE1  C  Y N 357 
TYR CE2  C  Y N 358 
TYR CZ   C  Y N 359 
TYR OH   O  N N 360 
TYR OXT  O  N N 361 
TYR H    H  N N 362 
TYR H2   H  N N 363 
TYR HA   H  N N 364 
TYR HB2  H  N N 365 
TYR HB3  H  N N 366 
TYR HD1  H  N N 367 
TYR HD2  H  N N 368 
TYR HE1  H  N N 369 
TYR HE2  H  N N 370 
TYR HH   H  N N 371 
TYR HXT  H  N N 372 
VAL N    N  N N 373 
VAL CA   C  N S 374 
VAL C    C  N N 375 
VAL O    O  N N 376 
VAL CB   C  N N 377 
VAL CG1  C  N N 378 
VAL CG2  C  N N 379 
VAL OXT  O  N N 380 
VAL H    H  N N 381 
VAL H2   H  N N 382 
VAL HA   H  N N 383 
VAL HB   H  N N 384 
VAL HG11 H  N N 385 
VAL HG12 H  N N 386 
VAL HG13 H  N N 387 
VAL HG21 H  N N 388 
VAL HG22 H  N N 389 
VAL HG23 H  N N 390 
VAL HXT  H  N N 391 
# 
loop_
_chem_comp_bond.comp_id 
_chem_comp_bond.atom_id_1 
_chem_comp_bond.atom_id_2 
_chem_comp_bond.value_order 
_chem_comp_bond.pdbx_aromatic_flag 
_chem_comp_bond.pdbx_stereo_config 
_chem_comp_bond.pdbx_ordinal 
ALA N   CA   sing N N 1   
ALA N   H    sing N N 2   
ALA N   H2   sing N N 3   
ALA CA  C    sing N N 4   
ALA CA  CB   sing N N 5   
ALA CA  HA   sing N N 6   
ALA C   O    doub N N 7   
ALA C   OXT  sing N N 8   
ALA CB  HB1  sing N N 9   
ALA CB  HB2  sing N N 10  
ALA CB  HB3  sing N N 11  
ALA OXT HXT  sing N N 12  
ARG N   CA   sing N N 13  
ARG N   H    sing N N 14  
ARG N   H2   sing N N 15  
ARG CA  C    sing N N 16  
ARG CA  CB   sing N N 17  
ARG CA  HA   sing N N 18  
ARG C   O    doub N N 19  
ARG C   OXT  sing N N 20  
ARG CB  CG   sing N N 21  
ARG CB  HB2  sing N N 22  
ARG CB  HB3  sing N N 23  
ARG CG  CD   sing N N 24  
ARG CG  HG2  sing N N 25  
ARG CG  HG3  sing N N 26  
ARG CD  NE   sing N N 27  
ARG CD  HD2  sing N N 28  
ARG CD  HD3  sing N N 29  
ARG NE  CZ   sing N N 30  
ARG NE  HE   sing N N 31  
ARG CZ  NH1  sing N N 32  
ARG CZ  NH2  doub N N 33  
ARG NH1 HH11 sing N N 34  
ARG NH1 HH12 sing N N 35  
ARG NH2 HH21 sing N N 36  
ARG NH2 HH22 sing N N 37  
ARG OXT HXT  sing N N 38  
ASN N   CA   sing N N 39  
ASN N   H    sing N N 40  
ASN N   H2   sing N N 41  
ASN CA  C    sing N N 42  
ASN CA  CB   sing N N 43  
ASN CA  HA   sing N N 44  
ASN C   O    doub N N 45  
ASN C   OXT  sing N N 46  
ASN CB  CG   sing N N 47  
ASN CB  HB2  sing N N 48  
ASN CB  HB3  sing N N 49  
ASN CG  OD1  doub N N 50  
ASN CG  ND2  sing N N 51  
ASN ND2 HD21 sing N N 52  
ASN ND2 HD22 sing N N 53  
ASN OXT HXT  sing N N 54  
ASP N   CA   sing N N 55  
ASP N   H    sing N N 56  
ASP N   H2   sing N N 57  
ASP CA  C    sing N N 58  
ASP CA  CB   sing N N 59  
ASP CA  HA   sing N N 60  
ASP C   O    doub N N 61  
ASP C   OXT  sing N N 62  
ASP CB  CG   sing N N 63  
ASP CB  HB2  sing N N 64  
ASP CB  HB3  sing N N 65  
ASP CG  OD1  doub N N 66  
ASP CG  OD2  sing N N 67  
ASP OD2 HD2  sing N N 68  
ASP OXT HXT  sing N N 69  
EDO C1  O1   sing N N 70  
EDO C1  C2   sing N N 71  
EDO C1  H11  sing N N 72  
EDO C1  H12  sing N N 73  
EDO O1  HO1  sing N N 74  
EDO C2  O2   sing N N 75  
EDO C2  H21  sing N N 76  
EDO C2  H22  sing N N 77  
EDO O2  HO2  sing N N 78  
GLN N   CA   sing N N 79  
GLN N   H    sing N N 80  
GLN N   H2   sing N N 81  
GLN CA  C    sing N N 82  
GLN CA  CB   sing N N 83  
GLN CA  HA   sing N N 84  
GLN C   O    doub N N 85  
GLN C   OXT  sing N N 86  
GLN CB  CG   sing N N 87  
GLN CB  HB2  sing N N 88  
GLN CB  HB3  sing N N 89  
GLN CG  CD   sing N N 90  
GLN CG  HG2  sing N N 91  
GLN CG  HG3  sing N N 92  
GLN CD  OE1  doub N N 93  
GLN CD  NE2  sing N N 94  
GLN NE2 HE21 sing N N 95  
GLN NE2 HE22 sing N N 96  
GLN OXT HXT  sing N N 97  
GLU N   CA   sing N N 98  
GLU N   H    sing N N 99  
GLU N   H2   sing N N 100 
GLU CA  C    sing N N 101 
GLU CA  CB   sing N N 102 
GLU CA  HA   sing N N 103 
GLU C   O    doub N N 104 
GLU C   OXT  sing N N 105 
GLU CB  CG   sing N N 106 
GLU CB  HB2  sing N N 107 
GLU CB  HB3  sing N N 108 
GLU CG  CD   sing N N 109 
GLU CG  HG2  sing N N 110 
GLU CG  HG3  sing N N 111 
GLU CD  OE1  doub N N 112 
GLU CD  OE2  sing N N 113 
GLU OE2 HE2  sing N N 114 
GLU OXT HXT  sing N N 115 
GLY N   CA   sing N N 116 
GLY N   H    sing N N 117 
GLY N   H2   sing N N 118 
GLY CA  C    sing N N 119 
GLY CA  HA2  sing N N 120 
GLY CA  HA3  sing N N 121 
GLY C   O    doub N N 122 
GLY C   OXT  sing N N 123 
GLY OXT HXT  sing N N 124 
HIS N   CA   sing N N 125 
HIS N   H    sing N N 126 
HIS N   H2   sing N N 127 
HIS CA  C    sing N N 128 
HIS CA  CB   sing N N 129 
HIS CA  HA   sing N N 130 
HIS C   O    doub N N 131 
HIS C   OXT  sing N N 132 
HIS CB  CG   sing N N 133 
HIS CB  HB2  sing N N 134 
HIS CB  HB3  sing N N 135 
HIS CG  ND1  sing Y N 136 
HIS CG  CD2  doub Y N 137 
HIS ND1 CE1  doub Y N 138 
HIS ND1 HD1  sing N N 139 
HIS CD2 NE2  sing Y N 140 
HIS CD2 HD2  sing N N 141 
HIS CE1 NE2  sing Y N 142 
HIS CE1 HE1  sing N N 143 
HIS NE2 HE2  sing N N 144 
HIS OXT HXT  sing N N 145 
HOH O   H1   sing N N 146 
HOH O   H2   sing N N 147 
ILE N   CA   sing N N 148 
ILE N   H    sing N N 149 
ILE N   H2   sing N N 150 
ILE CA  C    sing N N 151 
ILE CA  CB   sing N N 152 
ILE CA  HA   sing N N 153 
ILE C   O    doub N N 154 
ILE C   OXT  sing N N 155 
ILE CB  CG1  sing N N 156 
ILE CB  CG2  sing N N 157 
ILE CB  HB   sing N N 158 
ILE CG1 CD1  sing N N 159 
ILE CG1 HG12 sing N N 160 
ILE CG1 HG13 sing N N 161 
ILE CG2 HG21 sing N N 162 
ILE CG2 HG22 sing N N 163 
ILE CG2 HG23 sing N N 164 
ILE CD1 HD11 sing N N 165 
ILE CD1 HD12 sing N N 166 
ILE CD1 HD13 sing N N 167 
ILE OXT HXT  sing N N 168 
LEU N   CA   sing N N 169 
LEU N   H    sing N N 170 
LEU N   H2   sing N N 171 
LEU CA  C    sing N N 172 
LEU CA  CB   sing N N 173 
LEU CA  HA   sing N N 174 
LEU C   O    doub N N 175 
LEU C   OXT  sing N N 176 
LEU CB  CG   sing N N 177 
LEU CB  HB2  sing N N 178 
LEU CB  HB3  sing N N 179 
LEU CG  CD1  sing N N 180 
LEU CG  CD2  sing N N 181 
LEU CG  HG   sing N N 182 
LEU CD1 HD11 sing N N 183 
LEU CD1 HD12 sing N N 184 
LEU CD1 HD13 sing N N 185 
LEU CD2 HD21 sing N N 186 
LEU CD2 HD22 sing N N 187 
LEU CD2 HD23 sing N N 188 
LEU OXT HXT  sing N N 189 
LYS N   CA   sing N N 190 
LYS N   H    sing N N 191 
LYS N   H2   sing N N 192 
LYS CA  C    sing N N 193 
LYS CA  CB   sing N N 194 
LYS CA  HA   sing N N 195 
LYS C   O    doub N N 196 
LYS C   OXT  sing N N 197 
LYS CB  CG   sing N N 198 
LYS CB  HB2  sing N N 199 
LYS CB  HB3  sing N N 200 
LYS CG  CD   sing N N 201 
LYS CG  HG2  sing N N 202 
LYS CG  HG3  sing N N 203 
LYS CD  CE   sing N N 204 
LYS CD  HD2  sing N N 205 
LYS CD  HD3  sing N N 206 
LYS CE  NZ   sing N N 207 
LYS CE  HE2  sing N N 208 
LYS CE  HE3  sing N N 209 
LYS NZ  HZ1  sing N N 210 
LYS NZ  HZ2  sing N N 211 
LYS NZ  HZ3  sing N N 212 
LYS OXT HXT  sing N N 213 
MSE N   CA   sing N N 214 
MSE N   H    sing N N 215 
MSE N   H2   sing N N 216 
MSE CA  C    sing N N 217 
MSE CA  CB   sing N N 218 
MSE CA  HA   sing N N 219 
MSE C   O    doub N N 220 
MSE C   OXT  sing N N 221 
MSE OXT HXT  sing N N 222 
MSE CB  CG   sing N N 223 
MSE CB  HB2  sing N N 224 
MSE CB  HB3  sing N N 225 
MSE CG  SE   sing N N 226 
MSE CG  HG2  sing N N 227 
MSE CG  HG3  sing N N 228 
MSE SE  CE   sing N N 229 
MSE CE  HE1  sing N N 230 
MSE CE  HE2  sing N N 231 
MSE CE  HE3  sing N N 232 
PHE N   CA   sing N N 233 
PHE N   H    sing N N 234 
PHE N   H2   sing N N 235 
PHE CA  C    sing N N 236 
PHE CA  CB   sing N N 237 
PHE CA  HA   sing N N 238 
PHE C   O    doub N N 239 
PHE C   OXT  sing N N 240 
PHE CB  CG   sing N N 241 
PHE CB  HB2  sing N N 242 
PHE CB  HB3  sing N N 243 
PHE CG  CD1  doub Y N 244 
PHE CG  CD2  sing Y N 245 
PHE CD1 CE1  sing Y N 246 
PHE CD1 HD1  sing N N 247 
PHE CD2 CE2  doub Y N 248 
PHE CD2 HD2  sing N N 249 
PHE CE1 CZ   doub Y N 250 
PHE CE1 HE1  sing N N 251 
PHE CE2 CZ   sing Y N 252 
PHE CE2 HE2  sing N N 253 
PHE CZ  HZ   sing N N 254 
PHE OXT HXT  sing N N 255 
PO4 P   O1   doub N N 256 
PO4 P   O2   sing N N 257 
PO4 P   O3   sing N N 258 
PO4 P   O4   sing N N 259 
PRO N   CA   sing N N 260 
PRO N   CD   sing N N 261 
PRO N   H    sing N N 262 
PRO CA  C    sing N N 263 
PRO CA  CB   sing N N 264 
PRO CA  HA   sing N N 265 
PRO C   O    doub N N 266 
PRO C   OXT  sing N N 267 
PRO CB  CG   sing N N 268 
PRO CB  HB2  sing N N 269 
PRO CB  HB3  sing N N 270 
PRO CG  CD   sing N N 271 
PRO CG  HG2  sing N N 272 
PRO CG  HG3  sing N N 273 
PRO CD  HD2  sing N N 274 
PRO CD  HD3  sing N N 275 
PRO OXT HXT  sing N N 276 
SER N   CA   sing N N 277 
SER N   H    sing N N 278 
SER N   H2   sing N N 279 
SER CA  C    sing N N 280 
SER CA  CB   sing N N 281 
SER CA  HA   sing N N 282 
SER C   O    doub N N 283 
SER C   OXT  sing N N 284 
SER CB  OG   sing N N 285 
SER CB  HB2  sing N N 286 
SER CB  HB3  sing N N 287 
SER OG  HG   sing N N 288 
SER OXT HXT  sing N N 289 
THR N   CA   sing N N 290 
THR N   H    sing N N 291 
THR N   H2   sing N N 292 
THR CA  C    sing N N 293 
THR CA  CB   sing N N 294 
THR CA  HA   sing N N 295 
THR C   O    doub N N 296 
THR C   OXT  sing N N 297 
THR CB  OG1  sing N N 298 
THR CB  CG2  sing N N 299 
THR CB  HB   sing N N 300 
THR OG1 HG1  sing N N 301 
THR CG2 HG21 sing N N 302 
THR CG2 HG22 sing N N 303 
THR CG2 HG23 sing N N 304 
THR OXT HXT  sing N N 305 
TRP N   CA   sing N N 306 
TRP N   H    sing N N 307 
TRP N   H2   sing N N 308 
TRP CA  C    sing N N 309 
TRP CA  CB   sing N N 310 
TRP CA  HA   sing N N 311 
TRP C   O    doub N N 312 
TRP C   OXT  sing N N 313 
TRP CB  CG   sing N N 314 
TRP CB  HB2  sing N N 315 
TRP CB  HB3  sing N N 316 
TRP CG  CD1  doub Y N 317 
TRP CG  CD2  sing Y N 318 
TRP CD1 NE1  sing Y N 319 
TRP CD1 HD1  sing N N 320 
TRP CD2 CE2  doub Y N 321 
TRP CD2 CE3  sing Y N 322 
TRP NE1 CE2  sing Y N 323 
TRP NE1 HE1  sing N N 324 
TRP CE2 CZ2  sing Y N 325 
TRP CE3 CZ3  doub Y N 326 
TRP CE3 HE3  sing N N 327 
TRP CZ2 CH2  doub Y N 328 
TRP CZ2 HZ2  sing N N 329 
TRP CZ3 CH2  sing Y N 330 
TRP CZ3 HZ3  sing N N 331 
TRP CH2 HH2  sing N N 332 
TRP OXT HXT  sing N N 333 
TYR N   CA   sing N N 334 
TYR N   H    sing N N 335 
TYR N   H2   sing N N 336 
TYR CA  C    sing N N 337 
TYR CA  CB   sing N N 338 
TYR CA  HA   sing N N 339 
TYR C   O    doub N N 340 
TYR C   OXT  sing N N 341 
TYR CB  CG   sing N N 342 
TYR CB  HB2  sing N N 343 
TYR CB  HB3  sing N N 344 
TYR CG  CD1  doub Y N 345 
TYR CG  CD2  sing Y N 346 
TYR CD1 CE1  sing Y N 347 
TYR CD1 HD1  sing N N 348 
TYR CD2 CE2  doub Y N 349 
TYR CD2 HD2  sing N N 350 
TYR CE1 CZ   doub Y N 351 
TYR CE1 HE1  sing N N 352 
TYR CE2 CZ   sing Y N 353 
TYR CE2 HE2  sing N N 354 
TYR CZ  OH   sing N N 355 
TYR OH  HH   sing N N 356 
TYR OXT HXT  sing N N 357 
VAL N   CA   sing N N 358 
VAL N   H    sing N N 359 
VAL N   H2   sing N N 360 
VAL CA  C    sing N N 361 
VAL CA  CB   sing N N 362 
VAL CA  HA   sing N N 363 
VAL C   O    doub N N 364 
VAL C   OXT  sing N N 365 
VAL CB  CG1  sing N N 366 
VAL CB  CG2  sing N N 367 
VAL CB  HB   sing N N 368 
VAL CG1 HG11 sing N N 369 
VAL CG1 HG12 sing N N 370 
VAL CG1 HG13 sing N N 371 
VAL CG2 HG21 sing N N 372 
VAL CG2 HG22 sing N N 373 
VAL CG2 HG23 sing N N 374 
VAL OXT HXT  sing N N 375 
# 
_atom_sites.entry_id                    2W7V 
_atom_sites.fract_transf_matrix[1][1]   0.00854930 
_atom_sites.fract_transf_matrix[1][2]   -0.00859980 
_atom_sites.fract_transf_matrix[1][3]   -0.00512430 
_atom_sites.fract_transf_matrix[2][1]   0.00602074 
_atom_sites.fract_transf_matrix[2][2]   0.00269773 
_atom_sites.fract_transf_matrix[2][3]   -0.01139255 
_atom_sites.fract_transf_matrix[3][1]   0.01633828 
_atom_sites.fract_transf_matrix[3][2]   0.00972518 
_atom_sites.fract_transf_matrix[3][3]   0.01093736 
_atom_sites.fract_transf_vector[1]      0.468437 
_atom_sites.fract_transf_vector[2]      0.234204 
_atom_sites.fract_transf_vector[3]      0.166850 
# 
loop_
_atom_type.symbol 
C  
N  
O  
P  
SE 
# 
loop_
_atom_site.group_PDB 
_atom_site.id 
_atom_site.type_symbol 
_atom_site.label_atom_id 
_atom_site.label_alt_id 
_atom_site.label_comp_id 
_atom_site.label_asym_id 
_atom_site.label_entity_id 
_atom_site.label_seq_id 
_atom_site.pdbx_PDB_ins_code 
_atom_site.Cartn_x 
_atom_site.Cartn_y 
_atom_site.Cartn_z 
_atom_site.occupancy 
_atom_site.B_iso_or_equiv 
_atom_site.pdbx_formal_charge 
_atom_site.auth_seq_id 
_atom_site.auth_comp_id 
_atom_site.auth_asym_id 
_atom_site.auth_atom_id 
_atom_site.pdbx_PDB_model_num 
ATOM   1    N  N   . SER A 1 5  ? 15.953  -1.084  -24.499 1.00 34.25 ? 322  SER A N   1 
ATOM   2    C  CA  . SER A 1 5  ? 16.084  0.264   -25.112 1.00 34.17 ? 322  SER A CA  1 
ATOM   3    C  C   . SER A 1 5  ? 14.853  1.114   -24.813 1.00 34.19 ? 322  SER A C   1 
ATOM   4    O  O   . SER A 1 5  ? 14.966  2.165   -24.182 1.00 34.33 ? 322  SER A O   1 
ATOM   5    C  CB  . SER A 1 5  ? 16.296  0.148   -26.626 1.00 34.22 ? 322  SER A CB  1 
ATOM   6    O  OG  . SER A 1 5  ? 15.175  -0.440  -27.263 1.00 33.95 ? 322  SER A OG  1 
ATOM   7    N  N   . THR A 1 6  ? 13.683  0.649   -25.257 1.00 34.16 ? 323  THR A N   1 
ATOM   8    C  CA  . THR A 1 6  ? 12.425  1.411   -25.133 1.00 33.93 ? 323  THR A CA  1 
ATOM   9    C  C   . THR A 1 6  ? 11.224  0.455   -25.012 1.00 34.01 ? 323  THR A C   1 
ATOM   10   O  O   . THR A 1 6  ? 11.122  -0.486  -25.798 1.00 34.51 ? 323  THR A O   1 
ATOM   11   C  CB  . THR A 1 6  ? 12.253  2.342   -26.356 1.00 33.82 ? 323  THR A CB  1 
ATOM   12   O  OG1 . THR A 1 6  ? 11.154  3.222   -26.152 1.00 32.95 ? 323  THR A OG1 1 
ATOM   13   C  CG2 . THR A 1 6  ? 12.034  1.536   -27.642 1.00 34.27 ? 323  THR A CG2 1 
ATOM   14   N  N   . ASP A 1 7  ? 10.322  0.691   -24.051 1.00 33.92 ? 324  ASP A N   1 
ATOM   15   C  CA  . ASP A 1 7  ? 9.196   -0.230  -23.770 1.00 33.60 ? 324  ASP A CA  1 
ATOM   16   C  C   . ASP A 1 7  ? 7.867   0.143   -24.402 1.00 33.20 ? 324  ASP A C   1 
ATOM   17   O  O   . ASP A 1 7  ? 7.013   0.807   -23.764 1.00 33.86 ? 324  ASP A O   1 
ATOM   18   C  CB  . ASP A 1 7  ? 8.945   -0.408  -22.275 1.00 33.65 ? 324  ASP A CB  1 
ATOM   19   C  CG  . ASP A 1 7  ? 7.905   -1.504  -21.984 1.00 34.43 ? 324  ASP A CG  1 
ATOM   20   O  OD1 . ASP A 1 7  ? 6.830   -1.483  -22.619 1.00 31.54 ? 324  ASP A OD1 1 
ATOM   21   O  OD2 . ASP A 1 7  ? 8.176   -2.403  -21.136 1.00 36.11 ? 324  ASP A OD2 1 
ATOM   22   N  N   . VAL A 1 8  ? 7.683   -0.389  -25.604 1.00 31.54 ? 325  VAL A N   1 
ATOM   23   C  CA  . VAL A 1 8  ? 6.497   -0.219  -26.432 1.00 30.55 ? 325  VAL A CA  1 
ATOM   24   C  C   . VAL A 1 8  ? 5.200   -0.835  -25.889 1.00 30.05 ? 325  VAL A C   1 
ATOM   25   O  O   . VAL A 1 8  ? 4.120   -0.307  -26.164 1.00 30.13 ? 325  VAL A O   1 
ATOM   26   C  CB  . VAL A 1 8  ? 6.766   -0.821  -27.844 1.00 30.76 ? 325  VAL A CB  1 
ATOM   27   C  CG1 . VAL A 1 8  ? 5.491   -1.339  -28.470 1.00 30.53 ? 325  VAL A CG1 1 
ATOM   28   C  CG2 . VAL A 1 8  ? 7.457   0.201   -28.729 1.00 30.54 ? 325  VAL A CG2 1 
ATOM   29   N  N   . ALA A 1 9  ? 5.281   -1.963  -25.179 1.00 29.25 ? 326  ALA A N   1 
ATOM   30   C  CA  . ALA A 1 9  ? 4.070   -2.589  -24.596 1.00 28.70 ? 326  ALA A CA  1 
ATOM   31   C  C   . ALA A 1 9  ? 3.440   -1.701  -23.520 1.00 27.33 ? 326  ALA A C   1 
ATOM   32   O  O   . ALA A 1 9  ? 2.242   -1.457  -23.518 1.00 28.41 ? 326  ALA A O   1 
ATOM   33   C  CB  . ALA A 1 9  ? 4.370   -3.979  -24.052 1.00 28.64 ? 326  ALA A CB  1 
HETATM 34   N  N   . MSE A 1 10 ? 4.254   -1.164  -22.637 1.00 25.39 ? 327  MSE A N   1 
HETATM 35   C  CA  . MSE A 1 10 ? 3.767   -0.161  -21.703 1.00 23.50 ? 327  MSE A CA  1 
HETATM 36   C  C   . MSE A 1 10 ? 3.239   1.119   -22.392 1.00 21.69 ? 327  MSE A C   1 
HETATM 37   O  O   . MSE A 1 10 ? 2.237   1.668   -21.979 1.00 21.19 ? 327  MSE A O   1 
HETATM 38   C  CB  . MSE A 1 10 ? 4.856   0.179   -20.690 1.00 23.52 ? 327  MSE A CB  1 
HETATM 39   C  CG  . MSE A 1 10 ? 4.368   1.137   -19.611 1.00 27.43 ? 327  MSE A CG  1 
HETATM 40   SE SE  . MSE A 1 10 ? 2.993   0.468   -18.359 1.00 38.43 ? 327  MSE A SE  1 
HETATM 41   C  CE  . MSE A 1 10 ? 4.048   -0.896  -17.526 1.00 30.94 ? 327  MSE A CE  1 
ATOM   42   N  N   . LEU A 1 11 ? 3.914   1.577   -23.432 1.00 20.00 ? 328  LEU A N   1 
ATOM   43   C  CA  . LEU A 1 11 ? 3.428   2.709   -24.204 1.00 19.72 ? 328  LEU A CA  1 
ATOM   44   C  C   . LEU A 1 11 ? 2.023   2.448   -24.754 1.00 18.99 ? 328  LEU A C   1 
ATOM   45   O  O   . LEU A 1 11 ? 1.150   3.283   -24.665 1.00 17.09 ? 328  LEU A O   1 
ATOM   46   C  CB  . LEU A 1 11 ? 4.410   3.043   -25.335 1.00 19.34 ? 328  LEU A CB  1 
ATOM   47   C  CG  . LEU A 1 11 ? 4.224   4.364   -26.076 1.00 18.41 ? 328  LEU A CG  1 
ATOM   48   C  CD1 . LEU A 1 11 ? 4.277   5.517   -25.114 1.00 15.40 ? 328  LEU A CD1 1 
ATOM   49   C  CD2 . LEU A 1 11 ? 5.313   4.495   -27.112 1.00 18.63 ? 328  LEU A CD2 1 
ATOM   50   N  N   . SER A 1 12 ? 1.797   1.260   -25.287 1.00 19.81 ? 329  SER A N   1 
ATOM   51   C  CA  . SER A 1 12 ? 0.482   0.907   -25.786 1.00 21.03 ? 329  SER A CA  1 
ATOM   52   C  C   . SER A 1 12 ? -0.592  0.888   -24.701 1.00 22.15 ? 329  SER A C   1 
ATOM   53   O  O   . SER A 1 12 ? -1.655  1.509   -24.893 1.00 23.19 ? 329  SER A O   1 
ATOM   54   C  CB  . SER A 1 12 ? 0.535   -0.435  -26.511 1.00 20.72 ? 329  SER A CB  1 
ATOM   55   O  OG  . SER A 1 12 ? 1.441   -0.365  -27.610 1.00 20.89 ? 329  SER A OG  1 
ATOM   56   N  N   . TRP A 1 13 ? -0.303  0.226   -23.571 1.00 22.28 ? 330  TRP A N   1 
ATOM   57   C  CA  A TRP A 1 13 ? -1.301  -0.023  -22.519 0.50 22.77 ? 330  TRP A CA  1 
ATOM   58   C  CA  B TRP A 1 13 ? -1.305  0.010   -22.529 0.50 22.35 ? 330  TRP A CA  1 
ATOM   59   C  C   . TRP A 1 13 ? -1.558  1.227   -21.670 1.00 23.12 ? 330  TRP A C   1 
ATOM   60   O  O   . TRP A 1 13 ? -2.612  1.369   -21.068 1.00 23.73 ? 330  TRP A O   1 
ATOM   61   C  CB  A TRP A 1 13 ? -0.885  -1.187  -21.581 0.50 23.25 ? 330  TRP A CB  1 
ATOM   62   C  CB  B TRP A 1 13 ? -0.949  -1.216  -21.671 0.50 21.98 ? 330  TRP A CB  1 
ATOM   63   C  CG  A TRP A 1 13 ? -0.433  -2.492  -22.246 0.50 23.15 ? 330  TRP A CG  1 
ATOM   64   C  CG  B TRP A 1 13 ? -1.682  -2.345  -22.200 0.50 21.20 ? 330  TRP A CG  1 
ATOM   65   C  CD1 A TRP A 1 13 ? -0.840  -3.004  -23.444 0.50 23.55 ? 330  TRP A CD1 1 
ATOM   66   C  CD1 B TRP A 1 13 ? -1.311  -3.149  -23.227 0.50 20.79 ? 330  TRP A CD1 1 
ATOM   67   C  CD2 A TRP A 1 13 ? 0.489   -3.451  -21.698 0.50 24.20 ? 330  TRP A CD2 1 
ATOM   68   C  CD2 B TRP A 1 13 ? -3.003  -2.720  -21.840 0.50 20.18 ? 330  TRP A CD2 1 
ATOM   69   N  NE1 A TRP A 1 13 ? -0.214  -4.213  -23.687 0.50 23.72 ? 330  TRP A NE1 1 
ATOM   70   N  NE1 B TRP A 1 13 ? -2.312  -4.040  -23.507 0.50 20.87 ? 330  TRP A NE1 1 
ATOM   71   C  CE2 A TRP A 1 13 ? 0.602   -4.505  -22.628 0.50 23.57 ? 330  TRP A CE2 1 
ATOM   72   C  CE2 B TRP A 1 13 ? -3.359  -3.806  -22.657 0.50 20.81 ? 330  TRP A CE2 1 
ATOM   73   C  CE3 A TRP A 1 13 ? 1.227   -3.518  -20.503 0.50 23.51 ? 330  TRP A CE3 1 
ATOM   74   C  CE3 B TRP A 1 13 ? -3.908  -2.270  -20.877 0.50 20.31 ? 330  TRP A CE3 1 
ATOM   75   C  CZ2 A TRP A 1 13 ? 1.428   -5.600  -22.410 0.50 24.51 ? 330  TRP A CZ2 1 
ATOM   76   C  CZ2 B TRP A 1 13 ? -4.587  -4.451  -22.542 0.50 21.07 ? 330  TRP A CZ2 1 
ATOM   77   C  CZ3 A TRP A 1 13 ? 2.038   -4.601  -20.287 0.50 23.64 ? 330  TRP A CZ3 1 
ATOM   78   C  CZ3 B TRP A 1 13 ? -5.131  -2.907  -20.767 0.50 20.92 ? 330  TRP A CZ3 1 
ATOM   79   C  CH2 A TRP A 1 13 ? 2.138   -5.634  -21.235 0.50 24.08 ? 330  TRP A CH2 1 
ATOM   80   C  CH2 B TRP A 1 13 ? -5.456  -3.987  -21.593 0.50 20.88 ? 330  TRP A CH2 1 
ATOM   81   N  N   . LEU A 1 14 ? -0.579  2.096   -21.595 1.00 22.87 ? 331  LEU A N   1 
ATOM   82   C  CA  . LEU A 1 14 ? -0.781  3.403   -21.020 1.00 22.96 ? 331  LEU A CA  1 
ATOM   83   C  C   . LEU A 1 14 ? -2.058  4.144   -21.549 1.00 22.57 ? 331  LEU A C   1 
ATOM   84   O  O   . LEU A 1 14 ? -2.649  4.980   -20.864 1.00 22.50 ? 331  LEU A O   1 
ATOM   85   C  CB  . LEU A 1 14 ? 0.509   4.185   -21.319 1.00 23.74 ? 331  LEU A CB  1 
ATOM   86   C  CG  . LEU A 1 14 ? 0.585   5.690   -21.246 1.00 24.48 ? 331  LEU A CG  1 
ATOM   87   C  CD1 . LEU A 1 14 ? 2.042   6.085   -20.995 1.00 22.89 ? 331  LEU A CD1 1 
ATOM   88   C  CD2 . LEU A 1 14 ? 0.022   6.256   -22.519 1.00 22.94 ? 331  LEU A CD2 1 
ATOM   89   N  N   . ALA A 1 15 ? -2.451  3.857   -22.788 1.00 21.93 ? 332  ALA A N   1 
ATOM   90   C  CA  . ALA A 1 15 ? -3.674  4.423   -23.410 1.00 20.81 ? 332  ALA A CA  1 
ATOM   91   C  C   . ALA A 1 15 ? -4.994  4.107   -22.635 1.00 19.72 ? 332  ALA A C   1 
ATOM   92   O  O   . ALA A 1 15 ? -5.991  4.832   -22.767 1.00 19.65 ? 332  ALA A O   1 
ATOM   93   C  CB  . ALA A 1 15 ? -3.780  3.926   -24.843 1.00 20.63 ? 332  ALA A CB  1 
ATOM   94   N  N   . ALA A 1 16 ? -4.977  3.012   -21.864 1.00 18.35 ? 333  ALA A N   1 
ATOM   95   C  CA  . ALA A 1 16 ? -6.084  2.568   -21.017 1.00 17.63 ? 333  ALA A CA  1 
ATOM   96   C  C   . ALA A 1 16 ? -6.145  3.266   -19.636 1.00 16.77 ? 333  ALA A C   1 
ATOM   97   O  O   . ALA A 1 16 ? -7.097  3.089   -18.907 1.00 17.52 ? 333  ALA A O   1 
ATOM   98   C  CB  . ALA A 1 16 ? -6.003  1.060   -20.826 1.00 17.18 ? 333  ALA A CB  1 
ATOM   99   N  N   . LEU A 1 17 ? -5.131  4.024   -19.264 1.00 16.08 ? 334  LEU A N   1 
ATOM   100  C  CA  . LEU A 1 17 ? -5.047  4.578   -17.929 1.00 16.19 ? 334  LEU A CA  1 
ATOM   101  C  C   . LEU A 1 17 ? -5.981  5.775   -17.670 1.00 15.58 ? 334  LEU A C   1 
ATOM   102  O  O   . LEU A 1 17 ? -6.581  5.863   -16.596 1.00 14.54 ? 334  LEU A O   1 
ATOM   103  C  CB  . LEU A 1 17 ? -3.590  4.917   -17.581 1.00 16.57 ? 334  LEU A CB  1 
ATOM   104  C  CG  . LEU A 1 17 ? -2.661  3.722   -17.279 1.00 17.28 ? 334  LEU A CG  1 
ATOM   105  C  CD1 . LEU A 1 17 ? -1.215  4.201   -17.087 1.00 15.84 ? 334  LEU A CD1 1 
ATOM   106  C  CD2 . LEU A 1 17 ? -3.126  2.909   -16.053 1.00 16.95 ? 334  LEU A CD2 1 
ATOM   107  N  N   . PRO A 1 18 ? -6.114  6.697   -18.643 1.00 15.61 ? 335  PRO A N   1 
ATOM   108  C  CA  . PRO A 1 18 ? -7.078  7.757   -18.410 1.00 15.02 ? 335  PRO A CA  1 
ATOM   109  C  C   . PRO A 1 18 ? -8.486  7.240   -18.200 1.00 14.18 ? 335  PRO A C   1 
ATOM   110  O  O   . PRO A 1 18 ? -9.156  7.665   -17.249 1.00 14.39 ? 335  PRO A O   1 
ATOM   111  C  CB  . PRO A 1 18 ? -6.961  8.612   -19.685 1.00 15.32 ? 335  PRO A CB  1 
ATOM   112  C  CG  . PRO A 1 18 ? -5.504  8.423   -20.109 1.00 15.05 ? 335  PRO A CG  1 
ATOM   113  C  CD  . PRO A 1 18 ? -5.416  6.911   -19.933 1.00 16.30 ? 335  PRO A CD  1 
ATOM   114  N  N   . ALA A 1 19 ? -8.924  6.322   -19.059 1.00 13.27 ? 336  ALA A N   1 
ATOM   115  C  CA  . ALA A 1 19 ? -10.264 5.752   -18.939 1.00 12.09 ? 336  ALA A CA  1 
ATOM   116  C  C   . ALA A 1 19 ? -10.358 4.969   -17.622 1.00 12.20 ? 336  ALA A C   1 
ATOM   117  O  O   . ALA A 1 19 ? -11.366 5.054   -16.933 1.00 12.73 ? 336  ALA A O   1 
ATOM   118  C  CB  . ALA A 1 19 ? -10.581 4.915   -20.105 1.00 10.74 ? 336  ALA A CB  1 
ATOM   119  N  N   . THR A 1 20 ? -9.293  4.275   -17.226 1.00 10.69 ? 337  THR A N   1 
ATOM   120  C  CA  . THR A 1 20 ? -9.350  3.504   -15.992 1.00 10.71 ? 337  THR A CA  1 
ATOM   121  C  C   . THR A 1 20 ? -9.413  4.374   -14.748 1.00 9.82  ? 337  THR A C   1 
ATOM   122  O  O   . THR A 1 20 ? -10.273 4.145   -13.882 1.00 8.92  ? 337  THR A O   1 
ATOM   123  C  CB  . THR A 1 20 ? -8.180  2.492   -15.898 1.00 10.53 ? 337  THR A CB  1 
ATOM   124  O  OG1 . THR A 1 20 ? -8.178  1.681   -17.075 1.00 11.37 ? 337  THR A OG1 1 
ATOM   125  C  CG2 . THR A 1 20 ? -8.304  1.598   -14.662 1.00 10.00 ? 337  THR A CG2 1 
ATOM   126  N  N   . LEU A 1 21 ? -8.517  5.356   -14.664 1.00 9.00  ? 338  LEU A N   1 
ATOM   127  C  CA  . LEU A 1 21 ? -8.479  6.263   -13.513 1.00 9.19  ? 338  LEU A CA  1 
ATOM   128  C  C   . LEU A 1 21 ? -9.743  7.095   -13.497 1.00 7.65  ? 338  LEU A C   1 
ATOM   129  O  O   . LEU A 1 21 ? -10.215 7.502   -12.465 1.00 6.62  ? 338  LEU A O   1 
ATOM   130  C  CB  . LEU A 1 21 ? -7.233  7.169   -13.524 1.00 9.31  ? 338  LEU A CB  1 
ATOM   131  C  CG  . LEU A 1 21 ? -5.857  6.485   -13.510 1.00 11.41 ? 338  LEU A CG  1 
ATOM   132  C  CD1 . LEU A 1 21 ? -4.783  7.440   -14.024 1.00 13.62 ? 338  LEU A CD1 1 
ATOM   133  C  CD2 . LEU A 1 21 ? -5.498  5.931   -12.161 1.00 7.55  ? 338  LEU A CD2 1 
ATOM   134  N  N   . GLY A 1 22 ? -10.266 7.349   -14.678 1.00 7.86  ? 339  GLY A N   1 
ATOM   135  C  CA  . GLY A 1 22 ? -11.523 8.045   -14.845 1.00 7.87  ? 339  GLY A CA  1 
ATOM   136  C  C   . GLY A 1 22 ? -12.698 7.381   -14.171 1.00 8.00  ? 339  GLY A C   1 
ATOM   137  O  O   . GLY A 1 22 ? -13.598 8.075   -13.785 1.00 8.22  ? 339  GLY A O   1 
ATOM   138  N  N   . GLN A 1 23 ? -12.692 6.050   -14.019 1.00 8.06  ? 340  GLN A N   1 
ATOM   139  C  CA  . GLN A 1 23 ? -13.781 5.328   -13.336 1.00 8.34  ? 340  GLN A CA  1 
ATOM   140  C  C   . GLN A 1 23 ? -13.824 5.616   -11.830 1.00 8.53  ? 340  GLN A C   1 
ATOM   141  O  O   . GLN A 1 23 ? -14.819 5.320   -11.195 1.00 7.96  ? 340  GLN A O   1 
ATOM   142  C  CB  . GLN A 1 23 ? -13.645 3.797   -13.480 1.00 8.42  ? 340  GLN A CB  1 
ATOM   143  C  CG  . GLN A 1 23 ? -13.537 3.218   -14.887 1.00 9.84  ? 340  GLN A CG  1 
ATOM   144  C  CD  . GLN A 1 23 ? -13.163 1.712   -14.905 1.00 10.08 ? 340  GLN A CD  1 
ATOM   145  O  OE1 . GLN A 1 23 ? -12.290 1.290   -15.666 1.00 12.59 ? 340  GLN A OE1 1 
ATOM   146  N  NE2 . GLN A 1 23 ? -13.846 0.905   -14.088 1.00 13.29 ? 340  GLN A NE2 1 
ATOM   147  N  N   . VAL A 1 24 ? -12.730 6.131   -11.259 1.00 8.14  ? 341  VAL A N   1 
ATOM   148  C  CA  . VAL A 1 24 ? -12.596 6.325   -9.812  1.00 8.55  ? 341  VAL A CA  1 
ATOM   149  C  C   . VAL A 1 24 ? -13.071 7.727   -9.449  1.00 9.16  ? 341  VAL A C   1 
ATOM   150  O  O   . VAL A 1 24 ? -12.459 8.708   -9.864  1.00 9.23  ? 341  VAL A O   1 
ATOM   151  C  CB  . VAL A 1 24 ? -11.093 6.127   -9.338  1.00 9.39  ? 341  VAL A CB  1 
ATOM   152  C  CG1 . VAL A 1 24 ? -10.949 6.421   -7.885  1.00 9.24  ? 341  VAL A CG1 1 
ATOM   153  C  CG2 . VAL A 1 24 ? -10.583 4.696   -9.663  1.00 6.01  ? 341  VAL A CG2 1 
ATOM   154  N  N   . LYS A 1 25 ? -14.193 7.815   -8.718  1.00 9.11  ? 342  LYS A N   1 
ATOM   155  C  CA  . LYS A 1 25 ? -14.727 9.083   -8.195  1.00 8.41  ? 342  LYS A CA  1 
ATOM   156  C  C   . LYS A 1 25 ? -13.713 9.778   -7.260  1.00 7.53  ? 342  LYS A C   1 
ATOM   157  O  O   . LYS A 1 25 ? -13.055 9.130   -6.454  1.00 5.99  ? 342  LYS A O   1 
ATOM   158  C  CB  . LYS A 1 25 ? -16.025 8.816   -7.411  1.00 8.31  ? 342  LYS A CB  1 
ATOM   159  C  CG  . LYS A 1 25 ? -17.107 8.114   -8.247  1.00 10.70 ? 342  LYS A CG  1 
ATOM   160  C  CD  . LYS A 1 25 ? -18.467 7.939   -7.533  1.00 9.70  ? 342  LYS A CD  1 
ATOM   161  C  CE  . LYS A 1 25 ? -19.463 7.212   -8.446  1.00 10.35 ? 342  LYS A CE  1 
ATOM   162  N  NZ  . LYS A 1 25 ? -20.828 6.991   -7.826  1.00 10.78 ? 342  LYS A NZ  1 
ATOM   163  N  N   . ASP A 1 26 ? -13.621 11.096  -7.341  1.00 7.35  ? 343  ASP A N   1 
ATOM   164  C  CA  . ASP A 1 26 ? -12.889 11.857  -6.348  1.00 7.96  ? 343  ASP A CA  1 
ATOM   165  C  C   . ASP A 1 26 ? -11.386 11.483  -6.441  1.00 8.47  ? 343  ASP A C   1 
ATOM   166  O  O   . ASP A 1 26 ? -10.679 11.445  -5.431  1.00 7.70  ? 343  ASP A O   1 
ATOM   167  C  CB  . ASP A 1 26 ? -13.501 11.592  -4.950  1.00 7.74  ? 343  ASP A CB  1 
ATOM   168  C  CG  . ASP A 1 26 ? -12.997 12.566  -3.859  1.00 7.91  ? 343  ASP A CG  1 
ATOM   169  O  OD1 . ASP A 1 26 ? -12.311 13.552  -4.193  1.00 8.12  ? 343  ASP A OD1 1 
ATOM   170  O  OD2 . ASP A 1 26 ? -13.299 12.340  -2.655  1.00 5.36  ? 343  ASP A OD2 1 
ATOM   171  N  N   . LEU A 1 27 ? -10.922 11.179  -7.660  1.00 8.52  ? 344  LEU A N   1 
ATOM   172  C  CA  . LEU A 1 27 ? -9.502  10.987  -7.915  1.00 9.49  ? 344  LEU A CA  1 
ATOM   173  C  C   . LEU A 1 27 ? -9.024  11.895  -9.038  1.00 9.93  ? 344  LEU A C   1 
ATOM   174  O  O   . LEU A 1 27 ? -9.314  11.647  -10.176 1.00 11.24 ? 344  LEU A O   1 
ATOM   175  C  CB  . LEU A 1 27 ? -9.162  9.523   -8.276  1.00 9.11  ? 344  LEU A CB  1 
ATOM   176  C  CG  . LEU A 1 27 ? -7.669  9.139   -8.227  1.00 8.84  ? 344  LEU A CG  1 
ATOM   177  C  CD1 . LEU A 1 27 ? -7.090  9.185   -6.827  1.00 4.48  ? 344  LEU A CD1 1 
ATOM   178  C  CD2 . LEU A 1 27 ? -7.368  7.777   -8.862  1.00 9.21  ? 344  LEU A CD2 1 
ATOM   179  N  N   . GLU A 1 28 ? -8.230  12.887  -8.710  1.00 10.10 ? 345  GLU A N   1 
ATOM   180  C  CA  . GLU A 1 28 ? -7.717  13.821  -9.693  1.00 11.03 ? 345  GLU A CA  1 
ATOM   181  C  C   . GLU A 1 28 ? -6.290  13.480  -10.024 1.00 10.21 ? 345  GLU A C   1 
ATOM   182  O  O   . GLU A 1 28 ? -5.480  13.504  -9.152  1.00 10.05 ? 345  GLU A O   1 
ATOM   183  C  CB  . GLU A 1 28 ? -7.740  15.188  -9.040  1.00 10.81 ? 345  GLU A CB  1 
ATOM   184  C  CG  . GLU A 1 28 ? -7.964  16.321  -9.930  1.00 13.73 ? 345  GLU A CG  1 
ATOM   185  C  CD  . GLU A 1 28 ? -8.491  17.519  -9.152  1.00 13.85 ? 345  GLU A CD  1 
ATOM   186  O  OE1 . GLU A 1 28 ? -9.449  17.341  -8.361  1.00 16.06 ? 345  GLU A OE1 1 
ATOM   187  O  OE2 . GLU A 1 28 ? -7.926  18.607  -9.323  1.00 17.26 ? 345  GLU A OE2 1 
ATOM   188  N  N   . ILE A 1 29 ? -5.975  13.226  -11.294 1.00 10.65 ? 346  ILE A N   1 
ATOM   189  C  CA  . ILE A 1 29 ? -4.591  13.037  -11.760 1.00 10.52 ? 346  ILE A CA  1 
ATOM   190  C  C   . ILE A 1 29 ? -3.917  14.371  -12.008 1.00 9.83  ? 346  ILE A C   1 
ATOM   191  O  O   . ILE A 1 29 ? -4.275  15.081  -12.915 1.00 10.27 ? 346  ILE A O   1 
ATOM   192  C  CB  . ILE A 1 29 ? -4.520  12.167  -13.042 1.00 10.32 ? 346  ILE A CB  1 
ATOM   193  C  CG1 . ILE A 1 29 ? -5.347  10.899  -12.842 1.00 12.01 ? 346  ILE A CG1 1 
ATOM   194  C  CG2 . ILE A 1 29 ? -3.040  11.796  -13.417 1.00 8.33  ? 346  ILE A CG2 1 
ATOM   195  C  CD1 . ILE A 1 29 ? -5.067  10.128  -11.561 1.00 12.27 ? 346  ILE A CD1 1 
ATOM   196  N  N   . THR A 1 30 ? -2.947  14.716  -11.173 1.00 9.88  ? 347  THR A N   1 
ATOM   197  C  CA  . THR A 1 30 ? -2.211  15.955  -11.321 1.00 9.50  ? 347  THR A CA  1 
ATOM   198  C  C   . THR A 1 30 ? -0.993  15.805  -12.267 1.00 9.89  ? 347  THR A C   1 
ATOM   199  O  O   . THR A 1 30 ? -0.607  16.749  -12.971 1.00 8.81  ? 347  THR A O   1 
ATOM   200  C  CB  . THR A 1 30 ? -1.770  16.470  -9.961  1.00 9.56  ? 347  THR A CB  1 
ATOM   201  O  OG1 . THR A 1 30 ? -0.983  15.487  -9.326  1.00 10.12 ? 347  THR A OG1 1 
ATOM   202  C  CG2 . THR A 1 30 ? -2.971  16.769  -9.079  1.00 8.73  ? 347  THR A CG2 1 
ATOM   203  N  N   . SER A 1 31 ? -0.395  14.615  -12.316 1.00 10.53 ? 348  SER A N   1 
ATOM   204  C  CA  . SER A 1 31 ? 0.611   14.371  -13.345 1.00 10.88 ? 348  SER A CA  1 
ATOM   205  C  C   . SER A 1 31 ? 0.842   12.917  -13.591 1.00 10.46 ? 348  SER A C   1 
ATOM   206  O  O   . SER A 1 31 ? 0.540   12.097  -12.776 1.00 10.16 ? 348  SER A O   1 
ATOM   207  C  CB  . SER A 1 31 ? 1.956   15.000  -12.969 1.00 10.93 ? 348  SER A CB  1 
ATOM   208  O  OG  . SER A 1 31 ? 2.672   14.146  -12.109 1.00 11.81 ? 348  SER A OG  1 
ATOM   209  N  N   . PHE A 1 32 ? 1.402   12.607  -14.741 1.00 11.51 ? 349  PHE A N   1 
ATOM   210  C  CA  . PHE A 1 32 ? 1.923   11.287  -14.943 1.00 12.07 ? 349  PHE A CA  1 
ATOM   211  C  C   . PHE A 1 32 ? 3.005   11.218  -15.971 1.00 12.66 ? 349  PHE A C   1 
ATOM   212  O  O   . PHE A 1 32 ? 2.961   11.923  -16.982 1.00 12.36 ? 349  PHE A O   1 
ATOM   213  C  CB  . PHE A 1 32 ? 0.810   10.300  -15.215 1.00 13.11 ? 349  PHE A CB  1 
ATOM   214  C  CG  . PHE A 1 32 ? 0.391   10.214  -16.615 1.00 11.42 ? 349  PHE A CG  1 
ATOM   215  C  CD1 . PHE A 1 32 ? -0.840  10.642  -16.982 1.00 14.67 ? 349  PHE A CD1 1 
ATOM   216  C  CD2 . PHE A 1 32 ? 1.205   9.599   -17.537 1.00 14.55 ? 349  PHE A CD2 1 
ATOM   217  C  CE1 . PHE A 1 32 ? -1.253  10.556  -18.313 1.00 16.85 ? 349  PHE A CE1 1 
ATOM   218  C  CE2 . PHE A 1 32 ? 0.850   9.485   -18.821 1.00 16.34 ? 349  PHE A CE2 1 
ATOM   219  C  CZ  . PHE A 1 32 ? -0.393  9.979   -19.254 1.00 16.67 ? 349  PHE A CZ  1 
ATOM   220  N  N   . LYS A 1 33 ? 3.966   10.338  -15.708 1.00 13.75 ? 350  LYS A N   1 
ATOM   221  C  CA  . LYS A 1 33 ? 5.132   10.210  -16.554 1.00 14.57 ? 350  LYS A CA  1 
ATOM   222  C  C   . LYS A 1 33 ? 5.372   8.809   -16.990 1.00 14.74 ? 350  LYS A C   1 
ATOM   223  O  O   . LYS A 1 33 ? 5.485   7.954   -16.161 1.00 16.20 ? 350  LYS A O   1 
ATOM   224  C  CB  . LYS A 1 33 ? 6.379   10.674  -15.808 1.00 15.61 ? 350  LYS A CB  1 
ATOM   225  C  CG  . LYS A 1 33 ? 7.636   10.661  -16.694 1.00 15.11 ? 350  LYS A CG  1 
ATOM   226  C  CD  . LYS A 1 33 ? 8.650   11.636  -16.272 1.00 14.83 ? 350  LYS A CD  1 
ATOM   227  C  CE  . LYS A 1 33 ? 9.695   11.882  -17.363 1.00 15.98 ? 350  LYS A CE  1 
ATOM   228  N  NZ  . LYS A 1 33 ? 10.391  13.234  -17.083 1.00 14.51 ? 350  LYS A NZ  1 
ATOM   229  N  N   . TYR A 1 34 ? 5.488   8.602   -18.291 1.00 15.13 ? 351  TYR A N   1 
ATOM   230  C  CA  . TYR A 1 34 ? 6.056   7.402   -18.906 1.00 15.82 ? 351  TYR A CA  1 
ATOM   231  C  C   . TYR A 1 34 ? 7.554   7.551   -19.161 1.00 16.34 ? 351  TYR A C   1 
ATOM   232  O  O   . TYR A 1 34 ? 8.008   8.569   -19.751 1.00 16.09 ? 351  TYR A O   1 
ATOM   233  C  CB  . TYR A 1 34 ? 5.363   7.115   -20.235 1.00 15.46 ? 351  TYR A CB  1 
ATOM   234  C  CG  . TYR A 1 34 ? 5.999   6.056   -21.100 1.00 14.78 ? 351  TYR A CG  1 
ATOM   235  C  CD1 . TYR A 1 34 ? 5.827   4.692   -20.841 1.00 16.99 ? 351  TYR A CD1 1 
ATOM   236  C  CD2 . TYR A 1 34 ? 6.752   6.415   -22.218 1.00 13.72 ? 351  TYR A CD2 1 
ATOM   237  C  CE1 . TYR A 1 34 ? 6.420   3.719   -21.676 1.00 13.28 ? 351  TYR A CE1 1 
ATOM   238  C  CE2 . TYR A 1 34 ? 7.330   5.487   -23.017 1.00 12.99 ? 351  TYR A CE2 1 
ATOM   239  C  CZ  . TYR A 1 34 ? 7.176   4.145   -22.759 1.00 12.06 ? 351  TYR A CZ  1 
ATOM   240  O  OH  . TYR A 1 34 ? 7.804   3.274   -23.627 1.00 12.53 ? 351  TYR A OH  1 
ATOM   241  N  N   . ASP A 1 35 ? 8.297   6.522   -18.736 1.00 16.66 ? 352  ASP A N   1 
ATOM   242  C  CA  . ASP A 1 35 ? 9.743   6.404   -18.943 1.00 17.13 ? 352  ASP A CA  1 
ATOM   243  C  C   . ASP A 1 35 ? 9.945   5.112   -19.757 1.00 17.46 ? 352  ASP A C   1 
ATOM   244  O  O   . ASP A 1 35 ? 9.810   4.001   -19.244 1.00 17.50 ? 352  ASP A O   1 
ATOM   245  C  CB  . ASP A 1 35 ? 10.447  6.371   -17.572 1.00 17.38 ? 352  ASP A CB  1 
ATOM   246  C  CG  . ASP A 1 35 ? 11.918  6.060   -17.642 1.00 17.96 ? 352  ASP A CG  1 
ATOM   247  O  OD1 . ASP A 1 35 ? 12.529  5.979   -18.724 1.00 21.25 ? 352  ASP A OD1 1 
ATOM   248  O  OD2 . ASP A 1 35 ? 12.491  5.910   -16.555 1.00 24.39 ? 352  ASP A OD2 1 
ATOM   249  N  N   . GLY A 1 36 ? 10.237  5.265   -21.039 1.00 17.79 ? 353  GLY A N   1 
ATOM   250  C  CA  . GLY A 1 36 ? 10.337  4.129   -21.938 1.00 17.87 ? 353  GLY A CA  1 
ATOM   251  C  C   . GLY A 1 36 ? 11.520  3.237   -21.658 1.00 17.94 ? 353  GLY A C   1 
ATOM   252  O  O   . GLY A 1 36 ? 11.482  2.035   -21.932 1.00 18.37 ? 353  GLY A O   1 
ATOM   253  N  N   . GLN A 1 37 ? 12.549  3.805   -21.046 1.00 17.51 ? 354  GLN A N   1 
ATOM   254  C  CA  . GLN A 1 37 ? 13.783  3.083   -20.814 1.00 17.21 ? 354  GLN A CA  1 
ATOM   255  C  C   . GLN A 1 37 ? 13.550  2.124   -19.661 1.00 16.93 ? 354  GLN A C   1 
ATOM   256  O  O   . GLN A 1 37 ? 13.959  0.960   -19.721 1.00 16.19 ? 354  GLN A O   1 
ATOM   257  C  CB  . GLN A 1 37 ? 14.935  4.066   -20.556 1.00 17.70 ? 354  GLN A CB  1 
ATOM   258  C  CG  . GLN A 1 37 ? 14.734  5.398   -21.322 1.00 20.42 ? 354  GLN A CG  1 
ATOM   259  C  CD  . GLN A 1 37 ? 15.944  5.893   -22.073 1.00 22.22 ? 354  GLN A CD  1 
ATOM   260  O  OE1 . GLN A 1 37 ? 16.812  5.122   -22.507 1.00 22.68 ? 354  GLN A OE1 1 
ATOM   261  N  NE2 . GLN A 1 37 ? 15.987  7.202   -22.268 1.00 25.02 ? 354  GLN A NE2 1 
ATOM   262  N  N   . ARG A 1 38 ? 12.858  2.614   -18.628 1.00 16.39 ? 355  ARG A N   1 
ATOM   263  C  CA  . ARG A 1 38 ? 12.446  1.778   -17.505 1.00 15.99 ? 355  ARG A CA  1 
ATOM   264  C  C   . ARG A 1 38 ? 11.164  1.035   -17.813 1.00 15.48 ? 355  ARG A C   1 
ATOM   265  O  O   . ARG A 1 38 ? 10.827  0.111   -17.139 1.00 16.15 ? 355  ARG A O   1 
ATOM   266  C  CB  . ARG A 1 38 ? 12.262  2.617   -16.236 1.00 15.75 ? 355  ARG A CB  1 
ATOM   267  C  CG  . ARG A 1 38 ? 13.556  3.146   -15.610 1.00 15.01 ? 355  ARG A CG  1 
ATOM   268  C  CD  . ARG A 1 38 ? 13.299  3.830   -14.256 1.00 16.16 ? 355  ARG A CD  1 
ATOM   269  N  NE  . ARG A 1 38 ? 14.426  3.706   -13.323 1.00 17.84 ? 355  ARG A NE  1 
ATOM   270  C  CZ  . ARG A 1 38 ? 14.661  2.658   -12.515 1.00 18.28 ? 355  ARG A CZ  1 
ATOM   271  N  NH1 . ARG A 1 38 ? 13.847  1.598   -12.483 1.00 18.92 ? 355  ARG A NH1 1 
ATOM   272  N  NH2 . ARG A 1 38 ? 15.721  2.669   -11.718 1.00 16.91 ? 355  ARG A NH2 1 
ATOM   273  N  N   . GLY A 1 39 ? 10.416  1.438   -18.815 1.00 16.09 ? 356  GLY A N   1 
ATOM   274  C  CA  . GLY A 1 39 ? 9.035   0.885   -19.006 1.00 16.08 ? 356  GLY A CA  1 
ATOM   275  C  C   . GLY A 1 39 ? 8.080   1.039   -17.835 1.00 15.25 ? 356  GLY A C   1 
ATOM   276  O  O   . GLY A 1 39 ? 7.290   0.158   -17.545 1.00 15.11 ? 356  GLY A O   1 
ATOM   277  N  N   . GLU A 1 40 ? 8.152   2.191   -17.178 1.00 15.21 ? 357  GLU A N   1 
ATOM   278  C  CA  . GLU A 1 40 ? 7.304   2.502   -16.055 1.00 14.80 ? 357  GLU A CA  1 
ATOM   279  C  C   . GLU A 1 40 ? 6.475   3.690   -16.370 1.00 13.89 ? 357  GLU A C   1 
ATOM   280  O  O   . GLU A 1 40 ? 6.871   4.549   -17.142 1.00 16.15 ? 357  GLU A O   1 
ATOM   281  C  CB  . GLU A 1 40 ? 8.109   2.903   -14.835 1.00 14.79 ? 357  GLU A CB  1 
ATOM   282  C  CG  . GLU A 1 40 ? 9.092   1.928   -14.355 1.00 15.81 ? 357  GLU A CG  1 
ATOM   283  C  CD  . GLU A 1 40 ? 9.851   2.456   -13.146 1.00 15.62 ? 357  GLU A CD  1 
ATOM   284  O  OE1 . GLU A 1 40 ? 9.684   3.651   -12.795 1.00 18.77 ? 357  GLU A OE1 1 
ATOM   285  O  OE2 . GLU A 1 40 ? 10.611  1.683   -12.576 1.00 12.27 ? 357  GLU A OE2 1 
ATOM   286  N  N   . VAL A 1 41 ? 5.356   3.763   -15.684 1.00 12.75 ? 358  VAL A N   1 
ATOM   287  C  CA  . VAL A 1 41 ? 4.564   4.936   -15.574 1.00 11.88 ? 358  VAL A CA  1 
ATOM   288  C  C   . VAL A 1 41 ? 4.443   5.340   -14.085 1.00 11.68 ? 358  VAL A C   1 
ATOM   289  O  O   . VAL A 1 41 ? 4.109   4.536   -13.235 1.00 10.82 ? 358  VAL A O   1 
ATOM   290  C  CB  . VAL A 1 41 ? 3.172   4.669   -16.191 1.00 12.24 ? 358  VAL A CB  1 
ATOM   291  C  CG1 . VAL A 1 41 ? 2.284   5.925   -16.143 1.00 9.37  ? 358  VAL A CG1 1 
ATOM   292  C  CG2 . VAL A 1 41 ? 3.322   4.187   -17.683 1.00 11.70 ? 358  VAL A CG2 1 
ATOM   293  N  N   . ARG A 1 42 ? 4.722   6.602   -13.787 1.00 12.00 ? 359  ARG A N   1 
ATOM   294  C  CA  A ARG A 1 42 ? 4.478   7.141   -12.464 0.60 11.85 ? 359  ARG A CA  1 
ATOM   295  C  CA  B ARG A 1 42 ? 4.502   7.176   -12.452 0.40 11.84 ? 359  ARG A CA  1 
ATOM   296  C  C   . ARG A 1 42 ? 3.378   8.210   -12.500 1.00 11.67 ? 359  ARG A C   1 
ATOM   297  O  O   . ARG A 1 42 ? 3.401   9.129   -13.303 1.00 11.67 ? 359  ARG A O   1 
ATOM   298  C  CB  A ARG A 1 42 ? 5.777   7.677   -11.909 0.60 11.99 ? 359  ARG A CB  1 
ATOM   299  C  CB  B ARG A 1 42 ? 5.773   7.833   -11.909 0.40 12.00 ? 359  ARG A CB  1 
ATOM   300  C  CG  A ARG A 1 42 ? 6.932   6.682   -12.093 0.60 12.48 ? 359  ARG A CG  1 
ATOM   301  C  CG  B ARG A 1 42 ? 5.654   8.303   -10.451 0.40 12.03 ? 359  ARG A CG  1 
ATOM   302  C  CD  A ARG A 1 42 ? 8.243   7.241   -11.549 0.60 12.72 ? 359  ARG A CD  1 
ATOM   303  C  CD  B ARG A 1 42 ? 6.999   8.758   -9.834  0.40 12.46 ? 359  ARG A CD  1 
ATOM   304  N  NE  A ARG A 1 42 ? 8.878   8.164   -12.496 0.60 13.12 ? 359  ARG A NE  1 
ATOM   305  N  NE  B ARG A 1 42 ? 6.823   9.015   -8.403  0.40 13.06 ? 359  ARG A NE  1 
ATOM   306  C  CZ  A ARG A 1 42 ? 9.530   7.783   -13.586 0.60 12.55 ? 359  ARG A CZ  1 
ATOM   307  C  CZ  B ARG A 1 42 ? 7.581   9.822   -7.656  0.40 14.18 ? 359  ARG A CZ  1 
ATOM   308  N  NH1 A ARG A 1 42 ? 9.632   6.499   -13.913 0.60 12.73 ? 359  ARG A NH1 1 
ATOM   309  N  NH1 B ARG A 1 42 ? 8.617   10.479  -8.178  0.40 13.79 ? 359  ARG A NH1 1 
ATOM   310  N  NH2 A ARG A 1 42 ? 10.074  8.698   -14.362 0.60 13.00 ? 359  ARG A NH2 1 
ATOM   311  N  NH2 B ARG A 1 42 ? 7.297   9.972   -6.357  0.40 13.66 ? 359  ARG A NH2 1 
ATOM   312  N  N   . ILE A 1 43 ? 2.419   8.060   -11.607 1.00 11.98 ? 360  ILE A N   1 
ATOM   313  C  CA  . ILE A 1 43 ? 1.224   8.857   -11.546 1.00 12.28 ? 360  ILE A CA  1 
ATOM   314  C  C   . ILE A 1 43 ? 1.100   9.564   -10.212 1.00 12.46 ? 360  ILE A C   1 
ATOM   315  O  O   . ILE A 1 43 ? 1.149   8.920   -9.203  1.00 13.55 ? 360  ILE A O   1 
ATOM   316  C  CB  . ILE A 1 43 ? -0.009  7.920   -11.664 1.00 12.07 ? 360  ILE A CB  1 
ATOM   317  C  CG1 . ILE A 1 43 ? -0.019  7.185   -13.038 1.00 12.17 ? 360  ILE A CG1 1 
ATOM   318  C  CG2 . ILE A 1 43 ? -1.288  8.722   -11.524 1.00 12.25 ? 360  ILE A CG2 1 
ATOM   319  C  CD1 . ILE A 1 43 ? -0.923  5.941   -13.087 1.00 11.38 ? 360  ILE A CD1 1 
ATOM   320  N  N   . HIS A 1 44 ? 0.917   10.875  -10.195 1.00 11.80 ? 361  HIS A N   1 
ATOM   321  C  CA  . HIS A 1 44 ? 0.520   11.536  -8.981  1.00 12.40 ? 361  HIS A CA  1 
ATOM   322  C  C   . HIS A 1 44 ? -0.954  11.879  -9.091  1.00 11.43 ? 361  HIS A C   1 
ATOM   323  O  O   . HIS A 1 44 ? -1.422  12.204  -10.157 1.00 11.33 ? 361  HIS A O   1 
ATOM   324  C  CB  . HIS A 1 44 ? 1.340   12.791  -8.683  1.00 12.75 ? 361  HIS A CB  1 
ATOM   325  C  CG  . HIS A 1 44 ? 2.814   12.548  -8.590  1.00 14.57 ? 361  HIS A CG  1 
ATOM   326  N  ND1 . HIS A 1 44 ? 3.739   13.578  -8.579  1.00 17.03 ? 361  HIS A ND1 1 
ATOM   327  C  CD2 . HIS A 1 44 ? 3.533   11.401  -8.549  1.00 15.95 ? 361  HIS A CD2 1 
ATOM   328  C  CE1 . HIS A 1 44 ? 4.959   13.064  -8.520  1.00 19.16 ? 361  HIS A CE1 1 
ATOM   329  N  NE2 . HIS A 1 44 ? 4.858   11.746  -8.493  1.00 15.40 ? 361  HIS A NE2 1 
ATOM   330  N  N   . ALA A 1 45 ? -1.683  11.749  -7.980  1.00 11.35 ? 362  ALA A N   1 
ATOM   331  C  CA  . ALA A 1 45 ? -3.108  12.079  -7.893  1.00 10.60 ? 362  ALA A CA  1 
ATOM   332  C  C   . ALA A 1 45 ? -3.460  12.638  -6.511  1.00 10.20 ? 362  ALA A C   1 
ATOM   333  O  O   . ALA A 1 45 ? -2.677  12.583  -5.564  1.00 9.62  ? 362  ALA A O   1 
ATOM   334  C  CB  . ALA A 1 45 ? -3.969  10.828  -8.231  1.00 9.89  ? 362  ALA A CB  1 
ATOM   335  N  N   . ARG A 1 46 ? -4.648  13.204  -6.409  1.00 10.21 ? 363  ARG A N   1 
ATOM   336  C  CA  . ARG A 1 46 ? -5.170  13.711  -5.139  1.00 10.08 ? 363  ARG A CA  1 
ATOM   337  C  C   . ARG A 1 46 ? -6.667  13.486  -5.016  1.00 9.05  ? 363  ARG A C   1 
ATOM   338  O  O   . ARG A 1 46 ? -7.390  13.367  -5.991  1.00 8.29  ? 363  ARG A O   1 
ATOM   339  C  CB  . ARG A 1 46 ? -4.881  15.196  -4.998  1.00 10.17 ? 363  ARG A CB  1 
ATOM   340  C  CG  . ARG A 1 46 ? -5.452  16.000  -6.122  1.00 10.87 ? 363  ARG A CG  1 
ATOM   341  C  CD  . ARG A 1 46 ? -5.140  17.424  -5.949  1.00 13.54 ? 363  ARG A CD  1 
ATOM   342  N  NE  . ARG A 1 46 ? -5.579  18.210  -7.090  1.00 16.09 ? 363  ARG A NE  1 
ATOM   343  C  CZ  . ARG A 1 46 ? -5.721  19.532  -7.074  1.00 18.88 ? 363  ARG A CZ  1 
ATOM   344  N  NH1 . ARG A 1 46 ? -5.520  20.228  -5.955  1.00 21.82 ? 363  ARG A NH1 1 
ATOM   345  N  NH2 . ARG A 1 46 ? -6.110  20.169  -8.174  1.00 19.01 ? 363  ARG A NH2 1 
ATOM   346  N  N   . SER A 1 47 ? -7.113  13.443  -3.772  1.00 9.71  ? 364  SER A N   1 
ATOM   347  C  CA  . SER A 1 47 ? -8.491  13.196  -3.445  1.00 9.49  ? 364  SER A CA  1 
ATOM   348  C  C   . SER A 1 47 ? -8.806  13.944  -2.166  1.00 9.40  ? 364  SER A C   1 
ATOM   349  O  O   . SER A 1 47 ? -7.928  14.572  -1.592  1.00 8.67  ? 364  SER A O   1 
ATOM   350  C  CB  . SER A 1 47 ? -8.664  11.699  -3.235  1.00 9.82  ? 364  SER A CB  1 
ATOM   351  O  OG  . SER A 1 47 ? -9.996  11.345  -2.943  1.00 8.01  ? 364  SER A OG  1 
ATOM   352  N  N   . SER A 1 48 ? -10.074 13.883  -1.758  1.00 9.78  ? 365  SER A N   1 
ATOM   353  C  CA  . SER A 1 48 ? -10.538 14.339  -0.445  1.00 10.16 ? 365  SER A CA  1 
ATOM   354  C  C   . SER A 1 48 ? -10.387 13.256  0.636   1.00 9.64  ? 365  SER A C   1 
ATOM   355  O  O   . SER A 1 48 ? -10.552 13.525  1.816   1.00 8.39  ? 365  SER A O   1 
ATOM   356  C  CB  . SER A 1 48 ? -12.008 14.765  -0.531  1.00 10.69 ? 365  SER A CB  1 
ATOM   357  O  OG  . SER A 1 48 ? -12.850 13.658  -0.847  1.00 13.14 ? 365  SER A OG  1 
ATOM   358  N  N   . ASP A 1 49 ? -10.057 12.042  0.216   1.00 9.72  ? 366  ASP A N   1 
ATOM   359  C  CA  . ASP A 1 49 ? -9.974  10.904  1.123   1.00 10.06 ? 366  ASP A CA  1 
ATOM   360  C  C   . ASP A 1 49 ? -9.043  9.815   0.605   1.00 9.30  ? 366  ASP A C   1 
ATOM   361  O  O   . ASP A 1 49 ? -8.613  9.869   -0.525  1.00 9.63  ? 366  ASP A O   1 
ATOM   362  C  CB  . ASP A 1 49 ? -11.381 10.332  1.304   1.00 10.41 ? 366  ASP A CB  1 
ATOM   363  C  CG  . ASP A 1 49 ? -11.451 9.302   2.402   1.00 13.04 ? 366  ASP A CG  1 
ATOM   364  O  OD1 . ASP A 1 49 ? -10.831 9.498   3.495   1.00 14.88 ? 366  ASP A OD1 1 
ATOM   365  O  OD2 . ASP A 1 49 ? -12.113 8.276   2.148   1.00 17.34 ? 366  ASP A OD2 1 
ATOM   366  N  N   . PHE A 1 50 ? -8.763  8.809   1.423   1.00 9.65  ? 367  PHE A N   1 
ATOM   367  C  CA  . PHE A 1 50 ? -7.895  7.678   1.031   1.00 9.79  ? 367  PHE A CA  1 
ATOM   368  C  C   . PHE A 1 50 ? -8.573  6.633   0.116   1.00 10.99 ? 367  PHE A C   1 
ATOM   369  O  O   . PHE A 1 50 ? -7.906  5.924   -0.655  1.00 11.40 ? 367  PHE A O   1 
ATOM   370  C  CB  . PHE A 1 50 ? -7.364  6.989   2.290   1.00 9.01  ? 367  PHE A CB  1 
ATOM   371  C  CG  . PHE A 1 50 ? -8.377  6.114   3.005   1.00 9.60  ? 367  PHE A CG  1 
ATOM   372  C  CD1 . PHE A 1 50 ? -8.513  4.754   2.677   1.00 8.97  ? 367  PHE A CD1 1 
ATOM   373  C  CD2 . PHE A 1 50 ? -9.172  6.628   4.005   1.00 8.25  ? 367  PHE A CD2 1 
ATOM   374  C  CE1 . PHE A 1 50 ? -9.413  3.979   3.300   1.00 5.58  ? 367  PHE A CE1 1 
ATOM   375  C  CE2 . PHE A 1 50 ? -10.092 5.822   4.658   1.00 6.86  ? 367  PHE A CE2 1 
ATOM   376  C  CZ  . PHE A 1 50 ? -10.216 4.518   4.307   1.00 6.72  ? 367  PHE A CZ  1 
ATOM   377  N  N   . GLN A 1 51 ? -9.895  6.551   0.193   1.00 11.31 ? 368  GLN A N   1 
ATOM   378  C  CA  . GLN A 1 51 ? -10.629 5.452   -0.370  1.00 12.71 ? 368  GLN A CA  1 
ATOM   379  C  C   . GLN A 1 51 ? -10.525 5.349   -1.907  1.00 13.29 ? 368  GLN A C   1 
ATOM   380  O  O   . GLN A 1 51 ? -10.468 4.245   -2.422  1.00 14.06 ? 368  GLN A O   1 
ATOM   381  C  CB  . GLN A 1 51 ? -12.075 5.584   0.066   1.00 14.04 ? 368  GLN A CB  1 
ATOM   382  C  CG  . GLN A 1 51 ? -12.814 4.329   0.218   1.00 18.73 ? 368  GLN A CG  1 
ATOM   383  C  CD  . GLN A 1 51 ? -13.848 4.432   1.345   1.00 25.33 ? 368  GLN A CD  1 
ATOM   384  O  OE1 . GLN A 1 51 ? -13.540 4.894   2.458   1.00 29.77 ? 368  GLN A OE1 1 
ATOM   385  N  NE2 . GLN A 1 51 ? -15.079 4.004   1.061   1.00 27.96 ? 368  GLN A NE2 1 
ATOM   386  N  N   . PRO A 1 52 ? -10.562 6.493   -2.645  1.00 12.46 ? 369  PRO A N   1 
ATOM   387  C  CA  . PRO A 1 52 ? -10.231 6.523   -4.052  1.00 12.04 ? 369  PRO A CA  1 
ATOM   388  C  C   . PRO A 1 52 ? -8.869  5.978   -4.462  1.00 12.32 ? 369  PRO A C   1 
ATOM   389  O  O   . PRO A 1 52 ? -8.767  5.389   -5.532  1.00 11.94 ? 369  PRO A O   1 
ATOM   390  C  CB  . PRO A 1 52 ? -10.387 8.007   -4.399  1.00 12.13 ? 369  PRO A CB  1 
ATOM   391  C  CG  . PRO A 1 52 ? -11.517 8.440   -3.510  1.00 11.29 ? 369  PRO A CG  1 
ATOM   392  C  CD  . PRO A 1 52 ? -11.051 7.819   -2.213  1.00 12.22 ? 369  PRO A CD  1 
ATOM   393  N  N   . PHE A 1 53 ? -7.852  6.139   -3.616  1.00 12.56 ? 370  PHE A N   1 
ATOM   394  C  CA  . PHE A 1 53 ? -6.577  5.475   -3.816  1.00 12.51 ? 370  PHE A CA  1 
ATOM   395  C  C   . PHE A 1 53 ? -6.650  3.938   -3.727  1.00 12.79 ? 370  PHE A C   1 
ATOM   396  O  O   . PHE A 1 53 ? -5.995  3.231   -4.500  1.00 13.41 ? 370  PHE A O   1 
ATOM   397  C  CB  . PHE A 1 53 ? -5.549  6.036   -2.833  1.00 13.21 ? 370  PHE A CB  1 
ATOM   398  C  CG  . PHE A 1 53 ? -5.130  7.454   -3.159  1.00 14.70 ? 370  PHE A CG  1 
ATOM   399  C  CD1 . PHE A 1 53 ? -4.122  7.697   -4.063  1.00 15.61 ? 370  PHE A CD1 1 
ATOM   400  C  CD2 . PHE A 1 53 ? -5.782  8.550   -2.591  1.00 14.91 ? 370  PHE A CD2 1 
ATOM   401  C  CE1 . PHE A 1 53 ? -3.747  9.013   -4.375  1.00 14.82 ? 370  PHE A CE1 1 
ATOM   402  C  CE2 . PHE A 1 53 ? -5.407  9.857   -2.925  1.00 14.97 ? 370  PHE A CE2 1 
ATOM   403  C  CZ  . PHE A 1 53 ? -4.400  10.081  -3.802  1.00 12.72 ? 370  PHE A CZ  1 
ATOM   404  N  N   . GLU A 1 54 ? -7.432  3.425   -2.780  1.00 12.18 ? 371  GLU A N   1 
ATOM   405  C  CA  . GLU A 1 54 ? -7.661  2.010   -2.674  1.00 12.32 ? 371  GLU A CA  1 
ATOM   406  C  C   . GLU A 1 54 ? -8.332  1.456   -3.951  1.00 12.76 ? 371  GLU A C   1 
ATOM   407  O  O   . GLU A 1 54 ? -7.984  0.377   -4.450  1.00 12.59 ? 371  GLU A O   1 
ATOM   408  C  CB  . GLU A 1 54 ? -8.575  1.720   -1.480  1.00 12.29 ? 371  GLU A CB  1 
ATOM   409  C  CG  . GLU A 1 54 ? -7.941  1.956   -0.156  1.00 12.06 ? 371  GLU A CG  1 
ATOM   410  C  CD  . GLU A 1 54 ? -6.952  0.887   0.199   1.00 12.56 ? 371  GLU A CD  1 
ATOM   411  O  OE1 . GLU A 1 54 ? -7.323  -0.324  0.221   1.00 14.03 ? 371  GLU A OE1 1 
ATOM   412  O  OE2 . GLU A 1 54 ? -5.804  1.269   0.504   1.00 11.39 ? 371  GLU A OE2 1 
ATOM   413  N  N   . GLN A 1 55 ? -9.343  2.179   -4.422  1.00 12.68 ? 372  GLN A N   1 
ATOM   414  C  CA  . GLN A 1 55 ? -10.092 1.792   -5.607  1.00 13.25 ? 372  GLN A CA  1 
ATOM   415  C  C   . GLN A 1 55 ? -9.219  1.837   -6.826  1.00 11.85 ? 372  GLN A C   1 
ATOM   416  O  O   . GLN A 1 55 ? -9.263  0.946   -7.641  1.00 11.41 ? 372  GLN A O   1 
ATOM   417  C  CB  . GLN A 1 55 ? -11.273 2.730   -5.800  1.00 13.30 ? 372  GLN A CB  1 
ATOM   418  C  CG  . GLN A 1 55 ? -12.225 2.678   -4.604  1.00 15.83 ? 372  GLN A CG  1 
ATOM   419  C  CD  . GLN A 1 55 ? -13.487 3.455   -4.828  1.00 17.96 ? 372  GLN A CD  1 
ATOM   420  O  OE1 . GLN A 1 55 ? -13.579 4.276   -5.772  1.00 23.99 ? 372  GLN A OE1 1 
ATOM   421  N  NE2 . GLN A 1 55 ? -14.497 3.218   -3.955  1.00 22.93 ? 372  GLN A NE2 1 
ATOM   422  N  N   . ALA A 1 56 ? -8.392  2.869   -6.924  1.00 11.37 ? 373  ALA A N   1 
ATOM   423  C  CA  . ALA A 1 56 ? -7.468  3.009   -8.043  1.00 12.16 ? 373  ALA A CA  1 
ATOM   424  C  C   . ALA A 1 56 ? -6.401  1.901   -8.020  1.00 12.78 ? 373  ALA A C   1 
ATOM   425  O  O   . ALA A 1 56 ? -6.193  1.273   -9.033  1.00 13.40 ? 373  ALA A O   1 
ATOM   426  C  CB  . ALA A 1 56 ? -6.821  4.392   -8.050  1.00 11.37 ? 373  ALA A CB  1 
ATOM   427  N  N   . ARG A 1 57 ? -5.768  1.633   -6.869  1.00 13.92 ? 374  ARG A N   1 
ATOM   428  C  CA  . ARG A 1 57 ? -4.768  0.573   -6.792  1.00 14.07 ? 374  ARG A CA  1 
ATOM   429  C  C   . ARG A 1 57 ? -5.318  -0.746  -7.245  1.00 14.48 ? 374  ARG A C   1 
ATOM   430  O  O   . ARG A 1 57 ? -4.665  -1.431  -7.995  1.00 15.90 ? 374  ARG A O   1 
ATOM   431  C  CB  . ARG A 1 57 ? -4.208  0.382   -5.400  1.00 13.58 ? 374  ARG A CB  1 
ATOM   432  C  CG  . ARG A 1 57 ? -2.910  -0.496  -5.377  1.00 13.96 ? 374  ARG A CG  1 
ATOM   433  C  CD  . ARG A 1 57 ? -2.721  -1.216  -4.059  1.00 16.50 ? 374  ARG A CD  1 
ATOM   434  N  NE  . ARG A 1 57 ? -3.157  -0.282  -3.058  1.00 20.09 ? 374  ARG A NE  1 
ATOM   435  C  CZ  . ARG A 1 57 ? -4.107  -0.457  -2.156  1.00 17.19 ? 374  ARG A CZ  1 
ATOM   436  N  NH1 . ARG A 1 57 ? -4.705  -1.613  -1.925  1.00 15.99 ? 374  ARG A NH1 1 
ATOM   437  N  NH2 . ARG A 1 57 ? -4.393  0.587   -1.422  1.00 18.01 ? 374  ARG A NH2 1 
ATOM   438  N  N   . VAL A 1 58 ? -6.509  -1.108  -6.771  1.00 14.51 ? 375  VAL A N   1 
ATOM   439  C  CA  . VAL A 1 58 ? -7.111  -2.385  -7.080  1.00 14.13 ? 375  VAL A CA  1 
ATOM   440  C  C   . VAL A 1 58 ? -7.407  -2.498  -8.576  1.00 13.99 ? 375  VAL A C   1 
ATOM   441  O  O   . VAL A 1 58 ? -7.169  -3.530  -9.177  1.00 14.78 ? 375  VAL A O   1 
ATOM   442  C  CB  . VAL A 1 58 ? -8.428  -2.608  -6.276  1.00 14.71 ? 375  VAL A CB  1 
ATOM   443  C  CG1 . VAL A 1 58 ? -9.250  -3.728  -6.909  1.00 13.57 ? 375  VAL A CG1 1 
ATOM   444  C  CG2 . VAL A 1 58 ? -8.126  -2.874  -4.761  1.00 14.96 ? 375  VAL A CG2 1 
ATOM   445  N  N   . LYS A 1 59 ? -7.929  -1.444  -9.173  1.00 13.60 ? 376  LYS A N   1 
ATOM   446  C  CA  . LYS A 1 59 ? -8.159  -1.439  -10.603 1.00 13.75 ? 376  LYS A CA  1 
ATOM   447  C  C   . LYS A 1 59 ? -6.872  -1.516  -11.441 1.00 13.36 ? 376  LYS A C   1 
ATOM   448  O  O   . LYS A 1 59 ? -6.800  -2.248  -12.414 1.00 13.08 ? 376  LYS A O   1 
ATOM   449  C  CB  . LYS A 1 59 ? -8.930  -0.191  -10.995 1.00 13.86 ? 376  LYS A CB  1 
ATOM   450  C  CG  . LYS A 1 59 ? -10.341 -0.103  -10.450 1.00 13.52 ? 376  LYS A CG  1 
ATOM   451  C  CD  . LYS A 1 59 ? -11.124 0.973   -11.234 1.00 15.12 ? 376  LYS A CD  1 
ATOM   452  C  CE  . LYS A 1 59 ? -12.489 1.318   -10.631 1.00 15.43 ? 376  LYS A CE  1 
ATOM   453  N  NZ  . LYS A 1 59 ? -13.526 0.366   -11.053 1.00 15.19 ? 376  LYS A NZ  1 
ATOM   454  N  N   . LEU A 1 60 ? -5.865  -0.742  -11.084 1.00 13.48 ? 377  LEU A N   1 
ATOM   455  C  CA  . LEU A 1 60 ? -4.593  -0.782  -11.783 1.00 14.49 ? 377  LEU A CA  1 
ATOM   456  C  C   . LEU A 1 60 ? -3.925  -2.164  -11.667 1.00 14.46 ? 377  LEU A C   1 
ATOM   457  O  O   . LEU A 1 60 ? -3.312  -2.645  -12.602 1.00 15.39 ? 377  LEU A O   1 
ATOM   458  C  CB  . LEU A 1 60 ? -3.644  0.313   -11.240 1.00 14.58 ? 377  LEU A CB  1 
ATOM   459  C  CG  . LEU A 1 60 ? -4.161  1.742   -11.474 1.00 15.79 ? 377  LEU A CG  1 
ATOM   460  C  CD1 . LEU A 1 60 ? -3.260  2.730   -10.697 1.00 19.40 ? 377  LEU A CD1 1 
ATOM   461  C  CD2 . LEU A 1 60 ? -4.268  2.091   -12.936 1.00 11.73 ? 377  LEU A CD2 1 
ATOM   462  N  N   . ALA A 1 61 ? -4.092  -2.808  -10.524 1.00 15.06 ? 378  ALA A N   1 
ATOM   463  C  CA  . ALA A 1 61 ? -3.465  -4.116  -10.216 1.00 15.09 ? 378  ALA A CA  1 
ATOM   464  C  C   . ALA A 1 61 ? -3.958  -5.268  -11.126 1.00 15.48 ? 378  ALA A C   1 
ATOM   465  O  O   . ALA A 1 61 ? -3.280  -6.299  -11.253 1.00 15.11 ? 378  ALA A O   1 
ATOM   466  C  CB  . ALA A 1 61 ? -3.733  -4.460  -8.760  1.00 14.29 ? 378  ALA A CB  1 
ATOM   467  N  N   . GLU A 1 62 ? -5.127  -5.096  -11.748 1.00 15.35 ? 379  GLU A N   1 
ATOM   468  C  CA  . GLU A 1 62 ? -5.674  -6.105  -12.648 1.00 16.11 ? 379  GLU A CA  1 
ATOM   469  C  C   . GLU A 1 62 ? -4.806  -6.327  -13.878 1.00 16.17 ? 379  GLU A C   1 
ATOM   470  O  O   . GLU A 1 62 ? -4.727  -7.444  -14.385 1.00 16.26 ? 379  GLU A O   1 
ATOM   471  C  CB  . GLU A 1 62 ? -7.092  -5.715  -13.090 1.00 16.27 ? 379  GLU A CB  1 
ATOM   472  C  CG  . GLU A 1 62 ? -8.084  -5.603  -11.929 1.00 17.48 ? 379  GLU A CG  1 
ATOM   473  C  CD  . GLU A 1 62 ? -9.507  -5.253  -12.351 1.00 18.15 ? 379  GLU A CD  1 
ATOM   474  O  OE1 . GLU A 1 62 ? -9.760  -5.083  -13.571 1.00 20.80 ? 379  GLU A OE1 1 
ATOM   475  O  OE2 . GLU A 1 62 ? -10.370 -5.162  -11.441 1.00 20.28 ? 379  GLU A OE2 1 
ATOM   476  N  N   . LYS A 1 63 ? -4.172  -5.263  -14.368 1.00 16.13 ? 380  LYS A N   1 
ATOM   477  C  CA  . LYS A 1 63 ? -3.386  -5.340  -15.592 1.00 16.20 ? 380  LYS A CA  1 
ATOM   478  C  C   . LYS A 1 63 ? -1.941  -4.810  -15.455 1.00 16.20 ? 380  LYS A C   1 
ATOM   479  O  O   . LYS A 1 63 ? -1.168  -4.886  -16.408 1.00 15.38 ? 380  LYS A O   1 
ATOM   480  C  CB  . LYS A 1 63 ? -4.124  -4.573  -16.704 1.00 16.30 ? 380  LYS A CB  1 
ATOM   481  C  CG  . LYS A 1 63 ? -5.503  -5.152  -17.106 1.00 16.14 ? 380  LYS A CG  1 
ATOM   482  C  CD  . LYS A 1 63 ? -5.429  -6.295  -18.105 1.00 15.24 ? 380  LYS A CD  1 
ATOM   483  C  CE  . LYS A 1 63 ? -6.709  -7.117  -18.090 1.00 15.29 ? 380  LYS A CE  1 
ATOM   484  N  NZ  . LYS A 1 63 ? -7.076  -7.720  -19.416 1.00 16.56 ? 380  LYS A NZ  1 
ATOM   485  N  N   . PHE A 1 64 ? -1.597  -4.246  -14.290 1.00 16.36 ? 381  PHE A N   1 
ATOM   486  C  CA  . PHE A 1 64 ? -0.255  -3.731  -14.029 1.00 16.79 ? 381  PHE A CA  1 
ATOM   487  C  C   . PHE A 1 64 ? 0.336   -4.259  -12.731 1.00 17.40 ? 381  PHE A C   1 
ATOM   488  O  O   . PHE A 1 64 ? -0.395  -4.633  -11.830 1.00 18.79 ? 381  PHE A O   1 
ATOM   489  C  CB  . PHE A 1 64 ? -0.255  -2.192  -13.981 1.00 17.25 ? 381  PHE A CB  1 
ATOM   490  C  CG  . PHE A 1 64 ? -0.684  -1.531  -15.272 1.00 17.13 ? 381  PHE A CG  1 
ATOM   491  C  CD1 . PHE A 1 64 ? 0.149   -1.498  -16.352 1.00 17.73 ? 381  PHE A CD1 1 
ATOM   492  C  CD2 . PHE A 1 64 ? -1.943  -0.970  -15.394 1.00 18.20 ? 381  PHE A CD2 1 
ATOM   493  C  CE1 . PHE A 1 64 ? -0.248  -0.897  -17.541 1.00 19.09 ? 381  PHE A CE1 1 
ATOM   494  C  CE2 . PHE A 1 64 ? -2.344  -0.372  -16.555 1.00 17.99 ? 381  PHE A CE2 1 
ATOM   495  C  CZ  . PHE A 1 64 ? -1.500  -0.333  -17.633 1.00 18.50 ? 381  PHE A CZ  1 
ATOM   496  N  N   . ASN A 1 65 ? 1.668   -4.309  -12.664 1.00 17.37 ? 382  ASN A N   1 
ATOM   497  C  CA  . ASN A 1 65 ? 2.395   -4.331  -11.407 1.00 17.40 ? 382  ASN A CA  1 
ATOM   498  C  C   . ASN A 1 65 ? 2.301   -2.904  -10.792 1.00 17.40 ? 382  ASN A C   1 
ATOM   499  O  O   . ASN A 1 65 ? 2.839   -1.952  -11.342 1.00 17.02 ? 382  ASN A O   1 
ATOM   500  C  CB  . ASN A 1 65 ? 3.849   -4.778  -11.683 1.00 17.78 ? 382  ASN A CB  1 
ATOM   501  C  CG  . ASN A 1 65 ? 4.677   -5.048  -10.413 1.00 18.83 ? 382  ASN A CG  1 
ATOM   502  O  OD1 . ASN A 1 65 ? 4.379   -4.565  -9.321  1.00 24.60 ? 382  ASN A OD1 1 
ATOM   503  N  ND2 . ASN A 1 65 ? 5.750   -5.809  -10.580 1.00 22.81 ? 382  ASN A ND2 1 
ATOM   504  N  N   . VAL A 1 66 ? 1.590   -2.761  -9.673  1.00 17.78 ? 383  VAL A N   1 
ATOM   505  C  CA  . VAL A 1 66 ? 1.349   -1.448  -9.018  1.00 17.49 ? 383  VAL A CA  1 
ATOM   506  C  C   . VAL A 1 66 ? 2.073   -1.388  -7.674  1.00 17.17 ? 383  VAL A C   1 
ATOM   507  O  O   . VAL A 1 66 ? 1.994   -2.340  -6.884  1.00 16.14 ? 383  VAL A O   1 
ATOM   508  C  CB  . VAL A 1 66 ? -0.180  -1.204  -8.733  1.00 18.25 ? 383  VAL A CB  1 
ATOM   509  C  CG1 . VAL A 1 66 ? -0.473  0.278   -8.412  1.00 16.85 ? 383  VAL A CG1 1 
ATOM   510  C  CG2 . VAL A 1 66 ? -1.018  -1.590  -9.929  1.00 20.72 ? 383  VAL A CG2 1 
ATOM   511  N  N   . GLU A 1 67 ? 2.767   -0.277  -7.430  1.00 16.08 ? 384  GLU A N   1 
ATOM   512  C  CA  . GLU A 1 67 ? 3.211   0.093   -6.108  1.00 15.74 ? 384  GLU A CA  1 
ATOM   513  C  C   . GLU A 1 67 ? 2.572   1.433   -5.738  1.00 14.80 ? 384  GLU A C   1 
ATOM   514  O  O   . GLU A 1 67 ? 2.639   2.394   -6.478  1.00 13.51 ? 384  GLU A O   1 
ATOM   515  C  CB  . GLU A 1 67 ? 4.720   0.222   -6.072  1.00 15.58 ? 384  GLU A CB  1 
ATOM   516  C  CG  . GLU A 1 67 ? 5.434   -1.012  -6.606  1.00 18.07 ? 384  GLU A CG  1 
ATOM   517  C  CD  . GLU A 1 67 ? 6.923   -0.827  -6.630  1.00 19.06 ? 384  GLU A CD  1 
ATOM   518  O  OE1 . GLU A 1 67 ? 7.506   -0.759  -5.515  1.00 23.88 ? 384  GLU A OE1 1 
ATOM   519  O  OE2 . GLU A 1 67 ? 7.503   -0.707  -7.758  1.00 23.65 ? 384  GLU A OE2 1 
ATOM   520  N  N   . GLN A 1 68 ? 1.908   1.477   -4.606  1.00 14.32 ? 385  GLN A N   1 
ATOM   521  C  CA  . GLN A 1 68 ? 1.367   2.726   -4.128  1.00 14.18 ? 385  GLN A CA  1 
ATOM   522  C  C   . GLN A 1 68 ? 2.452   3.461   -3.364  1.00 13.08 ? 385  GLN A C   1 
ATOM   523  O  O   . GLN A 1 68 ? 3.173   2.838   -2.660  1.00 12.06 ? 385  GLN A O   1 
ATOM   524  C  CB  . GLN A 1 68 ? 0.154   2.453   -3.241  1.00 14.25 ? 385  GLN A CB  1 
ATOM   525  C  CG  . GLN A 1 68 ? -0.692  3.682   -2.970  1.00 14.02 ? 385  GLN A CG  1 
ATOM   526  C  CD  . GLN A 1 68 ? -2.003  3.307   -2.401  1.00 14.00 ? 385  GLN A CD  1 
ATOM   527  O  OE1 . GLN A 1 68 ? -2.683  2.436   -2.936  1.00 17.88 ? 385  GLN A OE1 1 
ATOM   528  N  NE2 . GLN A 1 68 ? -2.393  3.964   -1.327  1.00 13.51 ? 385  GLN A NE2 1 
ATOM   529  N  N   . GLY A 1 69 ? 2.595   4.766   -3.546  1.00 13.52 ? 386  GLY A N   1 
ATOM   530  C  CA  . GLY A 1 69 ? 3.538   5.540   -2.742  1.00 14.38 ? 386  GLY A CA  1 
ATOM   531  C  C   . GLY A 1 69 ? 2.879   5.932   -1.418  1.00 14.73 ? 386  GLY A C   1 
ATOM   532  O  O   . GLY A 1 69 ? 1.738   5.569   -1.170  1.00 14.92 ? 386  GLY A O   1 
ATOM   533  N  N   . GLN A 1 70 ? 3.589   6.672   -0.576  1.00 14.66 ? 387  GLN A N   1 
ATOM   534  C  CA  . GLN A 1 70 ? 2.981   7.297   0.604   1.00 15.24 ? 387  GLN A CA  1 
ATOM   535  C  C   . GLN A 1 70 ? 1.765   8.149   0.272   1.00 15.73 ? 387  GLN A C   1 
ATOM   536  O  O   . GLN A 1 70 ? 1.762   8.830   -0.750  1.00 15.78 ? 387  GLN A O   1 
ATOM   537  C  CB  . GLN A 1 70 ? 3.967   8.236   1.279   1.00 15.20 ? 387  GLN A CB  1 
ATOM   538  C  CG  . GLN A 1 70 ? 4.881   7.593   2.239   1.00 15.61 ? 387  GLN A CG  1 
ATOM   539  C  CD  . GLN A 1 70 ? 5.912   8.560   2.760   1.00 15.94 ? 387  GLN A CD  1 
ATOM   540  O  OE1 . GLN A 1 70 ? 5.667   9.769   2.895   1.00 16.81 ? 387  GLN A OE1 1 
ATOM   541  N  NE2 . GLN A 1 70 ? 7.085   8.038   3.042   1.00 16.47 ? 387  GLN A NE2 1 
ATOM   542  N  N   . LEU A 1 71 ? 0.764   8.137   1.160   1.00 16.02 ? 388  LEU A N   1 
ATOM   543  C  CA  . LEU A 1 71 ? -0.373  9.060   1.112   1.00 16.21 ? 388  LEU A CA  1 
ATOM   544  C  C   . LEU A 1 71 ? -0.222  10.041  2.258   1.00 16.44 ? 388  LEU A C   1 
ATOM   545  O  O   . LEU A 1 71 ? -0.075  9.622   3.402   1.00 17.75 ? 388  LEU A O   1 
ATOM   546  C  CB  . LEU A 1 71 ? -1.724  8.337   1.294   1.00 16.36 ? 388  LEU A CB  1 
ATOM   547  C  CG  . LEU A 1 71 ? -2.235  7.402   0.214   1.00 16.82 ? 388  LEU A CG  1 
ATOM   548  C  CD1 . LEU A 1 71 ? -3.720  7.073   0.447   1.00 15.30 ? 388  LEU A CD1 1 
ATOM   549  C  CD2 . LEU A 1 71 ? -1.986  8.042   -1.125  1.00 17.07 ? 388  LEU A CD2 1 
ATOM   550  N  N   . ASN A 1 72 ? -0.277  11.326  1.961   1.00 16.52 ? 389  ASN A N   1 
ATOM   551  C  CA  . ASN A 1 72 ? -0.154  12.380  2.968   1.00 17.21 ? 389  ASN A CA  1 
ATOM   552  C  C   . ASN A 1 72 ? -1.339  13.335  2.869   1.00 16.96 ? 389  ASN A C   1 
ATOM   553  O  O   . ASN A 1 72 ? -1.818  13.635  1.792   1.00 17.90 ? 389  ASN A O   1 
ATOM   554  C  CB  . ASN A 1 72 ? 1.181   13.131  2.789   1.00 17.62 ? 389  ASN A CB  1 
ATOM   555  C  CG  . ASN A 1 72 ? 2.387   12.195  2.914   1.00 18.40 ? 389  ASN A CG  1 
ATOM   556  O  OD1 . ASN A 1 72 ? 2.999   11.814  1.919   1.00 22.71 ? 389  ASN A OD1 1 
ATOM   557  N  ND2 . ASN A 1 72 ? 2.687   11.780  4.126   1.00 19.59 ? 389  ASN A ND2 1 
ATOM   558  N  N   . ARG A 1 73 ? -1.848  13.772  3.991   1.00 17.54 ? 390  ARG A N   1 
ATOM   559  C  CA  . ARG A 1 73 ? -2.912  14.748  3.990   1.00 17.83 ? 390  ARG A CA  1 
ATOM   560  C  C   . ARG A 1 73 ? -2.295  16.105  4.224   1.00 17.79 ? 390  ARG A C   1 
ATOM   561  O  O   . ARG A 1 73 ? -1.467  16.283  5.128   1.00 17.30 ? 390  ARG A O   1 
ATOM   562  C  CB  . ARG A 1 73 ? -3.974  14.449  5.042   1.00 17.99 ? 390  ARG A CB  1 
ATOM   563  C  CG  . ARG A 1 73 ? -5.238  15.250  4.791   1.00 18.64 ? 390  ARG A CG  1 
ATOM   564  C  CD  . ARG A 1 73 ? -6.311  15.026  5.838   1.00 19.83 ? 390  ARG A CD  1 
ATOM   565  N  NE  . ARG A 1 73 ? -7.230  13.934  5.486   1.00 20.98 ? 390  ARG A NE  1 
ATOM   566  C  CZ  . ARG A 1 73 ? -7.457  12.845  6.220   1.00 21.00 ? 390  ARG A CZ  1 
ATOM   567  N  NH1 . ARG A 1 73 ? -6.826  12.645  7.377   1.00 19.64 ? 390  ARG A NH1 1 
ATOM   568  N  NH2 . ARG A 1 73 ? -8.332  11.937  5.778   1.00 21.56 ? 390  ARG A NH2 1 
ATOM   569  N  N   . SER A 1 74 ? -2.704  17.043  3.367   1.00 18.41 ? 391  SER A N   1 
ATOM   570  C  CA  . SER A 1 74 ? -2.318  18.446  3.442   1.00 18.55 ? 391  SER A CA  1 
ATOM   571  C  C   . SER A 1 74 ? -3.143  19.192  4.499   1.00 17.78 ? 391  SER A C   1 
ATOM   572  O  O   . SER A 1 74 ? -2.589  20.019  5.249   1.00 17.68 ? 391  SER A O   1 
ATOM   573  C  CB  . SER A 1 74 ? -2.535  19.094  2.086   1.00 18.70 ? 391  SER A CB  1 
ATOM   574  O  OG  . SER A 1 74 ? -3.906  19.451  1.979   1.00 20.71 ? 391  SER A OG  1 
ATOM   575  N  N   . ASN A 1 76 ? -7.410  20.466  2.663   0.50 4.08  ? 393  ASN A N   1 
ATOM   576  C  CA  . ASN A 1 76 ? -7.770  19.147  3.208   0.50 4.98  ? 393  ASN A CA  1 
ATOM   577  C  C   . ASN A 1 76 ? -7.717  18.065  2.110   0.50 4.95  ? 393  ASN A C   1 
ATOM   578  O  O   . ASN A 1 76 ? -8.697  17.371  1.848   0.50 4.35  ? 393  ASN A O   1 
ATOM   579  C  CB  . ASN A 1 76 ? -9.174  19.221  3.845   0.50 4.88  ? 393  ASN A CB  1 
ATOM   580  C  CG  . ASN A 1 76 ? -9.264  18.525  5.199   0.50 5.29  ? 393  ASN A CG  1 
ATOM   581  O  OD1 . ASN A 1 76 ? -8.357  17.812  5.630   0.50 6.00  ? 393  ASN A OD1 1 
ATOM   582  N  ND2 . ASN A 1 76 ? -10.375 18.751  5.887   0.50 5.80  ? 393  ASN A ND2 1 
ATOM   583  N  N   . VAL A 1 77 ? -6.553  17.945  1.474   1.00 5.73  ? 394  VAL A N   1 
ATOM   584  C  CA  . VAL A 1 77 ? -6.347  17.100  0.303   1.00 6.06  ? 394  VAL A CA  1 
ATOM   585  C  C   . VAL A 1 77 ? -5.420  15.953  0.667   1.00 7.11  ? 394  VAL A C   1 
ATOM   586  O  O   . VAL A 1 77 ? -4.418  16.150  1.388   1.00 8.63  ? 394  VAL A O   1 
ATOM   587  C  CB  . VAL A 1 77 ? -5.699  17.895  -0.857  1.00 6.31  ? 394  VAL A CB  1 
ATOM   588  C  CG1 . VAL A 1 77 ? -5.856  17.183  -2.184  1.00 5.96  ? 394  VAL A CG1 1 
ATOM   589  C  CG2 . VAL A 1 77 ? -6.316  19.293  -0.977  1.00 7.44  ? 394  VAL A CG2 1 
ATOM   590  N  N   . VAL A 1 78 ? -5.752  14.760  0.182   1.00 6.55  ? 395  VAL A N   1 
ATOM   591  C  CA  . VAL A 1 78 ? -4.889  13.581  0.320   1.00 5.80  ? 395  VAL A CA  1 
ATOM   592  C  C   . VAL A 1 78 ? -4.071  13.426  -0.980  1.00 5.93  ? 395  VAL A C   1 
ATOM   593  O  O   . VAL A 1 78 ? -4.625  13.495  -2.081  1.00 6.29  ? 395  VAL A O   1 
ATOM   594  C  CB  . VAL A 1 78 ? -5.715  12.305  0.598   1.00 5.81  ? 395  VAL A CB  1 
ATOM   595  C  CG1 . VAL A 1 78 ? -4.801  11.139  0.834   1.00 5.71  ? 395  VAL A CG1 1 
ATOM   596  C  CG2 . VAL A 1 78 ? -6.703  12.536  1.819   1.00 3.30  ? 395  VAL A CG2 1 
HETATM 597  N  N   . MSE A 1 79 ? -2.759  13.288  -0.853  1.00 4.75  ? 396  MSE A N   1 
HETATM 598  C  CA  . MSE A 1 79 ? -1.894  13.278  -2.004  1.00 4.50  ? 396  MSE A CA  1 
HETATM 599  C  C   . MSE A 1 79 ? -1.101  11.993  -2.014  1.00 2.98  ? 396  MSE A C   1 
HETATM 600  O  O   . MSE A 1 79 ? -0.551  11.594  -1.004  1.00 2.00  ? 396  MSE A O   1 
HETATM 601  C  CB  . MSE A 1 79 ? -0.947  14.466  -1.945  1.00 4.28  ? 396  MSE A CB  1 
HETATM 602  C  CG  . MSE A 1 79 ? -1.636  15.806  -1.928  1.00 5.04  ? 396  MSE A CG  1 
HETATM 603  SE SE  . MSE A 1 79 ? -0.325  17.303  -1.847  1.00 7.34  ? 396  MSE A SE  1 
HETATM 604  C  CE  . MSE A 1 79 ? 0.424   17.042  -3.659  1.00 6.32  ? 396  MSE A CE  1 
ATOM   605  N  N   . GLY A 1 80 ? -1.052  11.333  -3.165  1.00 2.91  ? 397  GLY A N   1 
ATOM   606  C  CA  . GLY A 1 80 ? -0.219  10.149  -3.302  1.00 2.78  ? 397  GLY A CA  1 
ATOM   607  C  C   . GLY A 1 80 ? 0.173   9.867   -4.711  1.00 3.14  ? 397  GLY A C   1 
ATOM   608  O  O   . GLY A 1 80 ? -0.043  10.667  -5.607  1.00 2.04  ? 397  GLY A O   1 
ATOM   609  N  N   . SER A 1 81 ? 0.713   8.672   -4.907  1.00 4.05  ? 398  SER A N   1 
ATOM   610  C  CA  . SER A 1 81 ? 1.284   8.302   -6.169  1.00 4.11  ? 398  SER A CA  1 
ATOM   611  C  C   . SER A 1 81 ? 1.237   6.818   -6.372  1.00 4.32  ? 398  SER A C   1 
ATOM   612  O  O   . SER A 1 81 ? 0.965   6.060   -5.441  1.00 3.18  ? 398  SER A O   1 
ATOM   613  C  CB  . SER A 1 81 ? 2.735   8.773   -6.238  1.00 3.98  ? 398  SER A CB  1 
ATOM   614  O  OG  . SER A 1 81 ? 3.458   8.150   -5.209  1.00 5.27  ? 398  SER A OG  1 
ATOM   615  N  N   . PHE A 1 82 ? 1.513   6.441   -7.625  1.00 4.31  ? 399  PHE A N   1 
ATOM   616  C  CA  . PHE A 1 82 ? 1.562   5.065   -8.060  1.00 3.65  ? 399  PHE A CA  1 
ATOM   617  C  C   . PHE A 1 82 ? 2.702   4.940   -9.043  1.00 2.98  ? 399  PHE A C   1 
ATOM   618  O  O   . PHE A 1 82 ? 2.929   5.837   -9.839  1.00 2.12  ? 399  PHE A O   1 
ATOM   619  C  CB  . PHE A 1 82 ? 0.289   4.717   -8.821  1.00 4.45  ? 399  PHE A CB  1 
ATOM   620  C  CG  . PHE A 1 82 ? -0.923  4.697   -7.992  1.00 3.84  ? 399  PHE A CG  1 
ATOM   621  C  CD1 . PHE A 1 82 ? -1.118  3.701   -7.083  1.00 3.14  ? 399  PHE A CD1 1 
ATOM   622  C  CD2 . PHE A 1 82 ? -1.898  5.675   -8.145  1.00 5.03  ? 399  PHE A CD2 1 
ATOM   623  C  CE1 . PHE A 1 82 ? -2.233  3.686   -6.301  1.00 2.06  ? 399  PHE A CE1 1 
ATOM   624  C  CE2 . PHE A 1 82 ? -3.053  5.651   -7.344  1.00 2.87  ? 399  PHE A CE2 1 
ATOM   625  C  CZ  . PHE A 1 82 ? -3.207  4.664   -6.437  1.00 2.56  ? 399  PHE A CZ  1 
ATOM   626  N  N   . VAL A 1 83 ? 3.393   3.814   -8.982  1.00 2.70  ? 400  VAL A N   1 
ATOM   627  C  CA  . VAL A 1 83 ? 4.340   3.389   -9.991  1.00 2.13  ? 400  VAL A CA  1 
ATOM   628  C  C   . VAL A 1 83 ? 3.781   2.127   -10.639 1.00 2.03  ? 400  VAL A C   1 
ATOM   629  O  O   . VAL A 1 83 ? 3.423   1.199   -9.957  1.00 2.00  ? 400  VAL A O   1 
ATOM   630  C  CB  . VAL A 1 83 ? 5.716   3.099   -9.373  1.00 2.00  ? 400  VAL A CB  1 
ATOM   631  C  CG1 . VAL A 1 83 ? 6.672   2.634   -10.438 1.00 2.13  ? 400  VAL A CG1 1 
ATOM   632  C  CG2 . VAL A 1 83 ? 6.257   4.378   -8.710  1.00 2.36  ? 400  VAL A CG2 1 
ATOM   633  N  N   . LEU A 1 84 ? 3.655   2.145   -11.959 1.00 2.11  ? 401  LEU A N   1 
ATOM   634  C  CA  . LEU A 1 84 ? 3.202   0.996   -12.729 1.00 2.00  ? 401  LEU A CA  1 
ATOM   635  C  C   . LEU A 1 84 ? 4.362   0.433   -13.538 1.00 2.00  ? 401  LEU A C   1 
ATOM   636  O  O   . LEU A 1 84 ? 5.107   1.186   -14.162 1.00 2.00  ? 401  LEU A O   1 
ATOM   637  C  CB  . LEU A 1 84 ? 2.121   1.421   -13.738 1.00 2.00  ? 401  LEU A CB  1 
ATOM   638  C  CG  . LEU A 1 84 ? 0.950   2.250   -13.246 1.00 3.22  ? 401  LEU A CG  1 
ATOM   639  C  CD1 . LEU A 1 84 ? -0.068  2.491   -14.392 1.00 2.00  ? 401  LEU A CD1 1 
ATOM   640  C  CD2 . LEU A 1 84 ? 0.311   1.593   -12.052 1.00 2.00  ? 401  LEU A CD2 1 
ATOM   641  N  N   . LYS A 1 85 ? 4.457   -0.879  -13.557 1.00 2.00  ? 402  LYS A N   1 
ATOM   642  C  CA  . LYS A 1 85 ? 5.316   -1.642  -14.444 1.00 2.00  ? 402  LYS A CA  1 
ATOM   643  C  C   . LYS A 1 85 ? 4.465   -2.732  -15.090 1.00 2.00  ? 402  LYS A C   1 
ATOM   644  O  O   . LYS A 1 85 ? 3.344   -3.015  -14.649 1.00 2.00  ? 402  LYS A O   1 
ATOM   645  C  CB  . LYS A 1 85 ? 6.457   -2.276  -13.649 1.00 2.00  ? 402  LYS A CB  1 
ATOM   646  C  CG  . LYS A 1 85 ? 7.289   -1.271  -12.849 1.00 2.00  ? 402  LYS A CG  1 
ATOM   647  C  CD  . LYS A 1 85 ? 8.104   -1.951  -11.720 1.00 2.44  ? 402  LYS A CD  1 
ATOM   648  C  CE  . LYS A 1 85 ? 8.653   -0.898  -10.742 1.00 3.42  ? 402  LYS A CE  1 
ATOM   649  N  NZ  . LYS A 1 85 ? 9.625   -1.437  -9.764  1.00 2.75  ? 402  LYS A NZ  1 
ATOM   650  N  N   . ARG A 1 86 ? 4.997   -3.356  -16.128 1.00 2.00  ? 403  ARG A N   1 
ATOM   651  C  CA  . ARG A 1 86 ? 4.247   -4.385  -16.873 1.00 2.46  ? 403  ARG A CA  1 
ATOM   652  C  C   . ARG A 1 86 ? 3.848   -5.619  -15.997 1.00 2.40  ? 403  ARG A C   1 
ATOM   653  O  O   . ARG A 1 86 ? 4.658   -6.067  -15.212 1.00 2.00  ? 403  ARG A O   1 
ATOM   654  C  CB  . ARG A 1 86 ? 5.071   -4.874  -18.085 1.00 2.50  ? 403  ARG A CB  1 
ATOM   655  C  CG  . ARG A 1 86 ? 5.311   -3.803  -19.150 1.00 3.41  ? 403  ARG A CG  1 
ATOM   656  C  CD  . ARG A 1 86 ? 5.244   -4.364  -20.575 1.00 2.96  ? 403  ARG A CD  1 
ATOM   657  N  NE  . ARG A 1 86 ? 6.475   -5.036  -20.951 1.00 4.65  ? 403  ARG A NE  1 
ATOM   658  C  CZ  . ARG A 1 86 ? 6.577   -6.029  -21.839 1.00 4.98  ? 403  ARG A CZ  1 
ATOM   659  N  NH1 . ARG A 1 86 ? 5.507   -6.522  -22.470 1.00 5.77  ? 403  ARG A NH1 1 
ATOM   660  N  NH2 . ARG A 1 86 ? 7.775   -6.543  -22.096 1.00 4.63  ? 403  ARG A NH2 1 
ATOM   661  N  N   . GLN A 1 87 ? 2.586   -6.076  -16.146 1.00 3.07  ? 404  GLN A N   1 
ATOM   662  C  CA  . GLN A 1 87 ? 1.972   -7.346  -15.608 1.00 3.34  ? 404  GLN A CA  1 
ATOM   663  C  C   . GLN A 1 87 ? 0.812   -7.169  -14.584 1.00 3.44  ? 404  GLN A C   1 
ATOM   664  O  O   . GLN A 1 87 ? -0.017  -8.097  -14.345 1.00 3.15  ? 404  GLN A O   1 
ATOM   665  C  CB  . GLN A 1 87 ? 3.008   -8.323  -15.051 1.00 3.36  ? 404  GLN A CB  1 
ATOM   666  C  CG  . GLN A 1 87 ? 3.848   -9.032  -16.088 1.00 3.47  ? 404  GLN A CG  1 
ATOM   667  C  CD  . GLN A 1 87 ? 4.890   -9.900  -15.419 1.00 4.54  ? 404  GLN A CD  1 
ATOM   668  O  OE1 . GLN A 1 87 ? 5.670   -9.410  -14.598 1.00 6.30  ? 404  GLN A OE1 1 
ATOM   669  N  NE2 . GLN A 1 87 ? 4.889   -11.201 -15.728 1.00 4.53  ? 404  GLN A NE2 1 
ATOM   670  N  N   . SER B 1 5  ? 10.797  -25.863 8.433   1.00 34.27 ? 322  SER B N   1 
ATOM   671  C  CA  . SER B 1 5  ? 9.950   -26.461 9.500   1.00 34.17 ? 322  SER B CA  1 
ATOM   672  C  C   . SER B 1 5  ? 9.280   -25.378 10.345  1.00 34.21 ? 322  SER B C   1 
ATOM   673  O  O   . SER B 1 5  ? 8.055   -25.294 10.382  1.00 34.39 ? 322  SER B O   1 
ATOM   674  C  CB  . SER B 1 5  ? 10.788  -27.385 10.390  1.00 34.24 ? 322  SER B CB  1 
ATOM   675  O  OG  . SER B 1 5  ? 11.780  -26.656 11.096  1.00 33.96 ? 322  SER B OG  1 
ATOM   676  N  N   . THR B 1 6  ? 10.084  -24.549 11.012  1.00 34.14 ? 323  THR B N   1 
ATOM   677  C  CA  . THR B 1 6  ? 9.574   -23.529 11.949  1.00 33.96 ? 323  THR B CA  1 
ATOM   678  C  C   . THR B 1 6  ? 10.507  -22.299 11.977  1.00 34.02 ? 323  THR B C   1 
ATOM   679  O  O   . THR B 1 6  ? 11.720  -22.461 12.079  1.00 34.50 ? 323  THR B O   1 
ATOM   680  C  CB  . THR B 1 6  ? 9.443   -24.142 13.362  1.00 33.84 ? 323  THR B CB  1 
ATOM   681  O  OG1 . THR B 1 6  ? 8.813   -23.216 14.240  1.00 32.92 ? 323  THR B OG1 1 
ATOM   682  C  CG2 . THR B 1 6  ? 10.815  -24.519 13.930  1.00 34.28 ? 323  THR B CG2 1 
ATOM   683  N  N   . ASP B 1 7  ? 9.954   -21.084 11.901  1.00 34.01 ? 324  ASP B N   1 
ATOM   684  C  CA  . ASP B 1 7  ? 10.764  -19.854 11.811  1.00 33.62 ? 324  ASP B CA  1 
ATOM   685  C  C   . ASP B 1 7  ? 10.997  -19.097 13.110  1.00 33.29 ? 324  ASP B C   1 
ATOM   686  O  O   . ASP B 1 7  ? 10.269  -18.126 13.449  1.00 33.89 ? 324  ASP B O   1 
ATOM   687  C  CB  . ASP B 1 7  ? 10.207  -18.860 10.799  1.00 33.62 ? 324  ASP B CB  1 
ATOM   688  C  CG  . ASP B 1 7  ? 11.157  -17.675 10.575  1.00 34.53 ? 324  ASP B CG  1 
ATOM   689  O  OD1 . ASP B 1 7  ? 11.640  -17.113 11.587  1.00 31.37 ? 324  ASP B OD1 1 
ATOM   690  O  OD2 . ASP B 1 7  ? 11.444  -17.328 9.396   1.00 36.09 ? 324  ASP B OD2 1 
ATOM   691  N  N   . VAL B 1 8  ? 12.087  -19.491 13.757  1.00 31.62 ? 325  VAL B N   1 
ATOM   692  C  CA  . VAL B 1 8  ? 12.545  -18.931 15.019  1.00 30.54 ? 325  VAL B CA  1 
ATOM   693  C  C   . VAL B 1 8  ? 12.948  -17.461 14.979  1.00 29.98 ? 325  VAL B C   1 
ATOM   694  O  O   . VAL B 1 8  ? 12.747  -16.765 15.966  1.00 30.08 ? 325  VAL B O   1 
ATOM   695  C  CB  . VAL B 1 8  ? 13.726  -19.777 15.565  1.00 30.97 ? 325  VAL B CB  1 
ATOM   696  C  CG1 . VAL B 1 8  ? 14.732  -18.919 16.348  1.00 30.49 ? 325  VAL B CG1 1 
ATOM   697  C  CG2 . VAL B 1 8  ? 13.186  -20.966 16.385  1.00 30.53 ? 325  VAL B CG2 1 
ATOM   698  N  N   . ALA B 1 9  ? 13.551  -16.996 13.883  1.00 29.31 ? 326  ALA B N   1 
ATOM   699  C  CA  . ALA B 1 9  ? 13.994  -15.583 13.776  1.00 28.66 ? 326  ALA B CA  1 
ATOM   700  C  C   . ALA B 1 9  ? 12.783  -14.643 13.801  1.00 27.33 ? 326  ALA B C   1 
ATOM   701  O  O   . ALA B 1 9  ? 12.770  -13.654 14.510  1.00 28.56 ? 326  ALA B O   1 
ATOM   702  C  CB  . ALA B 1 9  ? 14.823  -15.369 12.532  1.00 28.54 ? 326  ALA B CB  1 
HETATM 703  N  N   . MSE B 1 10 ? 11.744  -14.972 13.056  1.00 25.17 ? 327  MSE B N   1 
HETATM 704  C  CA  . MSE B 1 10 ? 10.515  -14.218 13.141  1.00 23.33 ? 327  MSE B CA  1 
HETATM 705  C  C   . MSE B 1 10 ? 9.864   -14.297 14.532  1.00 21.83 ? 327  MSE B C   1 
HETATM 706  O  O   . MSE B 1 10 ? 9.358   -13.308 15.021  1.00 21.39 ? 327  MSE B O   1 
HETATM 707  C  CB  . MSE B 1 10 ? 9.541   -14.642 12.058  1.00 23.57 ? 327  MSE B CB  1 
HETATM 708  C  CG  . MSE B 1 10 ? 8.295   -13.794 12.054  1.00 27.52 ? 327  MSE B CG  1 
HETATM 709  SE SE  . MSE B 1 10 ? 8.634   -11.837 11.671  1.00 38.16 ? 327  MSE B SE  1 
HETATM 710  C  CE  . MSE B 1 10 ? 8.984   -12.090 9.783   1.00 31.11 ? 327  MSE B CE  1 
ATOM   711  N  N   . LEU B 1 11 ? 9.892   -15.461 15.157  1.00 20.10 ? 328  LEU B N   1 
ATOM   712  C  CA  . LEU B 1 11 ? 9.393   -15.608 16.517  1.00 19.80 ? 328  LEU B CA  1 
ATOM   713  C  C   . LEU B 1 11 ? 10.115  -14.654 17.475  1.00 18.89 ? 328  LEU B C   1 
ATOM   714  O  O   . LEU B 1 11 ? 9.510   -13.974 18.263  1.00 17.13 ? 328  LEU B O   1 
ATOM   715  C  CB  . LEU B 1 11 ? 9.535   -17.065 16.979  1.00 19.27 ? 328  LEU B CB  1 
ATOM   716  C  CG  . LEU B 1 11 ? 8.848   -17.477 18.278  1.00 18.34 ? 328  LEU B CG  1 
ATOM   717  C  CD1 . LEU B 1 11 ? 7.381   -17.215 18.184  1.00 15.60 ? 328  LEU B CD1 1 
ATOM   718  C  CD2 . LEU B 1 11 ? 9.108   -18.947 18.530  1.00 18.53 ? 328  LEU B CD2 1 
ATOM   719  N  N   . SER B 1 12 ? 11.424  -14.580 17.375  1.00 19.82 ? 329  SER B N   1 
ATOM   720  C  CA  . SER B 1 12 ? 12.189  -13.656 18.196  1.00 20.96 ? 329  SER B CA  1 
ATOM   721  C  C   . SER B 1 12 ? 11.836  -12.182 17.957  1.00 22.16 ? 329  SER B C   1 
ATOM   722  O  O   . SER B 1 12 ? 11.570  -11.457 18.938  1.00 23.20 ? 329  SER B O   1 
ATOM   723  C  CB  . SER B 1 12 ? 13.673  -13.884 17.973  1.00 20.65 ? 329  SER B CB  1 
ATOM   724  O  OG  . SER B 1 12 ? 13.986  -15.236 18.273  1.00 20.99 ? 329  SER B OG  1 
ATOM   725  N  N   . TRP B 1 13 ? 11.772  -11.763 16.680  1.00 22.27 ? 330  TRP B N   1 
ATOM   726  C  CA  A TRP B 1 13 ? 11.596  -10.345 16.324  0.50 22.76 ? 330  TRP B CA  1 
ATOM   727  C  CA  B TRP B 1 13 ? 11.575  -10.354 16.352  0.50 22.34 ? 330  TRP B CA  1 
ATOM   728  C  C   . TRP B 1 13 ? 10.145  -9.889  16.510  1.00 23.02 ? 330  TRP B C   1 
ATOM   729  O  O   . TRP B 1 13 ? 9.877   -8.723  16.732  1.00 23.69 ? 330  TRP B O   1 
ATOM   730  C  CB  A TRP B 1 13 ? 12.049  -10.038 14.873  0.50 23.21 ? 330  TRP B CB  1 
ATOM   731  C  CB  B TRP B 1 13 ? 12.127  -10.032 14.954  0.50 21.95 ? 330  TRP B CB  1 
ATOM   732  C  CG  A TRP B 1 13 ? 13.424  -10.573 14.448  0.50 23.25 ? 330  TRP B CG  1 
ATOM   733  C  CG  B TRP B 1 13 ? 13.473  -9.514  15.129  0.50 21.24 ? 330  TRP B CG  1 
ATOM   734  C  CD1 A TRP B 1 13 ? 14.526  -10.777 15.237  0.50 23.63 ? 330  TRP B CD1 1 
ATOM   735  C  CD1 B TRP B 1 13 ? 14.614  -10.236 15.255  0.50 20.84 ? 330  TRP B CD1 1 
ATOM   736  C  CD2 A TRP B 1 13 ? 13.819  -10.938 13.115  0.50 24.26 ? 330  TRP B CD2 1 
ATOM   737  C  CD2 B TRP B 1 13 ? 13.817  -8.162  15.367  0.50 20.22 ? 330  TRP B CD2 1 
ATOM   738  N  NE1 A TRP B 1 13 ? 15.578  -11.263 14.476  0.50 23.86 ? 330  TRP B NE1 1 
ATOM   739  N  NE1 B TRP B 1 13 ? 15.667  -9.406  15.507  0.50 20.77 ? 330  TRP B NE1 1 
ATOM   740  C  CE2 A TRP B 1 13 ? 15.165  -11.370 13.175  0.50 23.67 ? 330  TRP B CE2 1 
ATOM   741  C  CE2 B TRP B 1 13 ? 15.206  -8.119  15.566  0.50 20.81 ? 330  TRP B CE2 1 
ATOM   742  C  CE3 A TRP B 1 13 ? 13.159  -10.950 11.876  0.50 23.52 ? 330  TRP B CE3 1 
ATOM   743  C  CE3 B TRP B 1 13 ? 13.093  -6.968  15.382  0.50 20.44 ? 330  TRP B CE3 1 
ATOM   744  C  CZ2 A TRP B 1 13 ? 15.853  -11.810 12.052  0.50 24.51 ? 330  TRP B CZ2 1 
ATOM   745  C  CZ2 B TRP B 1 13 ? 15.890  -6.926  15.782  0.50 21.06 ? 330  TRP B CZ2 1 
ATOM   746  C  CZ3 A TRP B 1 13 ? 13.843  -11.377 10.767  0.50 23.70 ? 330  TRP B CZ3 1 
ATOM   747  C  CZ3 B TRP B 1 13 ? 13.772  -5.781  15.601  0.50 20.85 ? 330  TRP B CZ3 1 
ATOM   748  C  CH2 A TRP B 1 13 ? 15.180  -11.807 10.856  0.50 24.04 ? 330  TRP B CH2 1 
ATOM   749  C  CH2 B TRP B 1 13 ? 15.155  -5.770  15.799  0.50 20.90 ? 330  TRP B CH2 1 
ATOM   750  N  N   . LEU B 1 14 ? 9.224   -10.810 16.402  1.00 23.07 ? 331  LEU B N   1 
ATOM   751  C  CA  . LEU B 1 14 ? 7.855   -10.545 16.784  1.00 22.99 ? 331  LEU B CA  1 
ATOM   752  C  C   . LEU B 1 14 ? 7.672   -9.850  18.175  1.00 22.70 ? 331  LEU B C   1 
ATOM   753  O  O   . LEU B 1 14 ? 6.670   -9.171  18.420  1.00 22.68 ? 331  LEU B O   1 
ATOM   754  C  CB  . LEU B 1 14 ? 7.156   -11.906 16.757  1.00 24.01 ? 331  LEU B CB  1 
ATOM   755  C  CG  . LEU B 1 14 ? 5.821   -12.162 17.423  1.00 24.40 ? 331  LEU B CG  1 
ATOM   756  C  CD1 . LEU B 1 14 ? 5.195   -13.358 16.727  1.00 22.81 ? 331  LEU B CD1 1 
ATOM   757  C  CD2 . LEU B 1 14 ? 6.047   -12.370 18.883  1.00 22.67 ? 331  LEU B CD2 1 
ATOM   758  N  N   . ALA B 1 15 ? 8.620   -10.065 19.089  1.00 21.81 ? 332  ALA B N   1 
ATOM   759  C  CA  . ALA B 1 15 ? 8.624   -9.437  20.424  1.00 20.85 ? 332  ALA B CA  1 
ATOM   760  C  C   . ALA B 1 15 ? 8.698   -7.881  20.392  1.00 19.76 ? 332  ALA B C   1 
ATOM   761  O  O   . ALA B 1 15 ? 8.300   -7.216  21.377  1.00 19.72 ? 332  ALA B O   1 
ATOM   762  C  CB  . ALA B 1 15 ? 9.803   -10.000 21.250  1.00 20.40 ? 332  ALA B CB  1 
ATOM   763  N  N   . ALA B 1 16 ? 9.270   -7.349  19.302  1.00 18.14 ? 333  ALA B N   1 
ATOM   764  C  CA  . ALA B 1 16 ? 9.400   -5.919  19.028  1.00 17.67 ? 333  ALA B CA  1 
ATOM   765  C  C   . ALA B 1 16 ? 8.124   -5.272  18.462  1.00 16.82 ? 333  ALA B C   1 
ATOM   766  O  O   . ALA B 1 16 ? 8.069   -4.064  18.339  1.00 17.78 ? 333  ALA B O   1 
ATOM   767  C  CB  . ALA B 1 16 ? 10.553  -5.685  18.050  1.00 17.24 ? 333  ALA B CB  1 
ATOM   768  N  N   . LEU B 1 17 ? 7.126   -6.058  18.077  1.00 16.18 ? 334  LEU B N   1 
ATOM   769  C  CA  . LEU B 1 17 ? 5.963   -5.534  17.390  1.00 16.21 ? 334  LEU B CA  1 
ATOM   770  C  C   . LEU B 1 17 ? 4.955   -4.790  18.286  1.00 15.63 ? 334  LEU B C   1 
ATOM   771  O  O   . LEU B 1 17 ? 4.422   -3.744  17.894  1.00 14.75 ? 334  LEU B O   1 
ATOM   772  C  CB  . LEU B 1 17 ? 5.281   -6.644  16.579  1.00 16.81 ? 334  LEU B CB  1 
ATOM   773  C  CG  . LEU B 1 17 ? 5.999   -7.096  15.281  1.00 17.09 ? 334  LEU B CG  1 
ATOM   774  C  CD1 . LEU B 1 17 ? 5.280   -8.284  14.639  1.00 15.65 ? 334  LEU B CD1 1 
ATOM   775  C  CD2 . LEU B 1 17 ? 6.171   -5.976  14.276  1.00 16.93 ? 334  LEU B CD2 1 
ATOM   776  N  N   . PRO B 1 18 ? 4.696   -5.299  19.501  1.00 15.75 ? 335  PRO B N   1 
ATOM   777  C  CA  . PRO B 1 18 ? 3.842   -4.498  20.366  1.00 15.34 ? 335  PRO B CA  1 
ATOM   778  C  C   . PRO B 1 18 ? 4.393   -3.113  20.660  1.00 14.16 ? 335  PRO B C   1 
ATOM   779  O  O   . PRO B 1 18 ? 3.663   -2.122  20.565  1.00 14.96 ? 335  PRO B O   1 
ATOM   780  C  CB  . PRO B 1 18 ? 3.732   -5.364  21.633  1.00 15.29 ? 335  PRO B CB  1 
ATOM   781  C  CG  . PRO B 1 18 ? 3.887   -6.804  21.085  1.00 15.07 ? 335  PRO B CG  1 
ATOM   782  C  CD  . PRO B 1 18 ? 5.048   -6.582  20.157  1.00 16.27 ? 335  PRO B CD  1 
ATOM   783  N  N   . ALA B 1 19 ? 5.668   -3.036  20.990  1.00 13.54 ? 336  ALA B N   1 
ATOM   784  C  CA  . ALA B 1 19 ? 6.289   -1.763  21.320  1.00 12.15 ? 336  ALA B CA  1 
ATOM   785  C  C   . ALA B 1 19 ? 6.340   -0.887  20.070  1.00 12.35 ? 336  ALA B C   1 
ATOM   786  O  O   . ALA B 1 19 ? 6.126   0.310   20.170  1.00 13.26 ? 336  ALA B O   1 
ATOM   787  C  CB  . ALA B 1 19 ? 7.626   -1.987  21.868  1.00 11.37 ? 336  ALA B CB  1 
ATOM   788  N  N   . THR B 1 20 ? 6.552   -1.475  18.898  1.00 10.66 ? 337  THR B N   1 
ATOM   789  C  CA  . THR B 1 20 ? 6.580   -0.689  17.672  1.00 10.92 ? 337  THR B CA  1 
ATOM   790  C  C   . THR B 1 20 ? 5.221   -0.154  17.251  1.00 10.09 ? 337  THR B C   1 
ATOM   791  O  O   . THR B 1 20 ? 5.087   1.035   16.945  1.00 9.36  ? 337  THR B O   1 
ATOM   792  C  CB  . THR B 1 20 ? 7.198   -1.505  16.496  1.00 10.70 ? 337  THR B CB  1 
ATOM   793  O  OG1 . THR B 1 20 ? 8.472   -2.006  16.913  1.00 11.69 ? 337  THR B OG1 1 
ATOM   794  C  CG2 . THR B 1 20 ? 7.375   -0.653  15.253  1.00 10.06 ? 337  THR B CG2 1 
ATOM   795  N  N   . LEU B 1 21 ? 4.223   -1.027  17.213  1.00 9.26  ? 338  LEU B N   1 
ATOM   796  C  CA  . LEU B 1 21 ? 2.846   -0.597  16.880  1.00 9.39  ? 338  LEU B CA  1 
ATOM   797  C  C   . LEU B 1 21 ? 2.318   0.346   17.953  1.00 8.08  ? 338  LEU B C   1 
ATOM   798  O  O   . LEU B 1 21 ? 1.507   1.189   17.684  1.00 7.48  ? 338  LEU B O   1 
ATOM   799  C  CB  . LEU B 1 21 ? 1.893   -1.787  16.743  1.00 9.53  ? 338  LEU B CB  1 
ATOM   800  C  CG  . LEU B 1 21 ? 2.252   -2.861  15.694  1.00 11.80 ? 338  LEU B CG  1 
ATOM   801  C  CD1 . LEU B 1 21 ? 1.482   -4.147  16.046  1.00 14.24 ? 338  LEU B CD1 1 
ATOM   802  C  CD2 . LEU B 1 21 ? 1.991   -2.429  14.282  1.00 8.15  ? 338  LEU B CD2 1 
ATOM   803  N  N   . GLY B 1 22 ? 2.791   0.173   19.179  1.00 8.22  ? 339  GLY B N   1 
ATOM   804  C  CA  . GLY B 1 22 ? 2.467   1.061   20.272  1.00 8.05  ? 339  GLY B CA  1 
ATOM   805  C  C   . GLY B 1 22 ? 2.885   2.509   20.083  1.00 8.21  ? 339  GLY B C   1 
ATOM   806  O  O   . GLY B 1 22 ? 2.262   3.384   20.659  1.00 8.42  ? 339  GLY B O   1 
ATOM   807  N  N   . GLN B 1 23 ? 3.935   2.767   19.302  1.00 8.12  ? 340  GLN B N   1 
ATOM   808  C  CA  . GLN B 1 23 ? 4.376   4.134   18.989  1.00 8.36  ? 340  GLN B CA  1 
ATOM   809  C  C   . GLN B 1 23 ? 3.364   4.888   18.103  1.00 8.60  ? 340  GLN B C   1 
ATOM   810  O  O   . GLN B 1 23 ? 3.440   6.105   18.011  1.00 8.06  ? 340  GLN B O   1 
ATOM   811  C  CB  . GLN B 1 23 ? 5.702   4.139   18.221  1.00 8.23  ? 340  GLN B CB  1 
ATOM   812  C  CG  . GLN B 1 23 ? 6.887   3.424   18.855  1.00 10.18 ? 340  GLN B CG  1 
ATOM   813  C  CD  . GLN B 1 23 ? 8.135   3.354   17.920  1.00 10.18 ? 340  GLN B CD  1 
ATOM   814  O  OE1 . GLN B 1 23 ? 8.753   2.294   17.772  1.00 12.70 ? 340  GLN B OE1 1 
ATOM   815  N  NE2 . GLN B 1 23 ? 8.511   4.488   17.322  1.00 13.15 ? 340  GLN B NE2 1 
ATOM   816  N  N   . VAL B 1 24 ? 2.465   4.166   17.420  1.00 8.06  ? 341  VAL B N   1 
ATOM   817  C  CA  . VAL B 1 24 ? 1.556   4.761   16.443  1.00 8.62  ? 341  VAL B CA  1 
ATOM   818  C  C   . VAL B 1 24 ? 0.244   5.161   17.122  1.00 9.27  ? 341  VAL B C   1 
ATOM   819  O  O   . VAL B 1 24 ? -0.521  4.305   17.540  1.00 9.51  ? 341  VAL B O   1 
ATOM   820  C  CB  . VAL B 1 24 ? 1.298   3.771   15.241  1.00 9.57  ? 341  VAL B CB  1 
ATOM   821  C  CG1 . VAL B 1 24 ? 0.317   4.346   14.268  1.00 9.31  ? 341  VAL B CG1 1 
ATOM   822  C  CG2 . VAL B 1 24 ? 2.662   3.420   14.501  1.00 5.86  ? 341  VAL B CG2 1 
ATOM   823  N  N   . LYS B 1 25 ? 0.001   6.472   17.252  1.00 9.08  ? 342  LYS B N   1 
ATOM   824  C  CA  . LYS B 1 25 ? -1.268  7.008   17.779  1.00 8.39  ? 342  LYS B CA  1 
ATOM   825  C  C   . LYS B 1 25 ? -2.485  6.516   16.961  1.00 7.55  ? 342  LYS B C   1 
ATOM   826  O  O   . LYS B 1 25 ? -2.431  6.430   15.733  1.00 6.10  ? 342  LYS B O   1 
ATOM   827  C  CB  . LYS B 1 25 ? -1.229  8.544   17.752  1.00 8.33  ? 342  LYS B CB  1 
ATOM   828  C  CG  . LYS B 1 25 ? -0.038  9.130   18.537  1.00 10.54 ? 342  LYS B CG  1 
ATOM   829  C  CD  . LYS B 1 25 ? -0.029  10.675  18.632  1.00 9.89  ? 342  LYS B CD  1 
ATOM   830  C  CE  . LYS B 1 25 ? 1.208   11.168  19.414  1.00 10.27 ? 342  LYS B CE  1 
ATOM   831  N  NZ  . LYS B 1 25 ? 1.292   12.669  19.560  1.00 10.75 ? 342  LYS B NZ  1 
ATOM   832  N  N   . ASP B 1 26 ? -3.572  6.196   17.641  1.00 7.34  ? 343  ASP B N   1 
ATOM   833  C  CA  . ASP B 1 26 ? -4.839  5.968   16.976  1.00 7.98  ? 343  ASP B CA  1 
ATOM   834  C  C   . ASP B 1 26 ? -4.714  4.705   16.092  1.00 8.55  ? 343  ASP B C   1 
ATOM   835  O  O   . ASP B 1 26 ? -5.320  4.612   15.025  1.00 7.80  ? 343  ASP B O   1 
ATOM   836  C  CB  . ASP B 1 26 ? -5.219  7.248   16.190  1.00 7.85  ? 343  ASP B CB  1 
ATOM   837  C  CG  . ASP B 1 26 ? -6.659  7.242   15.638  1.00 7.68  ? 343  ASP B CG  1 
ATOM   838  O  OD1 . ASP B 1 26 ? -7.462  6.360   16.003  1.00 8.00  ? 343  ASP B OD1 1 
ATOM   839  O  OD2 . ASP B 1 26 ? -6.974  8.149   14.822  1.00 5.11  ? 343  ASP B OD2 1 
ATOM   840  N  N   . LEU B 1 27 ? -3.896  3.743   16.540  1.00 8.77  ? 344  LEU B N   1 
ATOM   841  C  CA  . LEU B 1 27 ? -3.836  2.440   15.910  1.00 9.43  ? 344  LEU B CA  1 
ATOM   842  C  C   . LEU B 1 27 ? -4.140  1.341   16.927  1.00 9.83  ? 344  LEU B C   1 
ATOM   843  O  O   . LEU B 1 27 ? -3.339  1.051   17.772  1.00 10.81 ? 344  LEU B O   1 
ATOM   844  C  CB  . LEU B 1 27 ? -2.459  2.175   15.254  1.00 8.99  ? 344  LEU B CB  1 
ATOM   845  C  CG  . LEU B 1 27 ? -2.415  0.974   14.278  1.00 8.89  ? 344  LEU B CG  1 
ATOM   846  C  CD1 . LEU B 1 27 ? -3.277  1.197   13.035  1.00 4.08  ? 344  LEU B CD1 1 
ATOM   847  C  CD2 . LEU B 1 27 ? -0.993  0.584   13.887  1.00 9.40  ? 344  LEU B CD2 1 
ATOM   848  N  N   . GLU B 1 28 ? -5.267  0.684   16.785  1.00 10.13 ? 345  GLU B N   1 
ATOM   849  C  CA  . GLU B 1 28 ? -5.640  -0.403  17.678  1.00 10.81 ? 345  GLU B CA  1 
ATOM   850  C  C   . GLU B 1 28 ? -5.394  -1.739  16.995  1.00 10.25 ? 345  GLU B C   1 
ATOM   851  O  O   . GLU B 1 28 ? -5.975  -1.976  15.978  1.00 10.13 ? 345  GLU B O   1 
ATOM   852  C  CB  . GLU B 1 28 ? -7.127  -0.254  17.921  1.00 10.94 ? 345  GLU B CB  1 
ATOM   853  C  CG  . GLU B 1 28 ? -7.612  -0.682  19.234  1.00 13.87 ? 345  GLU B CG  1 
ATOM   854  C  CD  . GLU B 1 28 ? -8.940  -0.026  19.556  1.00 13.99 ? 345  GLU B CD  1 
ATOM   855  O  OE1 . GLU B 1 28 ? -9.053  1.226   19.432  1.00 16.06 ? 345  GLU B OE1 1 
ATOM   856  O  OE2 . GLU B 1 28 ? -9.865  -0.775  19.916  1.00 17.57 ? 345  GLU B OE2 1 
ATOM   857  N  N   . ILE B 1 29 ? -4.573  -2.616  17.579  1.00 10.61 ? 346  ILE B N   1 
ATOM   858  C  CA  . ILE B 1 29 ? -4.379  -3.998  17.131  1.00 10.38 ? 346  ILE B CA  1 
ATOM   859  C  C   . ILE B 1 29 ? -5.494  -4.872  17.656  1.00 9.84  ? 346  ILE B C   1 
ATOM   860  O  O   . ILE B 1 29 ? -5.585  -5.092  18.839  1.00 9.88  ? 346  ILE B O   1 
ATOM   861  C  CB  . ILE B 1 29 ? -3.016  -4.583  17.574  1.00 10.38 ? 346  ILE B CB  1 
ATOM   862  C  CG1 . ILE B 1 29 ? -1.900  -3.612  17.206  1.00 12.19 ? 346  ILE B CG1 1 
ATOM   863  C  CG2 . ILE B 1 29 ? -2.755  -5.979  16.927  1.00 8.84  ? 346  ILE B CG2 1 
ATOM   864  C  CD1 . ILE B 1 29 ? -1.950  -3.084  15.764  1.00 12.22 ? 346  ILE B CD1 1 
ATOM   865  N  N   . THR B 1 30 ? -6.369  -5.332  16.759  1.00 9.68  ? 347  THR B N   1 
ATOM   866  C  CA  . THR B 1 30 ? -7.442  -6.221  17.126  1.00 9.45  ? 347  THR B CA  1 
ATOM   867  C  C   . THR B 1 30 ? -7.012  -7.703  17.095  1.00 9.92  ? 347  THR B C   1 
ATOM   868  O  O   . THR B 1 30 ? -7.541  -8.543  17.843  1.00 9.15  ? 347  THR B O   1 
ATOM   869  C  CB  . THR B 1 30 ? -8.656  -5.987  16.226  1.00 9.67  ? 347  THR B CB  1 
ATOM   870  O  OG1 . THR B 1 30 ? -8.302  -6.216  14.866  1.00 10.16 ? 347  THR B OG1 1 
ATOM   871  C  CG2 . THR B 1 30 ? -9.160  -4.547  16.379  1.00 8.47  ? 347  THR B CG2 1 
ATOM   872  N  N   . SER B 1 31 ? -6.066  -8.058  16.232  1.00 10.37 ? 348  SER B N   1 
ATOM   873  C  CA  . SER B 1 31 ? -5.526  -9.412  16.308  1.00 10.82 ? 348  SER B CA  1 
ATOM   874  C  C   . SER B 1 31 ? -4.202  -9.521  15.639  1.00 10.52 ? 348  SER B C   1 
ATOM   875  O  O   . SER B 1 31 ? -3.866  -8.719  14.816  1.00 10.25 ? 348  SER B O   1 
ATOM   876  C  CB  . SER B 1 31 ? -6.475  -10.445 15.674  1.00 10.89 ? 348  SER B CB  1 
ATOM   877  O  OG  . SER B 1 31 ? -6.315  -10.470 14.272  1.00 11.98 ? 348  SER B OG  1 
ATOM   878  N  N   . PHE B 1 32 ? -3.439  -10.526 16.010  1.00 11.25 ? 349  PHE B N   1 
ATOM   879  C  CA  . PHE B 1 32 ? -2.315  -10.881 15.196  1.00 12.06 ? 349  PHE B CA  1 
ATOM   880  C  C   . PHE B 1 32 ? -1.917  -12.326 15.329  1.00 12.68 ? 349  PHE B C   1 
ATOM   881  O  O   . PHE B 1 32 ? -1.997  -12.905 16.412  1.00 12.38 ? 349  PHE B O   1 
ATOM   882  C  CB  . PHE B 1 32 ? -1.150  -9.940  15.428  1.00 12.98 ? 349  PHE B CB  1 
ATOM   883  C  CG  . PHE B 1 32 ? -0.307  -10.281 16.576  1.00 11.37 ? 349  PHE B CG  1 
ATOM   884  C  CD1 . PHE B 1 32 ? -0.286  -9.483  17.670  1.00 14.65 ? 349  PHE B CD1 1 
ATOM   885  C  CD2 . PHE B 1 32 ? 0.540   -11.352 16.501  1.00 14.57 ? 349  PHE B CD2 1 
ATOM   886  C  CE1 . PHE B 1 32 ? 0.521   -9.789  18.765  1.00 16.70 ? 349  PHE B CE1 1 
ATOM   887  C  CE2 . PHE B 1 32 ? 1.344   -11.685 17.525  1.00 16.50 ? 349  PHE B CE2 1 
ATOM   888  C  CZ  . PHE B 1 32 ? 1.334   -10.923 18.707  1.00 16.57 ? 349  PHE B CZ  1 
ATOM   889  N  N   . LYS B 1 33 ? -1.455  -12.881 14.214  1.00 13.52 ? 350  LYS B N   1 
ATOM   890  C  CA  . LYS B 1 33 ? -1.109  -14.277 14.148  1.00 14.63 ? 350  LYS B CA  1 
ATOM   891  C  C   . LYS B 1 33 ? 0.260   -14.499 13.611  1.00 14.73 ? 350  LYS B C   1 
ATOM   892  O  O   . LYS B 1 33 ? 0.527   -14.071 12.533  1.00 16.19 ? 350  LYS B O   1 
ATOM   893  C  CB  . LYS B 1 33 ? -2.066  -15.013 13.211  1.00 15.66 ? 350  LYS B CB  1 
ATOM   894  C  CG  . LYS B 1 33 ? -1.796  -16.522 13.183  1.00 15.20 ? 350  LYS B CG  1 
ATOM   895  C  CD  . LYS B 1 33 ? -2.998  -17.325 12.866  1.00 14.96 ? 350  LYS B CD  1 
ATOM   896  C  CE  . LYS B 1 33 ? -2.802  -18.795 13.222  1.00 16.05 ? 350  LYS B CE  1 
ATOM   897  N  NZ  . LYS B 1 33 ? -4.169  -19.478 13.382  1.00 14.43 ? 350  LYS B NZ  1 
ATOM   898  N  N   . TYR B 1 34 ? 1.082   -15.227 14.351  1.00 14.99 ? 351  TYR B N   1 
ATOM   899  C  CA  . TYR B 1 34 ? 2.322   -15.837 13.875  1.00 15.80 ? 351  TYR B CA  1 
ATOM   900  C  C   . TYR B 1 34 ? 2.099   -17.248 13.372  1.00 16.48 ? 351  TYR B C   1 
ATOM   901  O  O   . TYR B 1 34 ? 1.450   -18.055 14.050  1.00 15.58 ? 351  TYR B O   1 
ATOM   902  C  CB  . TYR B 1 34 ? 3.330   -15.912 15.021  1.00 15.60 ? 351  TYR B CB  1 
ATOM   903  C  CG  . TYR B 1 34 ? 4.571   -16.718 14.748  1.00 14.86 ? 351  TYR B CG  1 
ATOM   904  C  CD1 . TYR B 1 34 ? 5.631   -16.214 13.960  1.00 16.72 ? 351  TYR B CD1 1 
ATOM   905  C  CD2 . TYR B 1 34 ? 4.724   -17.962 15.320  1.00 13.43 ? 351  TYR B CD2 1 
ATOM   906  C  CE1 . TYR B 1 34 ? 6.816   -16.990 13.752  1.00 13.27 ? 351  TYR B CE1 1 
ATOM   907  C  CE2 . TYR B 1 34 ? 5.839   -18.720 15.101  1.00 13.38 ? 351  TYR B CE2 1 
ATOM   908  C  CZ  . TYR B 1 34 ? 6.894   -18.248 14.341  1.00 12.20 ? 351  TYR B CZ  1 
ATOM   909  O  OH  . TYR B 1 34 ? 7.977   -19.099 14.186  1.00 12.29 ? 351  TYR B OH  1 
ATOM   910  N  N   . ASP B 1 35 ? 2.668   -17.523 12.184  1.00 16.96 ? 352  ASP B N   1 
ATOM   911  C  CA  . ASP B 1 35 ? 2.630   -18.835 11.538  1.00 17.11 ? 352  ASP B CA  1 
ATOM   912  C  C   . ASP B 1 35 ? 4.089   -19.247 11.329  1.00 17.59 ? 352  ASP B C   1 
ATOM   913  O  O   . ASP B 1 35 ? 4.813   -18.693 10.487  1.00 17.45 ? 352  ASP B O   1 
ATOM   914  C  CB  . ASP B 1 35 ? 1.854   -18.715 10.209  1.00 17.54 ? 352  ASP B CB  1 
ATOM   915  C  CG  . ASP B 1 35 ? 1.926   -19.951 9.347   1.00 17.93 ? 352  ASP B CG  1 
ATOM   916  O  OD1 . ASP B 1 35 ? 2.465   -21.002 9.736   1.00 21.22 ? 352  ASP B OD1 1 
ATOM   917  O  OD2 . ASP B 1 35 ? 1.400   -19.867 8.233   1.00 24.30 ? 352  ASP B OD2 1 
ATOM   918  N  N   . GLY B 1 36 ? 4.540   -20.199 12.128  1.00 17.95 ? 353  GLY B N   1 
ATOM   919  C  CA  . GLY B 1 36 ? 5.953   -20.542 12.147  1.00 18.05 ? 353  GLY B CA  1 
ATOM   920  C  C   . GLY B 1 36 ? 6.389   -21.256 10.902  1.00 17.84 ? 353  GLY B C   1 
ATOM   921  O  O   . GLY B 1 36 ? 7.546   -21.205 10.526  1.00 18.23 ? 353  GLY B O   1 
ATOM   922  N  N   . GLN B 1 37 ? 5.440   -21.903 10.237  1.00 17.74 ? 354  GLN B N   1 
ATOM   923  C  CA  . GLN B 1 37 ? 5.746   -22.734 9.095   1.00 17.10 ? 354  GLN B CA  1 
ATOM   924  C  C   . GLN B 1 37 ? 6.014   -21.811 7.914   1.00 17.03 ? 354  GLN B C   1 
ATOM   925  O  O   . GLN B 1 37 ? 6.961   -22.030 7.147   1.00 16.18 ? 354  GLN B O   1 
ATOM   926  C  CB  . GLN B 1 37 ? 4.600   -23.709 8.840   1.00 17.73 ? 354  GLN B CB  1 
ATOM   927  C  CG  . GLN B 1 37 ? 3.882   -24.120 10.157  1.00 20.46 ? 354  GLN B CG  1 
ATOM   928  C  CD  . GLN B 1 37 ? 3.684   -25.595 10.325  1.00 22.15 ? 354  GLN B CD  1 
ATOM   929  O  OE1 . GLN B 1 37 ? 4.475   -26.414 9.843   1.00 22.79 ? 354  GLN B OE1 1 
ATOM   930  N  NE2 . GLN B 1 37 ? 2.639   -25.953 11.055  1.00 25.31 ? 354  GLN B NE2 1 
ATOM   931  N  N   . ARG B 1 38 ? 5.188   -20.765 7.795   1.00 16.36 ? 355  ARG B N   1 
ATOM   932  C  CA  . ARG B 1 38 ? 5.392   -19.714 6.801   1.00 15.95 ? 355  ARG B CA  1 
ATOM   933  C  C   . ARG B 1 38 ? 6.386   -18.669 7.292   1.00 15.56 ? 355  ARG B C   1 
ATOM   934  O  O   . ARG B 1 38 ? 6.925   -17.936 6.516   1.00 15.94 ? 355  ARG B O   1 
ATOM   935  C  CB  . ARG B 1 38 ? 4.070   -19.032 6.440   1.00 15.53 ? 355  ARG B CB  1 
ATOM   936  C  CG  . ARG B 1 38 ? 3.098   -19.892 5.630   1.00 15.08 ? 355  ARG B CG  1 
ATOM   937  C  CD  . ARG B 1 38 ? 1.869   -19.096 5.160   1.00 16.10 ? 355  ARG B CD  1 
ATOM   938  N  NE  . ARG B 1 38 ? 1.333   -19.564 3.872   1.00 18.03 ? 355  ARG B NE  1 
ATOM   939  C  CZ  . ARG B 1 38 ? 1.780   -19.199 2.659   1.00 18.26 ? 355  ARG B CZ  1 
ATOM   940  N  NH1 . ARG B 1 38 ? 2.789   -18.336 2.511   1.00 19.05 ? 355  ARG B NH1 1 
ATOM   941  N  NH2 . ARG B 1 38 ? 1.209   -19.693 1.571   1.00 17.01 ? 355  ARG B NH2 1 
ATOM   942  N  N   . GLY B 1 39 ? 6.647   -18.596 8.584   1.00 16.00 ? 356  GLY B N   1 
ATOM   943  C  CA  . GLY B 1 39 ? 7.431   -17.463 9.137   1.00 15.95 ? 356  GLY B CA  1 
ATOM   944  C  C   . GLY B 1 39 ? 6.875   -16.077 8.858   1.00 15.20 ? 356  GLY B C   1 
ATOM   945  O  O   . GLY B 1 39 ? 7.608   -15.143 8.609   1.00 15.41 ? 356  GLY B O   1 
ATOM   946  N  N   . GLU B 1 40 ? 5.562   -15.957 8.941   1.00 15.37 ? 357  GLU B N   1 
ATOM   947  C  CA  . GLU B 1 40 ? 4.861   -14.719 8.733   1.00 14.85 ? 357  GLU B CA  1 
ATOM   948  C  C   . GLU B 1 40 ? 4.128   -14.357 9.991   1.00 13.82 ? 357  GLU B C   1 
ATOM   949  O  O   . GLU B 1 40 ? 3.782   -15.210 10.771  1.00 15.79 ? 357  GLU B O   1 
ATOM   950  C  CB  . GLU B 1 40 ? 3.784   -14.854 7.685   1.00 14.69 ? 357  GLU B CB  1 
ATOM   951  C  CG  . GLU B 1 40 ? 4.207   -15.312 6.369   1.00 15.76 ? 357  GLU B CG  1 
ATOM   952  C  CD  . GLU B 1 40 ? 3.026   -15.428 5.422   1.00 15.59 ? 357  GLU B CD  1 
ATOM   953  O  OE1 . GLU B 1 40 ? 1.866   -15.341 5.905   1.00 18.70 ? 357  GLU B OE1 1 
ATOM   954  O  OE2 . GLU B 1 40 ? 3.258   -15.614 4.224   1.00 12.51 ? 357  GLU B OE2 1 
ATOM   955  N  N   . VAL B 1 41 ? 3.876   -13.071 10.125  1.00 12.64 ? 358  VAL B N   1 
ATOM   956  C  CA  . VAL B 1 41 ? 2.953   -12.522 11.049  1.00 11.75 ? 358  VAL B CA  1 
ATOM   957  C  C   . VAL B 1 41 ? 1.879   -11.731 10.269  1.00 11.71 ? 358  VAL B C   1 
ATOM   958  O  O   . VAL B 1 41 ? 2.171   -10.894 9.422   1.00 10.60 ? 358  VAL B O   1 
ATOM   959  C  CB  . VAL B 1 41 ? 3.717   -11.629 12.048  1.00 12.21 ? 358  VAL B CB  1 
ATOM   960  C  CG1 . VAL B 1 41 ? 2.809   -11.063 13.137  1.00 9.28  ? 358  VAL B CG1 1 
ATOM   961  C  CG2 . VAL B 1 41 ? 4.897   -12.457 12.693  1.00 11.61 ? 358  VAL B CG2 1 
ATOM   962  N  N   . ARG B 1 42 ? 0.615   -11.998 10.571  1.00 11.78 ? 359  ARG B N   1 
ATOM   963  C  CA  A ARG B 1 42 ? -0.461  -11.182 10.054  0.60 11.83 ? 359  ARG B CA  1 
ATOM   964  C  CA  B ARG B 1 42 ? -0.502  -11.203 10.052  0.40 11.81 ? 359  ARG B CA  1 
ATOM   965  C  C   . ARG B 1 42 ? -1.173  -10.420 11.181  1.00 11.59 ? 359  ARG B C   1 
ATOM   966  O  O   . ARG B 1 42 ? -1.585  -10.988 12.180  1.00 11.44 ? 359  ARG B O   1 
ATOM   967  C  CB  A ARG B 1 42 ? -1.403  -12.069 9.268   0.60 12.13 ? 359  ARG B CB  1 
ATOM   968  C  CB  B ARG B 1 42 ? -1.539  -12.094 9.365   0.40 12.08 ? 359  ARG B CB  1 
ATOM   969  C  CG  A ARG B 1 42 ? -0.638  -12.999 8.299   0.60 12.47 ? 359  ARG B CG  1 
ATOM   970  C  CG  B ARG B 1 42 ? -2.645  -11.322 8.644   0.40 11.95 ? 359  ARG B CG  1 
ATOM   971  C  CD  A ARG B 1 42 ? -1.595  -13.927 7.539   0.60 12.61 ? 359  ARG B CD  1 
ATOM   972  C  CD  B ARG B 1 42 ? -3.551  -12.221 7.761   0.40 12.44 ? 359  ARG B CD  1 
ATOM   973  N  NE  A ARG B 1 42 ? -1.990  -15.078 8.354   0.60 13.35 ? 359  ARG B NE  1 
ATOM   974  N  NE  B ARG B 1 42 ? -4.470  -11.387 6.980   0.40 13.14 ? 359  ARG B NE  1 
ATOM   975  C  CZ  A ARG B 1 42 ? -1.213  -16.125 8.600   0.60 12.51 ? 359  ARG B CZ  1 
ATOM   976  C  CZ  B ARG B 1 42 ? -5.652  -11.768 6.487   0.40 14.13 ? 359  ARG B CZ  1 
ATOM   977  N  NH1 A ARG B 1 42 ? 0.025   -16.190 8.123   0.60 12.86 ? 359  ARG B NH1 1 
ATOM   978  N  NH1 B ARG B 1 42 ? -6.110  -13.009 6.658   0.40 13.84 ? 359  ARG B NH1 1 
ATOM   979  N  NH2 A ARG B 1 42 ? -1.677  -17.108 9.335   0.60 13.00 ? 359  ARG B NH2 1 
ATOM   980  N  NH2 B ARG B 1 42 ? -6.393  -10.884 5.808   0.40 13.57 ? 359  ARG B NH2 1 
ATOM   981  N  N   . ILE B 1 43 ? -1.313  -9.118  10.982  1.00 11.83 ? 360  ILE B N   1 
ATOM   982  C  CA  . ILE B 1 43 ? -1.847  -8.193  11.947  1.00 12.13 ? 360  ILE B CA  1 
ATOM   983  C  C   . ILE B 1 43 ? -3.100  -7.534  11.425  1.00 12.37 ? 360  ILE B C   1 
ATOM   984  O  O   . ILE B 1 43 ? -3.083  -7.033  10.327  1.00 13.51 ? 360  ILE B O   1 
ATOM   985  C  CB  . ILE B 1 43 ? -0.813  -7.074  12.186  1.00 12.03 ? 360  ILE B CB  1 
ATOM   986  C  CG1 . ILE B 1 43 ? 0.486   -7.657  12.786  1.00 11.86 ? 360  ILE B CG1 1 
ATOM   987  C  CG2 . ILE B 1 43 ? -1.364  -6.027  13.122  1.00 12.25 ? 360  ILE B CG2 1 
ATOM   988  C  CD1 . ILE B 1 43 ? 1.705   -6.751  12.625  1.00 11.37 ? 360  ILE B CD1 1 
ATOM   989  N  N   . HIS B 1 44 ? -4.186  -7.536  12.186  1.00 11.68 ? 361  HIS B N   1 
ATOM   990  C  CA  . HIS B 1 44 ? -5.309  -6.702  11.872  1.00 12.48 ? 361  HIS B CA  1 
ATOM   991  C  C   . HIS B 1 44 ? -5.340  -5.556  12.877  1.00 11.66 ? 361  HIS B C   1 
ATOM   992  O  O   . HIS B 1 44 ? -5.020  -5.745  14.028  1.00 11.20 ? 361  HIS B O   1 
ATOM   993  C  CB  . HIS B 1 44 ? -6.644  -7.454  11.905  1.00 13.00 ? 361  HIS B CB  1 
ATOM   994  C  CG  . HIS B 1 44 ? -6.714  -8.615  10.962  1.00 14.42 ? 361  HIS B CG  1 
ATOM   995  N  ND1 . HIS B 1 44 ? -7.755  -9.517  10.977  1.00 17.00 ? 361  HIS B ND1 1 
ATOM   996  C  CD2 . HIS B 1 44 ? -5.872  -9.035  9.990   1.00 16.13 ? 361  HIS B CD2 1 
ATOM   997  C  CE1 . HIS B 1 44 ? -7.549  -10.443 10.053  1.00 19.11 ? 361  HIS B CE1 1 
ATOM   998  N  NE2 . HIS B 1 44 ? -6.415  -10.167 9.435   1.00 15.57 ? 361  HIS B NE2 1 
ATOM   999  N  N   . ALA B 1 45 ? -5.685  -4.354  12.399  1.00 11.72 ? 362  ALA B N   1 
ATOM   1000 C  CA  . ALA B 1 45 ? -5.787  -3.146  13.220  1.00 10.77 ? 362  ALA B CA  1 
ATOM   1001 C  C   . ALA B 1 45 ? -6.895  -2.230  12.688  1.00 10.45 ? 362  ALA B C   1 
ATOM   1002 O  O   . ALA B 1 45 ? -7.422  -2.417  11.580  1.00 9.79  ? 362  ALA B O   1 
ATOM   1003 C  CB  . ALA B 1 45 ? -4.441  -2.412  13.263  1.00 9.90  ? 362  ALA B CB  1 
ATOM   1004 N  N   . ARG B 1 46 ? -7.246  -1.243  13.496  1.00 10.13 ? 363  ARG B N   1 
ATOM   1005 C  CA  . ARG B 1 46 ? -8.230  -0.231  13.143  1.00 10.05 ? 363  ARG B CA  1 
ATOM   1006 C  C   . ARG B 1 46 ? -7.874  1.137   13.727  1.00 9.09  ? 363  ARG B C   1 
ATOM   1007 O  O   . ARG B 1 46 ? -7.208  1.278   14.750  1.00 7.77  ? 363  ARG B O   1 
ATOM   1008 C  CB  . ARG B 1 46 ? -9.606  -0.619  13.655  1.00 10.26 ? 363  ARG B CB  1 
ATOM   1009 C  CG  . ARG B 1 46 ? -9.622  -0.819  15.151  1.00 10.79 ? 363  ARG B CG  1 
ATOM   1010 C  CD  . ARG B 1 46 ? -10.964 -1.240  15.601  1.00 13.55 ? 363  ARG B CD  1 
ATOM   1011 N  NE  . ARG B 1 46 ? -10.984 -1.557  17.019  1.00 16.02 ? 363  ARG B NE  1 
ATOM   1012 C  CZ  . ARG B 1 46 ? -12.091 -1.614  17.754  1.00 18.93 ? 363  ARG B CZ  1 
ATOM   1013 N  NH1 . ARG B 1 46 ? -13.286 -1.314  17.236  1.00 21.65 ? 363  ARG B NH1 1 
ATOM   1014 N  NH2 . ARG B 1 46 ? -12.006 -1.931  19.038  1.00 19.23 ? 363  ARG B NH2 1 
ATOM   1015 N  N   . SER B 1 47 ? -8.392  2.150   13.053  1.00 9.69  ? 364  SER B N   1 
ATOM   1016 C  CA  . SER B 1 47 ? -8.156  3.520   13.411  1.00 9.25  ? 364  SER B CA  1 
ATOM   1017 C  C   . SER B 1 47 ? -9.386  4.326   13.044  1.00 9.42  ? 364  SER B C   1 
ATOM   1018 O  O   . SER B 1 47 ? -10.331 3.804   12.457  1.00 8.25  ? 364  SER B O   1 
ATOM   1019 C  CB  . SER B 1 47 ? -6.963  4.013   12.607  1.00 9.55  ? 364  SER B CB  1 
ATOM   1020 O  OG  . SER B 1 47 ? -6.674  5.339   12.919  1.00 7.44  ? 364  SER B OG  1 
ATOM   1021 N  N   . SER B 1 48 ? -9.337  5.615   13.394  1.00 9.77  ? 365  SER B N   1 
ATOM   1022 C  CA  . SER B 1 48 ? -10.289 6.607   12.942  1.00 10.18 ? 365  SER B CA  1 
ATOM   1023 C  C   . SER B 1 48 ? -9.940  7.193   11.566  1.00 9.61  ? 365  SER B C   1 
ATOM   1024 O  O   . SER B 1 48 ? -10.747 7.908   10.993  1.00 8.86  ? 365  SER B O   1 
ATOM   1025 C  CB  . SER B 1 48 ? -10.363 7.749   13.963  1.00 10.92 ? 365  SER B CB  1 
ATOM   1026 O  OG  . SER B 1 48 ? -9.118  8.441   14.032  1.00 13.22 ? 365  SER B OG  1 
ATOM   1027 N  N   . ASP B 1 49 ? -8.752  6.878   11.056  1.00 9.47  ? 366  ASP B N   1 
ATOM   1028 C  CA  . ASP B 1 49 ? -8.236  7.435   9.815   1.00 9.93  ? 366  ASP B CA  1 
ATOM   1029 C  C   . ASP B 1 49 ? -7.193  6.543   9.145   1.00 9.25  ? 366  ASP B C   1 
ATOM   1030 O  O   . ASP B 1 49 ? -6.726  5.599   9.733   1.00 9.77  ? 366  ASP B O   1 
ATOM   1031 C  CB  . ASP B 1 49 ? -7.609  8.796   10.108  1.00 10.29 ? 366  ASP B CB  1 
ATOM   1032 C  CG  . ASP B 1 49 ? -7.301  9.586   8.850   1.00 12.98 ? 366  ASP B CG  1 
ATOM   1033 O  OD1 . ASP B 1 49 ? -8.102  9.538   7.861   1.00 14.87 ? 366  ASP B OD1 1 
ATOM   1034 O  OD2 . ASP B 1 49 ? -6.241  10.253  8.850   1.00 17.17 ? 366  ASP B OD2 1 
ATOM   1035 N  N   . PHE B 1 50 ? -6.804  6.866   7.919   1.00 9.71  ? 367  PHE B N   1 
ATOM   1036 C  CA  . PHE B 1 50 ? -5.798  6.085   7.168   1.00 9.93  ? 367  PHE B CA  1 
ATOM   1037 C  C   . PHE B 1 50 ? -4.348  6.358   7.613   1.00 11.19 ? 367  PHE B C   1 
ATOM   1038 O  O   . PHE B 1 50 ? -3.467  5.499   7.457   1.00 11.29 ? 367  PHE B O   1 
ATOM   1039 C  CB  . PHE B 1 50 ? -5.937  6.366   5.668   1.00 9.22  ? 367  PHE B CB  1 
ATOM   1040 C  CG  . PHE B 1 50 ? -5.390  7.718   5.231   1.00 9.62  ? 367  PHE B CG  1 
ATOM   1041 C  CD1 . PHE B 1 50 ? -4.047  7.863   4.847   1.00 8.77  ? 367  PHE B CD1 1 
ATOM   1042 C  CD2 . PHE B 1 50 ? -6.206  8.829   5.196   1.00 8.36  ? 367  PHE B CD2 1 
ATOM   1043 C  CE1 . PHE B 1 50 ? -3.559  9.075   4.468   1.00 5.65  ? 367  PHE B CE1 1 
ATOM   1044 C  CE2 . PHE B 1 50 ? -5.708  10.066  4.802   1.00 6.89  ? 367  PHE B CE2 1 
ATOM   1045 C  CZ  . PHE B 1 50 ? -4.398  10.189  4.464   1.00 6.69  ? 367  PHE B CZ  1 
ATOM   1046 N  N   . GLN B 1 51 ? -4.121  7.534   8.196   1.00 11.45 ? 368  GLN B N   1 
ATOM   1047 C  CA  . GLN B 1 51 ? -2.789  8.045   8.408   1.00 12.90 ? 368  GLN B CA  1 
ATOM   1048 C  C   . GLN B 1 51 ? -1.933  7.200   9.362   1.00 13.38 ? 368  GLN B C   1 
ATOM   1049 O  O   . GLN B 1 51 ? -0.745  7.044   9.096   1.00 14.16 ? 368  GLN B O   1 
ATOM   1050 C  CB  . GLN B 1 51 ? -2.890  9.474   8.901   1.00 13.92 ? 368  GLN B CB  1 
ATOM   1051 C  CG  . GLN B 1 51 ? -1.781  10.355  8.530   1.00 18.79 ? 368  GLN B CG  1 
ATOM   1052 C  CD  . GLN B 1 51 ? -2.267  11.801  8.335   1.00 25.25 ? 368  GLN B CD  1 
ATOM   1053 O  OE1 . GLN B 1 51 ? -3.245  12.060  7.614   1.00 29.66 ? 368  GLN B OE1 1 
ATOM   1054 N  NE2 . GLN B 1 51 ? -1.584  12.745  8.984   1.00 27.86 ? 368  GLN B NE2 1 
ATOM   1055 N  N   . PRO B 1 52 ? -2.512  6.689   10.489  1.00 12.53 ? 369  PRO B N   1 
ATOM   1056 C  CA  . PRO B 1 52 ? -1.880  5.671   11.316  1.00 12.24 ? 369  PRO B CA  1 
ATOM   1057 C  C   . PRO B 1 52 ? -1.451  4.375   10.629  1.00 12.31 ? 369  PRO B C   1 
ATOM   1058 O  O   . PRO B 1 52 ? -0.441  3.803   11.027  1.00 11.99 ? 369  PRO B O   1 
ATOM   1059 C  CB  . PRO B 1 52 ? -2.943  5.408   12.388  1.00 12.04 ? 369  PRO B CB  1 
ATOM   1060 C  CG  . PRO B 1 52 ? -3.576  6.763   12.559  1.00 11.32 ? 369  PRO B CG  1 
ATOM   1061 C  CD  . PRO B 1 52 ? -3.775  7.122   11.115  1.00 12.40 ? 369  PRO B CD  1 
ATOM   1062 N  N   . PHE B 1 53 ? -2.187  3.929   9.613   1.00 12.34 ? 370  PHE B N   1 
ATOM   1063 C  CA  . PHE B 1 53 ? -1.718  2.839   8.755   1.00 12.58 ? 370  PHE B CA  1 
ATOM   1064 C  C   . PHE B 1 53 ? -0.438  3.164   7.953   1.00 12.87 ? 370  PHE B C   1 
ATOM   1065 O  O   . PHE B 1 53 ? 0.446   2.303   7.782   1.00 14.00 ? 370  PHE B O   1 
ATOM   1066 C  CB  . PHE B 1 53 ? -2.845  2.379   7.820   1.00 13.04 ? 370  PHE B CB  1 
ATOM   1067 C  CG  . PHE B 1 53 ? -3.949  1.649   8.545   1.00 14.85 ? 370  PHE B CG  1 
ATOM   1068 C  CD1 . PHE B 1 53 ? -3.854  0.288   8.786   1.00 15.67 ? 370  PHE B CD1 1 
ATOM   1069 C  CD2 . PHE B 1 53 ? -5.064  2.335   9.052   1.00 15.04 ? 370  PHE B CD2 1 
ATOM   1070 C  CE1 . PHE B 1 53 ? -4.869  -0.383  9.490   1.00 14.74 ? 370  PHE B CE1 1 
ATOM   1071 C  CE2 . PHE B 1 53 ? -6.067  1.656   9.775   1.00 15.08 ? 370  PHE B CE2 1 
ATOM   1072 C  CZ  . PHE B 1 53 ? -5.971  0.314   9.985   1.00 12.79 ? 370  PHE B CZ  1 
ATOM   1073 N  N   . GLU B 1 54 ? -0.344  4.378   7.442   1.00 12.00 ? 371  GLU B N   1 
ATOM   1074 C  CA  . GLU B 1 54 ? 0.841   4.818   6.745   1.00 12.36 ? 371  GLU B CA  1 
ATOM   1075 C  C   . GLU B 1 54 ? 2.060   4.834   7.673   1.00 12.72 ? 371  GLU B C   1 
ATOM   1076 O  O   . GLU B 1 54 ? 3.174   4.472   7.269   1.00 12.51 ? 371  GLU B O   1 
ATOM   1077 C  CB  . GLU B 1 54 ? 0.638   6.249   6.217   1.00 12.39 ? 371  GLU B CB  1 
ATOM   1078 C  CG  . GLU B 1 54 ? -0.338  6.352   5.120   1.00 11.76 ? 371  GLU B CG  1 
ATOM   1079 C  CD  . GLU B 1 54 ? 0.234   5.847   3.823   1.00 12.66 ? 371  GLU B CD  1 
ATOM   1080 O  OE1 . GLU B 1 54 ? 1.316   6.345   3.376   1.00 14.16 ? 371  GLU B OE1 1 
ATOM   1081 O  OE2 . GLU B 1 54 ? -0.420  4.977   3.231   1.00 10.75 ? 371  GLU B OE2 1 
ATOM   1082 N  N   . GLN B 1 55 ? 1.844   5.348   8.884   1.00 12.79 ? 372  GLN B N   1 
ATOM   1083 C  CA  . GLN B 1 55 ? 2.895   5.465   9.891   1.00 13.19 ? 372  GLN B CA  1 
ATOM   1084 C  C   . GLN B 1 55 ? 3.362   4.100   10.325  1.00 11.90 ? 372  GLN B C   1 
ATOM   1085 O  O   . GLN B 1 55 ? 4.553   3.885   10.456  1.00 11.42 ? 372  GLN B O   1 
ATOM   1086 C  CB  . GLN B 1 55 ? 2.368   6.224   11.093  1.00 13.12 ? 372  GLN B CB  1 
ATOM   1087 C  CG  . GLN B 1 55 ? 1.951   7.645   10.729  1.00 15.82 ? 372  GLN B CG  1 
ATOM   1088 C  CD  . GLN B 1 55 ? 1.604   8.461   11.944  1.00 17.91 ? 372  GLN B CD  1 
ATOM   1089 O  OE1 . GLN B 1 55 ? 1.375   7.901   13.043  1.00 23.92 ? 372  GLN B OE1 1 
ATOM   1090 N  NE2 . GLN B 1 55 ? 1.565   9.796   11.779  1.00 22.95 ? 372  GLN B NE2 1 
ATOM   1091 N  N   . ALA B 1 56 ? 2.421   3.185   10.518  1.00 11.12 ? 373  ALA B N   1 
ATOM   1092 C  CA  . ALA B 1 56 ? 2.717   1.806   10.893  1.00 11.97 ? 373  ALA B CA  1 
ATOM   1093 C  C   . ALA B 1 56 ? 3.456   1.065   9.785   1.00 12.98 ? 373  ALA B C   1 
ATOM   1094 O  O   . ALA B 1 56 ? 4.444   0.435   10.068  1.00 14.02 ? 373  ALA B O   1 
ATOM   1095 C  CB  . ALA B 1 56 ? 1.438   1.042   11.276  1.00 11.30 ? 373  ALA B CB  1 
ATOM   1096 N  N   . ARG B 1 57 ? 2.991   1.131   8.529   1.00 14.11 ? 374  ARG B N   1 
ATOM   1097 C  CA  . ARG B 1 57 ? 3.695   0.490   7.439   1.00 14.16 ? 374  ARG B CA  1 
ATOM   1098 C  C   . ARG B 1 57 ? 5.136   0.941   7.393   1.00 14.55 ? 374  ARG B C   1 
ATOM   1099 O  O   . ARG B 1 57 ? 6.014   0.115   7.278   1.00 15.72 ? 374  ARG B O   1 
ATOM   1100 C  CB  . ARG B 1 57 ? 3.074   0.765   6.082   1.00 13.51 ? 374  ARG B CB  1 
ATOM   1101 C  CG  . ARG B 1 57 ? 3.604   -0.198  4.974   1.00 14.08 ? 374  ARG B CG  1 
ATOM   1102 C  CD  . ARG B 1 57 ? 3.506   0.401   3.552   1.00 16.47 ? 374  ARG B CD  1 
ATOM   1103 N  NE  . ARG B 1 57 ? 2.279   1.144   3.555   1.00 20.12 ? 374  ARG B NE  1 
ATOM   1104 C  CZ  . ARG B 1 57 ? 2.120   2.438   3.342   1.00 17.35 ? 374  ARG B CZ  1 
ATOM   1105 N  NH1 . ARG B 1 57 ? 3.080   3.233   2.916   1.00 16.38 ? 374  ARG B NH1 1 
ATOM   1106 N  NH2 . ARG B 1 57 ? 0.903   2.908   3.506   1.00 18.04 ? 374  ARG B NH2 1 
ATOM   1107 N  N   . VAL B 1 58 ? 5.368   2.249   7.447   1.00 14.41 ? 375  VAL B N   1 
ATOM   1108 C  CA  . VAL B 1 58 ? 6.709   2.792   7.316   1.00 14.11 ? 375  VAL B CA  1 
ATOM   1109 C  C   . VAL B 1 58 ? 7.606   2.294   8.453   1.00 13.88 ? 375  VAL B C   1 
ATOM   1110 O  O   . VAL B 1 58 ? 8.743   1.948   8.235   1.00 14.64 ? 375  VAL B O   1 
ATOM   1111 C  CB  . VAL B 1 58 ? 6.695   4.344   7.318   1.00 14.62 ? 375  VAL B CB  1 
ATOM   1112 C  CG1 . VAL B 1 58 ? 8.094   4.887   7.607   1.00 13.56 ? 375  VAL B CG1 1 
ATOM   1113 C  CG2 . VAL B 1 58 ? 6.119   4.877   5.982   1.00 14.86 ? 375  VAL B CG2 1 
ATOM   1114 N  N   . LYS B 1 59 ? 7.089   2.254   9.665   1.00 13.60 ? 376  LYS B N   1 
ATOM   1115 C  CA  . LYS B 1 59 ? 7.862   1.742   10.783  1.00 13.79 ? 376  LYS B CA  1 
ATOM   1116 C  C   . LYS B 1 59 ? 8.160   0.244   10.668  1.00 13.42 ? 376  LYS B C   1 
ATOM   1117 O  O   . LYS B 1 59 ? 9.265   -0.198  10.961  1.00 12.75 ? 376  LYS B O   1 
ATOM   1118 C  CB  . LYS B 1 59 ? 7.136   2.020   12.092  1.00 13.87 ? 376  LYS B CB  1 
ATOM   1119 C  CG  . LYS B 1 59 ? 6.991   3.478   12.466  1.00 13.52 ? 376  LYS B CG  1 
ATOM   1120 C  CD  . LYS B 1 59 ? 6.577   3.581   13.953  1.00 14.99 ? 376  LYS B CD  1 
ATOM   1121 C  CE  . LYS B 1 59 ? 6.199   4.992   14.399  1.00 15.13 ? 376  LYS B CE  1 
ATOM   1122 N  NZ  . LYS B 1 59 ? 7.408   5.771   14.781  1.00 15.37 ? 376  LYS B NZ  1 
ATOM   1123 N  N   . LEU B 1 60 ? 7.156   -0.541  10.301  1.00 13.36 ? 377  LEU B N   1 
ATOM   1124 C  CA  . LEU B 1 60 ? 7.327   -1.964  10.140  1.00 14.39 ? 377  LEU B CA  1 
ATOM   1125 C  C   . LEU B 1 60 ? 8.348   -2.300  9.050   1.00 14.43 ? 377  LEU B C   1 
ATOM   1126 O  O   . LEU B 1 60 ? 9.114   -3.227  9.202   1.00 15.68 ? 377  LEU B O   1 
ATOM   1127 C  CB  . LEU B 1 60 ? 5.983   -2.646  9.816   1.00 14.67 ? 377  LEU B CB  1 
ATOM   1128 C  CG  . LEU B 1 60 ? 4.960   -2.575  10.960  1.00 15.86 ? 377  LEU B CG  1 
ATOM   1129 C  CD1 . LEU B 1 60 ? 3.599   -3.108  10.439  1.00 19.19 ? 377  LEU B CD1 1 
ATOM   1130 C  CD2 . LEU B 1 60 ? 5.430   -3.289  12.203  1.00 11.51 ? 377  LEU B CD2 1 
ATOM   1131 N  N   . ALA B 1 61 ? 8.363   -1.504  7.992   1.00 14.88 ? 378  ALA B N   1 
ATOM   1132 C  CA  . ALA B 1 61 ? 9.207   -1.681  6.794   1.00 15.01 ? 378  ALA B CA  1 
ATOM   1133 C  C   . ALA B 1 61 ? 10.713  -1.552  7.090   1.00 15.33 ? 378  ALA B C   1 
ATOM   1134 O  O   . ALA B 1 61 ? 11.528  -2.054  6.333   1.00 14.94 ? 378  ALA B O   1 
ATOM   1135 C  CB  . ALA B 1 61 ? 8.783   -0.640  5.722   1.00 13.96 ? 378  ALA B CB  1 
ATOM   1136 N  N   . GLU B 1 62 ? 11.074  -0.883  8.188   1.00 15.47 ? 379  GLU B N   1 
ATOM   1137 C  CA  . GLU B 1 62 ? 12.474  -0.720  8.579   1.00 16.08 ? 379  GLU B CA  1 
ATOM   1138 C  C   . GLU B 1 62 ? 13.145  -2.047  8.890   1.00 16.19 ? 379  GLU B C   1 
ATOM   1139 O  O   . GLU B 1 62 ? 14.308  -2.229  8.603   1.00 16.41 ? 379  GLU B O   1 
ATOM   1140 C  CB  . GLU B 1 62 ? 12.578  0.196   9.804   1.00 16.29 ? 379  GLU B CB  1 
ATOM   1141 C  CG  . GLU B 1 62 ? 12.047  1.607   9.549   1.00 17.50 ? 379  GLU B CG  1 
ATOM   1142 C  CD  . GLU B 1 62 ? 12.152  2.534   10.738  1.00 18.16 ? 379  GLU B CD  1 
ATOM   1143 O  OE1 . GLU B 1 62 ? 12.678  2.133   11.810  1.00 20.96 ? 379  GLU B OE1 1 
ATOM   1144 O  OE2 . GLU B 1 62 ? 11.712  3.695   10.573  1.00 20.70 ? 379  GLU B OE2 1 
ATOM   1145 N  N   . LYS B 1 63 ? 12.405  -2.979  9.475   1.00 16.43 ? 380  LYS B N   1 
ATOM   1146 C  CA  . LYS B 1 63 ? 12.975  -4.258  9.878   1.00 16.27 ? 380  LYS B CA  1 
ATOM   1147 C  C   . LYS B 1 63 ? 12.234  -5.489  9.325   1.00 16.29 ? 380  LYS B C   1 
ATOM   1148 O  O   . LYS B 1 63 ? 12.677  -6.601  9.572   1.00 15.36 ? 380  LYS B O   1 
ATOM   1149 C  CB  . LYS B 1 63 ? 12.985  -4.318  11.411  1.00 16.43 ? 380  LYS B CB  1 
ATOM   1150 C  CG  . LYS B 1 63 ? 13.886  -3.269  12.095  1.00 16.26 ? 380  LYS B CG  1 
ATOM   1151 C  CD  . LYS B 1 63 ? 15.349  -3.679  12.155  1.00 15.13 ? 380  LYS B CD  1 
ATOM   1152 C  CE  . LYS B 1 63 ? 16.241  -2.467  12.377  1.00 15.37 ? 380  LYS B CE  1 
ATOM   1153 N  NZ  . LYS B 1 63 ? 17.495  -2.742  13.164  1.00 16.42 ? 380  LYS B NZ  1 
ATOM   1154 N  N   . PHE B 1 64 ? 11.103  -5.281  8.623   1.00 16.38 ? 381  PHE B N   1 
ATOM   1155 C  CA  . PHE B 1 64 ? 10.322  -6.367  8.009   1.00 16.87 ? 381  PHE B CA  1 
ATOM   1156 C  C   . PHE B 1 64 ? 9.986   -6.127  6.540   1.00 17.52 ? 381  PHE B C   1 
ATOM   1157 O  O   . PHE B 1 64 ? 9.859   -4.982  6.104   1.00 18.79 ? 381  PHE B O   1 
ATOM   1158 C  CB  . PHE B 1 64 ? 8.980   -6.578  8.745   1.00 17.18 ? 381  PHE B CB  1 
ATOM   1159 C  CG  . PHE B 1 64 ? 9.131   -6.970  10.188  1.00 17.05 ? 381  PHE B CG  1 
ATOM   1160 C  CD1 . PHE B 1 64 ? 9.524   -8.231  10.535  1.00 17.65 ? 381  PHE B CD1 1 
ATOM   1161 C  CD2 . PHE B 1 64 ? 8.904   -6.053  11.191  1.00 17.95 ? 381  PHE B CD2 1 
ATOM   1162 C  CE1 . PHE B 1 64 ? 9.677   -8.586  11.892  1.00 19.06 ? 381  PHE B CE1 1 
ATOM   1163 C  CE2 . PHE B 1 64 ? 9.066   -6.388  12.515  1.00 18.13 ? 381  PHE B CE2 1 
ATOM   1164 C  CZ  . PHE B 1 64 ? 9.442   -7.656  12.865  1.00 18.45 ? 381  PHE B CZ  1 
ATOM   1165 N  N   . ASN B 1 65 ? 9.803   -7.217  5.799   1.00 17.35 ? 382  ASN B N   1 
ATOM   1166 C  CA  . ASN B 1 65 ? 9.062   -7.205  4.547   1.00 17.45 ? 382  ASN B CA  1 
ATOM   1167 C  C   . ASN B 1 65 ? 7.555   -7.031  4.906   1.00 17.42 ? 382  ASN B C   1 
ATOM   1168 O  O   . ASN B 1 65 ? 6.938   -7.911  5.501   1.00 16.96 ? 382  ASN B O   1 
ATOM   1169 C  CB  . ASN B 1 65 ? 9.359   -8.510  3.779   1.00 17.66 ? 382  ASN B CB  1 
ATOM   1170 C  CG  . ASN B 1 65 ? 8.834   -8.515  2.342   1.00 18.98 ? 382  ASN B CG  1 
ATOM   1171 O  OD1 . ASN B 1 65 ? 7.933   -7.771  1.978   1.00 24.93 ? 382  ASN B OD1 1 
ATOM   1172 N  ND2 . ASN B 1 65 ? 9.398   -9.398  1.524   1.00 22.87 ? 382  ASN B ND2 1 
ATOM   1173 N  N   . VAL B 1 66 ? 6.986   -5.876  4.567   1.00 17.63 ? 383  VAL B N   1 
ATOM   1174 C  CA  . VAL B 1 66 ? 5.582   -5.531  4.886   1.00 17.57 ? 383  VAL B CA  1 
ATOM   1175 C  C   . VAL B 1 66 ? 4.725   -5.485  3.617   1.00 17.15 ? 383  VAL B C   1 
ATOM   1176 O  O   . VAL B 1 66 ? 5.135   -4.905  2.623   1.00 16.64 ? 383  VAL B O   1 
ATOM   1177 C  CB  . VAL B 1 66 ? 5.475   -4.119  5.572   1.00 18.20 ? 383  VAL B CB  1 
ATOM   1178 C  CG1 . VAL B 1 66 ? 4.140   -3.943  6.233   1.00 17.22 ? 383  VAL B CG1 1 
ATOM   1179 C  CG2 . VAL B 1 66 ? 6.524   -3.948  6.621   1.00 20.50 ? 383  VAL B CG2 1 
ATOM   1180 N  N   . GLU B 1 67 ? 3.546   -6.097  3.663   1.00 16.34 ? 384  GLU B N   1 
ATOM   1181 C  CA  . GLU B 1 67 ? 2.502   -5.851  2.677   1.00 15.88 ? 384  GLU B CA  1 
ATOM   1182 C  C   . GLU B 1 67 ? 1.289   -5.324  3.421   1.00 14.78 ? 384  GLU B C   1 
ATOM   1183 O  O   . GLU B 1 67 ? 0.831   -5.925  4.378   1.00 13.84 ? 384  GLU B O   1 
ATOM   1184 C  CB  . GLU B 1 67 ? 2.135   -7.125  1.937   1.00 15.40 ? 384  GLU B CB  1 
ATOM   1185 C  CG  . GLU B 1 67 ? 3.337   -7.818  1.342   1.00 17.78 ? 384  GLU B CG  1 
ATOM   1186 C  CD  . GLU B 1 67 ? 2.979   -9.116  0.690   1.00 19.15 ? 384  GLU B CD  1 
ATOM   1187 O  OE1 . GLU B 1 67 ? 2.311   -9.060  -0.375  1.00 23.85 ? 384  GLU B OE1 1 
ATOM   1188 O  OE2 . GLU B 1 67 ? 3.359   -10.192 1.248   1.00 23.75 ? 384  GLU B OE2 1 
ATOM   1189 N  N   . GLN B 1 68 ? 0.799   -4.173  3.017   1.00 14.32 ? 385  GLN B N   1 
ATOM   1190 C  CA  . GLN B 1 68 ? -0.424  -3.652  3.584   1.00 14.10 ? 385  GLN B CA  1 
ATOM   1191 C  C   . GLN B 1 68 ? -1.599  -4.279  2.863   1.00 13.17 ? 385  GLN B C   1 
ATOM   1192 O  O   . GLN B 1 68 ? -1.522  -4.482  1.679   1.00 11.73 ? 385  GLN B O   1 
ATOM   1193 C  CB  . GLN B 1 68 ? -0.461  -2.131  3.423   1.00 14.32 ? 385  GLN B CB  1 
ATOM   1194 C  CG  . GLN B 1 68 ? -1.508  -1.457  4.310   1.00 14.19 ? 385  GLN B CG  1 
ATOM   1195 C  CD  . GLN B 1 68 ? -1.275  -0.018  4.383   1.00 14.18 ? 385  GLN B CD  1 
ATOM   1196 O  OE1 . GLN B 1 68 ? -0.138  0.428   4.604   1.00 18.08 ? 385  GLN B OE1 1 
ATOM   1197 N  NE2 . GLN B 1 68 ? -2.322  0.754   4.159   1.00 14.15 ? 385  GLN B NE2 1 
ATOM   1198 N  N   . GLY B 1 69 ? -2.653  -4.640  3.582   1.00 13.69 ? 386  GLY B N   1 
ATOM   1199 C  CA  . GLY B 1 69 ? -3.861  -5.189  2.946   1.00 14.37 ? 386  GLY B CA  1 
ATOM   1200 C  C   . GLY B 1 69 ? -4.762  -4.026  2.539   1.00 14.88 ? 386  GLY B C   1 
ATOM   1201 O  O   . GLY B 1 69 ? -4.391  -2.876  2.731   1.00 14.87 ? 386  GLY B O   1 
ATOM   1202 N  N   . GLN B 1 70 ? -5.941  -4.320  1.984   1.00 14.75 ? 387  GLN B N   1 
ATOM   1203 C  CA  . GLN B 1 70 ? -6.963  -3.293  1.777   1.00 15.27 ? 387  GLN B CA  1 
ATOM   1204 C  C   . GLN B 1 70 ? -7.315  -2.529  3.059   1.00 15.76 ? 387  GLN B C   1 
ATOM   1205 O  O   . GLN B 1 70 ? -7.348  -3.123  4.138   1.00 15.33 ? 387  GLN B O   1 
ATOM   1206 C  CB  . GLN B 1 70 ? -8.264  -3.912  1.291   1.00 15.15 ? 387  GLN B CB  1 
ATOM   1207 C  CG  . GLN B 1 70 ? -8.359  -4.115  -0.174  1.00 15.53 ? 387  GLN B CG  1 
ATOM   1208 C  CD  . GLN B 1 70 ? -9.622  -4.856  -0.555  1.00 16.04 ? 387  GLN B CD  1 
ATOM   1209 O  OE1 . GLN B 1 70 ? -10.688 -4.736  0.094   1.00 16.44 ? 387  GLN B OE1 1 
ATOM   1210 N  NE2 . GLN B 1 70 ? -9.520  -5.629  -1.615  1.00 16.93 ? 387  GLN B NE2 1 
ATOM   1211 N  N   . LEU B 1 71 ? -7.618  -1.229  2.917   1.00 15.88 ? 388  LEU B N   1 
ATOM   1212 C  CA  . LEU B 1 71 ? -8.182  -0.433  4.010   1.00 16.31 ? 388  LEU B CA  1 
ATOM   1213 C  C   . LEU B 1 71 ? -9.620  -0.111  3.648   1.00 16.52 ? 388  LEU B C   1 
ATOM   1214 O  O   . LEU B 1 71 ? -9.875  0.418   2.572   1.00 17.53 ? 388  LEU B O   1 
ATOM   1215 C  CB  . LEU B 1 71 ? -7.431  0.881   4.231   1.00 16.30 ? 388  LEU B CB  1 
ATOM   1216 C  CG  . LEU B 1 71 ? -6.023  0.895   4.795   1.00 16.84 ? 388  LEU B CG  1 
ATOM   1217 C  CD1 . LEU B 1 71 ? -5.623  2.327   5.266   1.00 14.91 ? 388  LEU B CD1 1 
ATOM   1218 C  CD2 . LEU B 1 71 ? -5.875  -0.104  5.898   1.00 17.10 ? 388  LEU B CD2 1 
ATOM   1219 N  N   . ASN B 1 72 ? -10.550 -0.437  4.527   1.00 16.67 ? 389  ASN B N   1 
ATOM   1220 C  CA  . ASN B 1 72 ? -11.978 -0.184  4.290   1.00 17.15 ? 389  ASN B CA  1 
ATOM   1221 C  C   . ASN B 1 72 ? -12.559 0.628   5.439   1.00 17.05 ? 389  ASN B C   1 
ATOM   1222 O  O   . ASN B 1 72 ? -12.203 0.431   6.585   1.00 17.78 ? 389  ASN B O   1 
ATOM   1223 C  CB  . ASN B 1 72 ? -12.731 -1.517  4.139   1.00 17.53 ? 389  ASN B CB  1 
ATOM   1224 C  CG  . ASN B 1 72 ? -12.212 -2.347  2.966   1.00 18.36 ? 389  ASN B CG  1 
ATOM   1225 O  OD1 . ASN B 1 72 ? -11.534 -3.357  3.149   1.00 22.56 ? 389  ASN B OD1 1 
ATOM   1226 N  ND2 . ASN B 1 72 ? -12.518 -1.910  1.758   1.00 19.68 ? 389  ASN B ND2 1 
ATOM   1227 N  N   . ARG B 1 73 ? -13.431 1.564   5.136   1.00 17.75 ? 390  ARG B N   1 
ATOM   1228 C  CA  . ARG B 1 73 ? -14.088 2.329   6.178   1.00 17.80 ? 390  ARG B CA  1 
ATOM   1229 C  C   . ARG B 1 73 ? -15.464 1.736   6.391   1.00 17.92 ? 390  ARG B C   1 
ATOM   1230 O  O   . ARG B 1 73 ? -16.209 1.483   5.433   1.00 17.36 ? 390  ARG B O   1 
ATOM   1231 C  CB  . ARG B 1 73 ? -14.188 3.818   5.833   1.00 18.02 ? 390  ARG B CB  1 
ATOM   1232 C  CG  . ARG B 1 73 ? -14.540 4.649   7.059   1.00 18.51 ? 390  ARG B CG  1 
ATOM   1233 C  CD  . ARG B 1 73 ? -14.707 6.119   6.765   1.00 19.82 ? 390  ARG B CD  1 
ATOM   1234 N  NE  . ARG B 1 73 ? -13.454 6.875   6.918   1.00 21.19 ? 390  ARG B NE  1 
ATOM   1235 C  CZ  . ARG B 1 73 ? -12.871 7.607   5.968   1.00 21.12 ? 390  ARG B CZ  1 
ATOM   1236 N  NH1 . ARG B 1 73 ? -13.398 7.710   4.741   1.00 19.58 ? 390  ARG B NH1 1 
ATOM   1237 N  NH2 . ARG B 1 73 ? -11.737 8.243   6.259   1.00 21.60 ? 390  ARG B NH2 1 
ATOM   1238 N  N   . SER B 1 74 ? -15.764 1.518   7.676   1.00 18.48 ? 391  SER B N   1 
ATOM   1239 C  CA  . SER B 1 74 ? -17.039 1.021   8.155   1.00 18.53 ? 391  SER B CA  1 
ATOM   1240 C  C   . SER B 1 74 ? -18.082 2.137   8.253   1.00 17.78 ? 391  SER B C   1 
ATOM   1241 O  O   . SER B 1 74 ? -19.228 1.947   7.841   1.00 17.51 ? 391  SER B O   1 
ATOM   1242 C  CB  . SER B 1 74 ? -16.839 0.401   9.537   1.00 18.83 ? 391  SER B CB  1 
ATOM   1243 O  OG  . SER B 1 74 ? -16.819 1.436   10.516  1.00 20.83 ? 391  SER B OG  1 
ATOM   1244 N  N   . ASN B 1 76 ? -17.577 4.660   12.315  0.50 4.02  ? 393  ASN B N   1 
ATOM   1245 C  CA  . ASN B 1 76 ? -16.674 5.422   11.441  0.50 5.01  ? 393  ASN B CA  1 
ATOM   1246 C  C   . ASN B 1 76 ? -15.206 4.982   11.618  0.50 4.99  ? 393  ASN B C   1 
ATOM   1247 O  O   . ASN B 1 76 ? -14.323 5.788   11.917  0.50 4.41  ? 393  ASN B O   1 
ATOM   1248 C  CB  . ASN B 1 76 ? -16.836 6.925   11.733  0.50 4.94  ? 393  ASN B CB  1 
ATOM   1249 C  CG  . ASN B 1 76 ? -16.893 7.779   10.477  0.50 5.25  ? 393  ASN B CG  1 
ATOM   1250 O  OD1 . ASN B 1 76 ? -16.651 7.311   9.363   0.50 5.93  ? 393  ASN B OD1 1 
ATOM   1251 N  ND2 . ASN B 1 76 ? -17.232 9.048   10.657  0.50 5.71  ? 393  ASN B ND2 1 
ATOM   1252 N  N   . VAL B 1 77 ? -14.967 3.686   11.419  1.00 5.82  ? 394  VAL B N   1 
ATOM   1253 C  CA  . VAL B 1 77 ? -13.684 3.055   11.692  1.00 6.15  ? 394  VAL B CA  1 
ATOM   1254 C  C   . VAL B 1 77 ? -13.056 2.641   10.371  1.00 7.10  ? 394  VAL B C   1 
ATOM   1255 O  O   . VAL B 1 77 ? -13.761 2.158   9.469   1.00 8.49  ? 394  VAL B O   1 
ATOM   1256 C  CB  . VAL B 1 77 ? -13.863 1.799   12.586  1.00 6.35  ? 394  VAL B CB  1 
ATOM   1257 C  CG1 . VAL B 1 77 ? -12.563 1.359   13.217  1.00 6.15  ? 394  VAL B CG1 1 
ATOM   1258 C  CG2 . VAL B 1 77 ? -14.842 2.081   13.687  1.00 7.37  ? 394  VAL B CG2 1 
ATOM   1259 N  N   . VAL B 1 78 ? -11.734 2.802   10.278  1.00 6.56  ? 395  VAL B N   1 
ATOM   1260 C  CA  . VAL B 1 78 ? -10.947 2.317   9.157   1.00 5.62  ? 395  VAL B CA  1 
ATOM   1261 C  C   . VAL B 1 78 ? -10.278 0.991   9.586   1.00 6.05  ? 395  VAL B C   1 
ATOM   1262 O  O   . VAL B 1 78 ? -9.675  0.901   10.669  1.00 5.96  ? 395  VAL B O   1 
ATOM   1263 C  CB  . VAL B 1 78 ? -9.869  3.357   8.734   1.00 5.94  ? 395  VAL B CB  1 
ATOM   1264 C  CG1 . VAL B 1 78 ? -9.101  2.869   7.497   1.00 5.74  ? 395  VAL B CG1 1 
ATOM   1265 C  CG2 . VAL B 1 78 ? -10.517 4.775   8.507   1.00 3.11  ? 395  VAL B CG2 1 
HETATM 1266 N  N   . MSE B 1 79 ? -10.410 -0.036  8.757   1.00 4.80  ? 396  MSE B N   1 
HETATM 1267 C  CA  . MSE B 1 79 ? -9.938  -1.354  9.113   1.00 4.54  ? 396  MSE B CA  1 
HETATM 1268 C  C   . MSE B 1 79 ? -8.991  -1.850  8.061   1.00 2.94  ? 396  MSE B C   1 
HETATM 1269 O  O   . MSE B 1 79 ? -9.256  -1.719  6.893   1.00 2.00  ? 396  MSE B O   1 
HETATM 1270 C  CB  . MSE B 1 79 ? -11.115 -2.293  9.218   1.00 4.34  ? 396  MSE B CB  1 
HETATM 1271 C  CG  . MSE B 1 79 ? -12.088 -1.861  10.254  1.00 5.10  ? 396  MSE B CG  1 
HETATM 1272 SE SE  . MSE B 1 79 ? -13.527 -3.097  10.348  1.00 7.69  ? 396  MSE B SE  1 
HETATM 1273 C  CE  . MSE B 1 79 ? -12.567 -4.683  10.995  1.00 6.32  ? 396  MSE B CE  1 
ATOM   1274 N  N   . GLY B 1 80 ? -7.859  -2.393  8.485   1.00 3.13  ? 397  GLY B N   1 
ATOM   1275 C  CA  . GLY B 1 80 ? -6.911  -2.987  7.549   1.00 2.78  ? 397  GLY B CA  1 
ATOM   1276 C  C   . GLY B 1 80 ? -6.010  -3.989  8.192   1.00 3.06  ? 397  GLY B C   1 
ATOM   1277 O  O   . GLY B 1 80 ? -6.199  -4.364  9.319   1.00 2.00  ? 397  GLY B O   1 
ATOM   1278 N  N   . SER B 1 81 ? -4.973  -4.373  7.457   1.00 4.13  ? 398  SER B N   1 
ATOM   1279 C  CA  . SER B 1 81 ? -4.115  -5.443  7.857   1.00 4.09  ? 398  SER B CA  1 
ATOM   1280 C  C   . SER B 1 81 ? -2.734  -5.298  7.269   1.00 4.67  ? 398  SER B C   1 
ATOM   1281 O  O   . SER B 1 81 ? -2.501  -4.487  6.384   1.00 3.40  ? 398  SER B O   1 
ATOM   1282 C  CB  . SER B 1 81 ? -4.707  -6.768  7.425   1.00 4.03  ? 398  SER B CB  1 
ATOM   1283 O  OG  . SER B 1 81 ? -4.823  -6.800  6.034   1.00 5.57  ? 398  SER B OG  1 
ATOM   1284 N  N   . PHE B 1 82 ? -1.824  -6.109  7.816   1.00 4.67  ? 399  PHE B N   1 
ATOM   1285 C  CA  . PHE B 1 82 ? -0.448  -6.149  7.404   1.00 3.56  ? 399  PHE B CA  1 
ATOM   1286 C  C   . PHE B 1 82 ? -0.010  -7.581  7.457   1.00 3.05  ? 399  PHE B C   1 
ATOM   1287 O  O   . PHE B 1 82 ? -0.424  -8.323  8.330   1.00 2.02  ? 399  PHE B O   1 
ATOM   1288 C  CB  . PHE B 1 82 ? 0.412   -5.408  8.414   1.00 4.46  ? 399  PHE B CB  1 
ATOM   1289 C  CG  . PHE B 1 82 ? 0.195   -3.959  8.428   1.00 3.73  ? 399  PHE B CG  1 
ATOM   1290 C  CD1 . PHE B 1 82 ? 0.635   -3.192  7.390   1.00 3.12  ? 399  PHE B CD1 1 
ATOM   1291 C  CD2 . PHE B 1 82 ? -0.429  -3.351  9.508   1.00 4.58  ? 399  PHE B CD2 1 
ATOM   1292 C  CE1 . PHE B 1 82 ? 0.418   -1.842  7.397   1.00 2.00  ? 399  PHE B CE1 1 
ATOM   1293 C  CE2 . PHE B 1 82 ? -0.623  -1.978  9.523   1.00 2.64  ? 399  PHE B CE2 1 
ATOM   1294 C  CZ  . PHE B 1 82 ? -0.218  -1.243  8.464   1.00 2.46  ? 399  PHE B CZ  1 
ATOM   1295 N  N   . VAL B 1 83 ? 0.835   -7.953  6.517   1.00 2.89  ? 400  VAL B N   1 
ATOM   1296 C  CA  . VAL B 1 83 ? 1.526   -9.236  6.514   1.00 2.31  ? 400  VAL B CA  1 
ATOM   1297 C  C   . VAL B 1 83 ? 3.016   -8.931  6.595   1.00 2.00  ? 400  VAL B C   1 
ATOM   1298 O  O   . VAL B 1 83 ? 3.523   -8.175  5.818   1.00 2.00  ? 400  VAL B O   1 
ATOM   1299 C  CB  . VAL B 1 83 ? 1.210   -10.042 5.254   1.00 2.00  ? 400  VAL B CB  1 
ATOM   1300 C  CG1 . VAL B 1 83 ? 2.011   -11.317 5.259   1.00 2.00  ? 400  VAL B CG1 1 
ATOM   1301 C  CG2 . VAL B 1 83 ? -0.315  -10.346 5.214   1.00 2.58  ? 400  VAL B CG2 1 
ATOM   1302 N  N   . LEU B 1 84 ? 3.677   -9.501  7.591   1.00 2.03  ? 401  LEU B N   1 
ATOM   1303 C  CA  . LEU B 1 84 ? 5.105   -9.354  7.782   1.00 2.00  ? 401  LEU B CA  1 
ATOM   1304 C  C   . LEU B 1 84 ? 5.795   -10.662 7.473   1.00 2.00  ? 401  LEU B C   1 
ATOM   1305 O  O   . LEU B 1 84 ? 5.335   -11.722 7.882   1.00 2.00  ? 401  LEU B O   1 
ATOM   1306 C  CB  . LEU B 1 84 ? 5.412   -9.002  9.245   1.00 2.14  ? 401  LEU B CB  1 
ATOM   1307 C  CG  . LEU B 1 84 ? 4.639   -7.881  9.907   1.00 3.27  ? 401  LEU B CG  1 
ATOM   1308 C  CD1 . LEU B 1 84 ? 5.157   -7.662  11.368  1.00 2.00  ? 401  LEU B CD1 1 
ATOM   1309 C  CD2 . LEU B 1 84 ? 4.742   -6.648  9.084   1.00 2.00  ? 401  LEU B CD2 1 
ATOM   1310 N  N   . LYS B 1 85 ? 6.895   -10.555 6.755   1.00 2.00  ? 402  LYS B N   1 
ATOM   1311 C  CA  . LYS B 1 85 ? 7.867   -11.612 6.540   1.00 2.00  ? 402  LYS B CA  1 
ATOM   1312 C  C   . LYS B 1 85 ? 9.257   -11.064 6.885   1.00 2.00  ? 402  LYS B C   1 
ATOM   1313 O  O   . LYS B 1 85 ? 9.445   -9.848  7.029   1.00 2.00  ? 402  LYS B O   1 
ATOM   1314 C  CB  . LYS B 1 85 ? 7.831   -12.061 5.084   1.00 2.00  ? 402  LYS B CB  1 
ATOM   1315 C  CG  . LYS B 1 85 ? 6.436   -12.522 4.618   1.00 2.00  ? 402  LYS B CG  1 
ATOM   1316 C  CD  . LYS B 1 85 ? 6.314   -12.543 3.079   1.00 2.22  ? 402  LYS B CD  1 
ATOM   1317 C  CE  . LYS B 1 85 ? 4.850   -12.676 2.655   1.00 3.33  ? 402  LYS B CE  1 
ATOM   1318 N  NZ  . LYS B 1 85 ? 4.674   -12.907 1.192   1.00 2.86  ? 402  LYS B NZ  1 
ATOM   1319 N  N   . ARG B 1 86 ? 10.231  -11.952 7.002   1.00 2.00  ? 403  ARG B N   1 
ATOM   1320 C  CA  . ARG B 1 86 ? 11.599  -11.543 7.378   1.00 2.46  ? 403  ARG B CA  1 
ATOM   1321 C  C   . ARG B 1 86 ? 12.265  -10.580 6.343   1.00 2.46  ? 403  ARG B C   1 
ATOM   1322 O  O   . ARG B 1 86 ? 12.105  -10.795 5.164   1.00 2.00  ? 403  ARG B O   1 
ATOM   1323 C  CB  . ARG B 1 86 ? 12.490  -12.782 7.562   1.00 2.44  ? 403  ARG B CB  1 
ATOM   1324 C  CG  . ARG B 1 86 ? 12.079  -13.675 8.729   1.00 3.46  ? 403  ARG B CG  1 
ATOM   1325 C  CD  . ARG B 1 86 ? 13.289  -14.259 9.470   1.00 2.99  ? 403  ARG B CD  1 
ATOM   1326 N  NE  . ARG B 1 86 ? 13.850  -15.397 8.764   1.00 4.66  ? 403  ARG B NE  1 
ATOM   1327 C  CZ  . ARG B 1 86 ? 15.122  -15.799 8.830   1.00 4.95  ? 403  ARG B CZ  1 
ATOM   1328 N  NH1 . ARG B 1 86 ? 16.023  -15.146 9.567   1.00 5.71  ? 403  ARG B NH1 1 
ATOM   1329 N  NH2 . ARG B 1 86 ? 15.493  -16.870 8.139   1.00 4.47  ? 403  ARG B NH2 1 
ATOM   1330 N  N   . GLN B 1 87 ? 12.922  -9.517  6.851   1.00 3.09  ? 404  GLN B N   1 
ATOM   1331 C  CA  . GLN B 1 87 ? 13.814  -8.535  6.149   1.00 3.30  ? 404  GLN B CA  1 
ATOM   1332 C  C   . GLN B 1 87 ? 13.336  -7.048  6.121   1.00 3.49  ? 404  GLN B C   1 
ATOM   1333 O  O   . GLN B 1 87 ? 14.139  -6.083  5.899   1.00 3.23  ? 404  GLN B O   1 
ATOM   1334 C  CB  . GLN B 1 87 ? 14.199  -8.986  4.738   1.00 3.43  ? 404  GLN B CB  1 
ATOM   1335 C  CG  . GLN B 1 87 ? 15.205  -10.122 4.672   1.00 3.44  ? 404  GLN B CG  1 
ATOM   1336 C  CD  . GLN B 1 87 ? 15.411  -10.557 3.241   1.00 4.54  ? 404  GLN B CD  1 
ATOM   1337 O  OE1 . GLN B 1 87 ? 14.439  -10.884 2.548   1.00 6.06  ? 404  GLN B OE1 1 
ATOM   1338 N  NE2 . GLN B 1 87 ? 16.669  -10.531 2.768   1.00 4.44  ? 404  GLN B NE2 1 
HETATM 1339 C  C1  . EDO C 2 .  ? -12.776 11.040  -11.591 1.00 48.19 ? 1405 EDO A C1  1 
HETATM 1340 O  O1  . EDO C 2 .  ? -13.629 10.144  -12.273 1.00 49.67 ? 1405 EDO A O1  1 
HETATM 1341 C  C2  . EDO C 2 .  ? -11.443 11.003  -12.324 1.00 49.19 ? 1405 EDO A C2  1 
HETATM 1342 O  O2  . EDO C 2 .  ? -10.571 9.972   -11.889 1.00 40.24 ? 1405 EDO A O2  1 
HETATM 1343 P  P   . PO4 D 3 .  ? 12.466  12.224  -12.670 0.50 79.07 ? 1406 PO4 A P   1 
HETATM 1344 O  O1  . PO4 D 3 .  ? 13.435  11.066  -12.580 0.50 78.40 ? 1406 PO4 A O1  1 
HETATM 1345 O  O2  . PO4 D 3 .  ? 11.554  12.048  -13.866 0.50 78.75 ? 1406 PO4 A O2  1 
HETATM 1346 O  O3  . PO4 D 3 .  ? 11.613  12.288  -11.427 0.50 78.35 ? 1406 PO4 A O3  1 
HETATM 1347 O  O4  . PO4 D 3 .  ? 13.255  13.509  -12.801 0.50 78.32 ? 1406 PO4 A O4  1 
HETATM 1348 C  C1  . EDO E 2 .  ? -1.003  2.514   20.413  1.00 46.73 ? 1405 EDO B C1  1 
HETATM 1349 O  O1  . EDO E 2 .  ? -0.806  3.905   20.551  1.00 44.63 ? 1405 EDO B O1  1 
HETATM 1350 C  C2  . EDO E 2 .  ? -0.926  2.160   18.932  1.00 43.48 ? 1405 EDO B C2  1 
HETATM 1351 O  O2  . EDO E 2 .  ? -0.899  0.753   18.800  1.00 42.91 ? 1405 EDO B O2  1 
HETATM 1352 P  P   . PO4 F 3 .  ? -7.943  -17.195 12.139  0.50 61.99 ? 1406 PO4 B P   1 
HETATM 1353 O  O1  . PO4 F 3 .  ? -8.216  -18.139 10.987  0.50 60.94 ? 1406 PO4 B O1  1 
HETATM 1354 O  O2  . PO4 F 3 .  ? -8.727  -15.915 11.948  0.50 60.14 ? 1406 PO4 B O2  1 
HETATM 1355 O  O3  . PO4 F 3 .  ? -8.350  -17.823 13.453  0.50 59.79 ? 1406 PO4 B O3  1 
HETATM 1356 O  O4  . PO4 F 3 .  ? -6.458  -16.885 12.140  0.50 61.15 ? 1406 PO4 B O4  1 
HETATM 1357 O  O   . HOH G 4 .  ? 8.880   3.508   -26.465 1.00 40.58 ? 2001 HOH A O   1 
HETATM 1358 O  O   . HOH G 4 .  ? -9.337  10.246  -16.528 1.00 43.52 ? 2002 HOH A O   1 
HETATM 1359 O  O   . HOH G 4 .  ? -13.520 6.530   -17.350 1.00 42.70 ? 2003 HOH A O   1 
HETATM 1360 O  O   . HOH G 4 .  ? -14.162 10.270  -1.753  1.00 48.68 ? 2004 HOH A O   1 
HETATM 1361 O  O   . HOH G 4 .  ? -11.698 12.926  -10.006 1.00 46.63 ? 2005 HOH A O   1 
HETATM 1362 O  O   . HOH G 4 .  ? -8.062  13.538  -13.201 1.00 36.07 ? 2006 HOH A O   1 
HETATM 1363 O  O   . HOH G 4 .  ? -1.125  15.543  -6.517  1.00 52.51 ? 2007 HOH A O   1 
HETATM 1364 O  O   . HOH G 4 .  ? 2.368   16.812  -9.390  1.00 49.63 ? 2008 HOH A O   1 
HETATM 1365 O  O   . HOH G 4 .  ? 9.252   14.647  -19.898 1.00 58.32 ? 2009 HOH A O   1 
HETATM 1366 O  O   . HOH G 4 .  ? -2.361  18.908  -5.513  1.00 53.27 ? 2010 HOH A O   1 
HETATM 1367 O  O   . HOH G 4 .  ? -6.359  21.482  -3.394  1.00 66.29 ? 2011 HOH A O   1 
HETATM 1368 O  O   . HOH G 4 .  ? -4.331  3.700   1.477   1.00 41.09 ? 2012 HOH A O   1 
HETATM 1369 O  O   . HOH G 4 .  ? -4.725  -4.297  -1.578  1.00 48.78 ? 2013 HOH A O   1 
HETATM 1370 O  O   . HOH G 4 .  ? -1.742  -0.632  0.161   1.00 39.11 ? 2014 HOH A O   1 
HETATM 1371 O  O   . HOH G 4 .  ? -0.775  -6.937  -10.193 1.00 39.30 ? 2015 HOH A O   1 
HETATM 1372 O  O   . HOH G 4 .  ? 5.388   -4.350  -6.596  1.00 64.24 ? 2016 HOH A O   1 
HETATM 1373 O  O   . HOH G 4 .  ? 2.804   -4.996  -6.782  1.00 54.40 ? 2017 HOH A O   1 
HETATM 1374 O  O   . HOH G 4 .  ? 0.447   -5.208  -8.509  1.00 42.77 ? 2018 HOH A O   1 
HETATM 1375 O  O   . HOH G 4 .  ? 2.119   -1.250  -2.820  1.00 41.87 ? 2019 HOH A O   1 
HETATM 1376 O  O   . HOH G 4 .  ? 0.212   4.404   0.607   1.00 25.89 ? 2020 HOH A O   1 
HETATM 1377 O  O   . HOH G 4 .  ? 0.481   14.038  -5.325  1.00 52.22 ? 2021 HOH A O   1 
HETATM 1378 O  O   . HOH G 4 .  ? 3.514   9.337   -2.889  1.00 37.87 ? 2022 HOH A O   1 
HETATM 1379 O  O   . HOH G 4 .  ? -2.249  -8.723  -16.897 1.00 50.02 ? 2023 HOH A O   1 
HETATM 1380 O  O   . HOH G 4 .  ? -9.290  11.201  -14.135 1.00 46.33 ? 2024 HOH A O   1 
HETATM 1381 O  O   . HOH G 4 .  ? 9.378   11.241  -12.180 1.00 55.10 ? 2025 HOH A O   1 
HETATM 1382 O  O   . HOH H 4 .  ? 8.845   -21.400 15.623  1.00 35.69 ? 2001 HOH B O   1 
HETATM 1383 O  O   . HOH H 4 .  ? 7.480   -5.152  21.870  1.00 38.97 ? 2002 HOH B O   1 
HETATM 1384 O  O   . HOH H 4 .  ? 5.383   1.712   22.176  1.00 41.93 ? 2003 HOH B O   1 
HETATM 1385 O  O   . HOH H 4 .  ? 2.165   4.902   22.848  1.00 41.47 ? 2004 HOH B O   1 
HETATM 1386 O  O   . HOH H 4 .  ? -3.978  2.762   19.674  1.00 47.03 ? 2005 HOH B O   1 
HETATM 1387 O  O   . HOH H 4 .  ? -10.051 -4.622  12.885  1.00 46.43 ? 2006 HOH B O   1 
HETATM 1388 O  O   . HOH H 4 .  ? -9.683  -11.930 13.228  1.00 56.05 ? 2007 HOH B O   1 
HETATM 1389 O  O   . HOH H 4 .  ? 10.203  -22.245 8.361   1.00 52.83 ? 2008 HOH B O   1 
HETATM 1390 O  O   . HOH H 4 .  ? -1.102  -22.067 -0.996  1.00 56.51 ? 2009 HOH B O   1 
HETATM 1391 O  O   . HOH H 4 .  ? -12.731 -5.670  13.932  1.00 72.06 ? 2010 HOH B O   1 
HETATM 1392 O  O   . HOH H 4 .  ? -9.212  -4.953  10.753  1.00 48.69 ? 2011 HOH B O   1 
HETATM 1393 O  O   . HOH H 4 .  ? -13.299 -3.420  14.646  1.00 54.83 ? 2012 HOH B O   1 
HETATM 1394 O  O   . HOH H 4 .  ? -10.686 9.992   8.322   1.00 60.51 ? 2013 HOH B O   1 
HETATM 1395 O  O   . HOH H 4 .  ? 6.506   -1.106  2.473   1.00 54.90 ? 2014 HOH B O   1 
HETATM 1396 O  O   . HOH H 4 .  ? -2.760  3.833   3.599   1.00 48.80 ? 2015 HOH B O   1 
HETATM 1397 O  O   . HOH H 4 .  ? 0.441   1.521   0.376   1.00 46.98 ? 2016 HOH B O   1 
HETATM 1398 O  O   . HOH H 4 .  ? 5.357   3.647   1.133   1.00 54.59 ? 2017 HOH B O   1 
HETATM 1399 O  O   . HOH H 4 .  ? 11.273  -3.548  4.076   1.00 41.28 ? 2018 HOH B O   1 
HETATM 1400 O  O   . HOH H 4 .  ? 7.030   -5.693  0.439   1.00 55.61 ? 2019 HOH B O   1 
HETATM 1401 O  O   . HOH H 4 .  ? 8.744   -3.824  3.210   1.00 39.23 ? 2020 HOH B O   1 
HETATM 1402 O  O   . HOH H 4 .  ? 2.356   -2.599  0.575   1.00 41.27 ? 2021 HOH B O   1 
HETATM 1403 O  O   . HOH H 4 .  ? -4.017  -0.487  1.685   1.00 30.24 ? 2022 HOH B O   1 
HETATM 1404 O  O   . HOH H 4 .  ? -17.090 -0.849  4.469   1.00 56.96 ? 2023 HOH B O   1 
HETATM 1405 O  O   . HOH H 4 .  ? -6.971  -5.729  4.995   1.00 38.63 ? 2024 HOH B O   1 
HETATM 1406 O  O   . HOH H 4 .  ? -0.692  -1.153  20.506  1.00 39.65 ? 2025 HOH B O   1 
# 
